data_9GLS
# 
_entry.id   9GLS 
# 
_audit_conform.dict_name       mmcif_pdbx.dic 
_audit_conform.dict_version    5.403 
_audit_conform.dict_location   http://mmcif.pdb.org/dictionaries/ascii/mmcif_pdbx.dic 
# 
loop_
_database_2.database_id 
_database_2.database_code 
_database_2.pdbx_database_accession 
_database_2.pdbx_DOI 
PDB   9GLS         pdb_00009gls 10.2210/pdb9gls/pdb 
WWPDB D_1292141300 ?            ?                   
# 
_pdbx_audit_revision_history.ordinal             1 
_pdbx_audit_revision_history.data_content_type   'Structure model' 
_pdbx_audit_revision_history.major_revision      1 
_pdbx_audit_revision_history.minor_revision      0 
_pdbx_audit_revision_history.revision_date       2025-05-07 
_pdbx_audit_revision_history.part_number         ? 
# 
_pdbx_audit_revision_details.ordinal             1 
_pdbx_audit_revision_details.revision_ordinal    1 
_pdbx_audit_revision_details.data_content_type   'Structure model' 
_pdbx_audit_revision_details.provider            repository 
_pdbx_audit_revision_details.type                'Initial release' 
_pdbx_audit_revision_details.description         ? 
_pdbx_audit_revision_details.details             ? 
# 
_pdbx_database_status.status_code                     REL 
_pdbx_database_status.status_code_sf                  REL 
_pdbx_database_status.status_code_mr                  ? 
_pdbx_database_status.entry_id                        9GLS 
_pdbx_database_status.recvd_initial_deposition_date   2024-08-28 
_pdbx_database_status.SG_entry                        N 
_pdbx_database_status.deposit_site                    PDBE 
_pdbx_database_status.process_site                    PDBE 
_pdbx_database_status.status_code_cs                  ? 
_pdbx_database_status.status_code_nmr_data            ? 
_pdbx_database_status.methods_development_category    ? 
_pdbx_database_status.pdb_format_compatible           N 
# 
_pdbx_database_related.db_name        PDB 
_pdbx_database_related.details        . 
_pdbx_database_related.db_id          3TGD 
_pdbx_database_related.content_type   unspecified 
# 
_pdbx_contact_author.id                 2 
_pdbx_contact_author.email              reuvenw@ekmd.huji.ac.il 
_pdbx_contact_author.name_first         Reuven 
_pdbx_contact_author.name_last          Wiener 
_pdbx_contact_author.name_mi            ? 
_pdbx_contact_author.role               'principal investigator/group leader' 
_pdbx_contact_author.identifier_ORCID   0000-0002-4219-550X 
# 
loop_
_audit_author.name 
_audit_author.pdbx_ordinal 
_audit_author.identifier_ORCID 
'Kumar, M.'    1 0000-0002-7083-5690 
'Banerjee, S.' 2 0009-0002-9409-6797 
'Wiener, R.'   3 0000-0002-4219-550X 
# 
_citation.abstract                  ? 
_citation.abstract_id_CAS           ? 
_citation.book_id_ISBN              ? 
_citation.book_publisher            ? 
_citation.book_publisher_city       ? 
_citation.book_title                ? 
_citation.coordinate_linkage        ? 
_citation.country                   UK 
_citation.database_id_Medline       ? 
_citation.details                   ? 
_citation.id                        primary 
_citation.journal_abbrev            'Nat Commun' 
_citation.journal_id_ASTM           ? 
_citation.journal_id_CSD            ? 
_citation.journal_id_ISSN           2041-1723 
_citation.journal_full              ? 
_citation.journal_issue             ? 
_citation.journal_volume            16 
_citation.language                  ? 
_citation.page_first                3912 
_citation.page_last                 3912 
_citation.title                     
'UFC1 reveals the multifactorial and plastic nature of oxyanion holes in E2 conjugating enzymes.' 
_citation.year                      2025 
_citation.database_id_CSD           ? 
_citation.pdbx_database_id_DOI      10.1038/s41467-025-58826-y 
_citation.pdbx_database_id_PubMed   40280917 
_citation.pdbx_database_id_patent   ? 
_citation.unpublished_flag          ? 
# 
loop_
_citation_author.citation_id 
_citation_author.name 
_citation_author.ordinal 
_citation_author.identifier_ORCID 
primary 'Kumar, M.'       1 ?                   
primary 'Banerjee, S.'    2 ?                   
primary 'Cohen-Kfir, E.'  3 ?                   
primary 'Mitelberg, M.B.' 4 ?                   
primary 'Tiwari, S.'      5 ?                   
primary 'Isupov, M.N.'    6 0000-0001-6842-4289 
primary 'Dessau, M.'      7 0000-0002-1954-3625 
primary 'Wiener, R.'      8 0000-0002-4219-550X 
# 
loop_
_entity.id 
_entity.type 
_entity.src_method 
_entity.pdbx_description 
_entity.formula_weight 
_entity.pdbx_number_of_molecules 
_entity.pdbx_ec 
_entity.pdbx_mutation 
_entity.pdbx_fragment 
_entity.details 
1 polymer man 'Ubiquitin-conjugating enzyme E2 D2' 16838.250 1   2.3.2.23,2.3.2.24 C85E ? 'UBCH5B C85E' 
2 water   nat water                                18.015    120 ?                 ?    ? ?             
# 
_entity_name_com.entity_id   1 
_entity_name_com.name        
;(E3-independent) E2 ubiquitin-conjugating enzyme D2,E2 ubiquitin-conjugating enzyme D2,Ubiquitin carrier protein D2,Ubiquitin-conjugating enzyme E2(17)KB 2,Ubiquitin-conjugating enzyme E2-17 kDa 2,Ubiquitin-protein ligase D2,p53-regulated ubiquitin-conjugating enzyme 1
;
# 
_entity_poly.entity_id                      1 
_entity_poly.type                           'polypeptide(L)' 
_entity_poly.nstd_linkage                   no 
_entity_poly.nstd_monomer                   no 
_entity_poly.pdbx_seq_one_letter_code       
;GMALKRIHKELNDLARDPPAQCSAGPVGDDMFHWQATIMGPNDSPYQGGVFFLTIHFPTDYPFKPPKVAFTTRIYHPNIN
SNGSIELDILRSQWSPALTISKVLLSICSLLCDPNPDDPLVPEIARIYKTDREKYNRIAREWTQKYAM
;
_entity_poly.pdbx_seq_one_letter_code_can   
;GMALKRIHKELNDLARDPPAQCSAGPVGDDMFHWQATIMGPNDSPYQGGVFFLTIHFPTDYPFKPPKVAFTTRIYHPNIN
SNGSIELDILRSQWSPALTISKVLLSICSLLCDPNPDDPLVPEIARIYKTDREKYNRIAREWTQKYAM
;
_entity_poly.pdbx_strand_id                 AAA 
_entity_poly.pdbx_target_identifier         ? 
# 
_pdbx_entity_nonpoly.entity_id   2 
_pdbx_entity_nonpoly.name        water 
_pdbx_entity_nonpoly.comp_id     HOH 
# 
loop_
_entity_poly_seq.entity_id 
_entity_poly_seq.num 
_entity_poly_seq.mon_id 
_entity_poly_seq.hetero 
1 1   GLY n 
1 2   MET n 
1 3   ALA n 
1 4   LEU n 
1 5   LYS n 
1 6   ARG n 
1 7   ILE n 
1 8   HIS n 
1 9   LYS n 
1 10  GLU n 
1 11  LEU n 
1 12  ASN n 
1 13  ASP n 
1 14  LEU n 
1 15  ALA n 
1 16  ARG n 
1 17  ASP n 
1 18  PRO n 
1 19  PRO n 
1 20  ALA n 
1 21  GLN n 
1 22  CYS n 
1 23  SER n 
1 24  ALA n 
1 25  GLY n 
1 26  PRO n 
1 27  VAL n 
1 28  GLY n 
1 29  ASP n 
1 30  ASP n 
1 31  MET n 
1 32  PHE n 
1 33  HIS n 
1 34  TRP n 
1 35  GLN n 
1 36  ALA n 
1 37  THR n 
1 38  ILE n 
1 39  MET n 
1 40  GLY n 
1 41  PRO n 
1 42  ASN n 
1 43  ASP n 
1 44  SER n 
1 45  PRO n 
1 46  TYR n 
1 47  GLN n 
1 48  GLY n 
1 49  GLY n 
1 50  VAL n 
1 51  PHE n 
1 52  PHE n 
1 53  LEU n 
1 54  THR n 
1 55  ILE n 
1 56  HIS n 
1 57  PHE n 
1 58  PRO n 
1 59  THR n 
1 60  ASP n 
1 61  TYR n 
1 62  PRO n 
1 63  PHE n 
1 64  LYS n 
1 65  PRO n 
1 66  PRO n 
1 67  LYS n 
1 68  VAL n 
1 69  ALA n 
1 70  PHE n 
1 71  THR n 
1 72  THR n 
1 73  ARG n 
1 74  ILE n 
1 75  TYR n 
1 76  HIS n 
1 77  PRO n 
1 78  ASN n 
1 79  ILE n 
1 80  ASN n 
1 81  SER n 
1 82  ASN n 
1 83  GLY n 
1 84  SER n 
1 85  ILE n 
1 86  GLU n 
1 87  LEU n 
1 88  ASP n 
1 89  ILE n 
1 90  LEU n 
1 91  ARG n 
1 92  SER n 
1 93  GLN n 
1 94  TRP n 
1 95  SER n 
1 96  PRO n 
1 97  ALA n 
1 98  LEU n 
1 99  THR n 
1 100 ILE n 
1 101 SER n 
1 102 LYS n 
1 103 VAL n 
1 104 LEU n 
1 105 LEU n 
1 106 SER n 
1 107 ILE n 
1 108 CYS n 
1 109 SER n 
1 110 LEU n 
1 111 LEU n 
1 112 CYS n 
1 113 ASP n 
1 114 PRO n 
1 115 ASN n 
1 116 PRO n 
1 117 ASP n 
1 118 ASP n 
1 119 PRO n 
1 120 LEU n 
1 121 VAL n 
1 122 PRO n 
1 123 GLU n 
1 124 ILE n 
1 125 ALA n 
1 126 ARG n 
1 127 ILE n 
1 128 TYR n 
1 129 LYS n 
1 130 THR n 
1 131 ASP n 
1 132 ARG n 
1 133 GLU n 
1 134 LYS n 
1 135 TYR n 
1 136 ASN n 
1 137 ARG n 
1 138 ILE n 
1 139 ALA n 
1 140 ARG n 
1 141 GLU n 
1 142 TRP n 
1 143 THR n 
1 144 GLN n 
1 145 LYS n 
1 146 TYR n 
1 147 ALA n 
1 148 MET n 
# 
_entity_src_gen.entity_id                          1 
_entity_src_gen.pdbx_src_id                        1 
_entity_src_gen.pdbx_alt_source_flag               sample 
_entity_src_gen.pdbx_seq_type                      'Biological sequence' 
_entity_src_gen.pdbx_beg_seq_num                   1 
_entity_src_gen.pdbx_end_seq_num                   148 
_entity_src_gen.gene_src_common_name               human 
_entity_src_gen.gene_src_genus                     ? 
_entity_src_gen.pdbx_gene_src_gene                 'UBE2D2, PUBC1, UBC4, UBC5B, UBCH4, UBCH5B' 
_entity_src_gen.gene_src_species                   ? 
_entity_src_gen.gene_src_strain                    ? 
_entity_src_gen.gene_src_tissue                    ? 
_entity_src_gen.gene_src_tissue_fraction           ? 
_entity_src_gen.gene_src_details                   ? 
_entity_src_gen.pdbx_gene_src_fragment             ? 
_entity_src_gen.pdbx_gene_src_scientific_name      'Homo sapiens' 
_entity_src_gen.pdbx_gene_src_ncbi_taxonomy_id     9606 
_entity_src_gen.pdbx_gene_src_variant              ? 
_entity_src_gen.pdbx_gene_src_cell_line            ? 
_entity_src_gen.pdbx_gene_src_atcc                 ? 
_entity_src_gen.pdbx_gene_src_organ                ? 
_entity_src_gen.pdbx_gene_src_organelle            ? 
_entity_src_gen.pdbx_gene_src_cell                 ? 
_entity_src_gen.pdbx_gene_src_cellular_location    ? 
_entity_src_gen.host_org_common_name               ? 
_entity_src_gen.pdbx_host_org_scientific_name      'Escherichia coli' 
_entity_src_gen.pdbx_host_org_ncbi_taxonomy_id     562 
_entity_src_gen.host_org_genus                     ? 
_entity_src_gen.pdbx_host_org_gene                 ? 
_entity_src_gen.pdbx_host_org_organ                ? 
_entity_src_gen.host_org_species                   ? 
_entity_src_gen.pdbx_host_org_tissue               ? 
_entity_src_gen.pdbx_host_org_tissue_fraction      ? 
_entity_src_gen.pdbx_host_org_strain               ? 
_entity_src_gen.pdbx_host_org_variant              ? 
_entity_src_gen.pdbx_host_org_cell_line            ? 
_entity_src_gen.pdbx_host_org_atcc                 ? 
_entity_src_gen.pdbx_host_org_culture_collection   ? 
_entity_src_gen.pdbx_host_org_cell                 ? 
_entity_src_gen.pdbx_host_org_organelle            ? 
_entity_src_gen.pdbx_host_org_cellular_location    ? 
_entity_src_gen.pdbx_host_org_vector_type          ? 
_entity_src_gen.pdbx_host_org_vector               ? 
_entity_src_gen.host_org_details                   ? 
_entity_src_gen.expression_system_id               ? 
_entity_src_gen.plasmid_name                       ? 
_entity_src_gen.plasmid_details                    ? 
_entity_src_gen.pdbx_description                   ? 
# 
loop_
_chem_comp.id 
_chem_comp.type 
_chem_comp.mon_nstd_flag 
_chem_comp.name 
_chem_comp.pdbx_synonyms 
_chem_comp.formula 
_chem_comp.formula_weight 
ALA 'L-peptide linking' y ALANINE         ? 'C3 H7 N O2'     89.093  
ARG 'L-peptide linking' y ARGININE        ? 'C6 H15 N4 O2 1' 175.209 
ASN 'L-peptide linking' y ASPARAGINE      ? 'C4 H8 N2 O3'    132.118 
ASP 'L-peptide linking' y 'ASPARTIC ACID' ? 'C4 H7 N O4'     133.103 
CYS 'L-peptide linking' y CYSTEINE        ? 'C3 H7 N O2 S'   121.158 
GLN 'L-peptide linking' y GLUTAMINE       ? 'C5 H10 N2 O3'   146.144 
GLU 'L-peptide linking' y 'GLUTAMIC ACID' ? 'C5 H9 N O4'     147.129 
GLY 'peptide linking'   y GLYCINE         ? 'C2 H5 N O2'     75.067  
HIS 'L-peptide linking' y HISTIDINE       ? 'C6 H10 N3 O2 1' 156.162 
HOH non-polymer         . WATER           ? 'H2 O'           18.015  
ILE 'L-peptide linking' y ISOLEUCINE      ? 'C6 H13 N O2'    131.173 
LEU 'L-peptide linking' y LEUCINE         ? 'C6 H13 N O2'    131.173 
LYS 'L-peptide linking' y LYSINE          ? 'C6 H15 N2 O2 1' 147.195 
MET 'L-peptide linking' y METHIONINE      ? 'C5 H11 N O2 S'  149.211 
PHE 'L-peptide linking' y PHENYLALANINE   ? 'C9 H11 N O2'    165.189 
PRO 'L-peptide linking' y PROLINE         ? 'C5 H9 N O2'     115.130 
SER 'L-peptide linking' y SERINE          ? 'C3 H7 N O3'     105.093 
THR 'L-peptide linking' y THREONINE       ? 'C4 H9 N O3'     119.119 
TRP 'L-peptide linking' y TRYPTOPHAN      ? 'C11 H12 N2 O2'  204.225 
TYR 'L-peptide linking' y TYROSINE        ? 'C9 H11 N O3'    181.189 
VAL 'L-peptide linking' y VALINE          ? 'C5 H11 N O2'    117.146 
# 
loop_
_pdbx_poly_seq_scheme.asym_id 
_pdbx_poly_seq_scheme.entity_id 
_pdbx_poly_seq_scheme.seq_id 
_pdbx_poly_seq_scheme.mon_id 
_pdbx_poly_seq_scheme.ndb_seq_num 
_pdbx_poly_seq_scheme.pdb_seq_num 
_pdbx_poly_seq_scheme.auth_seq_num 
_pdbx_poly_seq_scheme.pdb_mon_id 
_pdbx_poly_seq_scheme.auth_mon_id 
_pdbx_poly_seq_scheme.pdb_strand_id 
_pdbx_poly_seq_scheme.pdb_ins_code 
_pdbx_poly_seq_scheme.hetero 
A 1 1   GLY 1   0   0   GLY GLY AAA . n 
A 1 2   MET 2   1   1   MET MET AAA . n 
A 1 3   ALA 3   2   2   ALA ALA AAA . n 
A 1 4   LEU 4   3   3   LEU LEU AAA . n 
A 1 5   LYS 5   4   4   LYS LYS AAA . n 
A 1 6   ARG 6   5   5   ARG ARG AAA . n 
A 1 7   ILE 7   6   6   ILE ILE AAA . n 
A 1 8   HIS 8   7   7   HIS HIS AAA . n 
A 1 9   LYS 9   8   8   LYS LYS AAA . n 
A 1 10  GLU 10  9   9   GLU GLU AAA . n 
A 1 11  LEU 11  10  10  LEU LEU AAA . n 
A 1 12  ASN 12  11  11  ASN ASN AAA . n 
A 1 13  ASP 13  12  12  ASP ASP AAA . n 
A 1 14  LEU 14  13  13  LEU LEU AAA . n 
A 1 15  ALA 15  14  14  ALA ALA AAA . n 
A 1 16  ARG 16  15  15  ARG ARG AAA . n 
A 1 17  ASP 17  16  16  ASP ASP AAA . n 
A 1 18  PRO 18  17  17  PRO PRO AAA . n 
A 1 19  PRO 19  18  18  PRO PRO AAA . n 
A 1 20  ALA 20  19  19  ALA ALA AAA . n 
A 1 21  GLN 21  20  20  GLN GLN AAA . n 
A 1 22  CYS 22  21  21  CYS CYS AAA . n 
A 1 23  SER 23  22  22  SER SER AAA . n 
A 1 24  ALA 24  23  23  ALA ALA AAA . n 
A 1 25  GLY 25  24  24  GLY GLY AAA . n 
A 1 26  PRO 26  25  25  PRO PRO AAA . n 
A 1 27  VAL 27  26  26  VAL VAL AAA . n 
A 1 28  GLY 28  27  27  GLY GLY AAA . n 
A 1 29  ASP 29  28  28  ASP ASP AAA . n 
A 1 30  ASP 30  29  29  ASP ASP AAA . n 
A 1 31  MET 31  30  30  MET MET AAA . n 
A 1 32  PHE 32  31  31  PHE PHE AAA . n 
A 1 33  HIS 33  32  32  HIS HIS AAA . n 
A 1 34  TRP 34  33  33  TRP TRP AAA . n 
A 1 35  GLN 35  34  34  GLN GLN AAA . n 
A 1 36  ALA 36  35  35  ALA ALA AAA . n 
A 1 37  THR 37  36  36  THR THR AAA . n 
A 1 38  ILE 38  37  37  ILE ILE AAA . n 
A 1 39  MET 39  38  38  MET MET AAA . n 
A 1 40  GLY 40  39  39  GLY GLY AAA . n 
A 1 41  PRO 41  40  40  PRO PRO AAA . n 
A 1 42  ASN 42  41  41  ASN ASN AAA . n 
A 1 43  ASP 43  42  42  ASP ASP AAA . n 
A 1 44  SER 44  43  43  SER SER AAA . n 
A 1 45  PRO 45  44  44  PRO PRO AAA . n 
A 1 46  TYR 46  45  45  TYR TYR AAA . n 
A 1 47  GLN 47  46  46  GLN GLN AAA . n 
A 1 48  GLY 48  47  47  GLY GLY AAA . n 
A 1 49  GLY 49  48  48  GLY GLY AAA . n 
A 1 50  VAL 50  49  49  VAL VAL AAA . n 
A 1 51  PHE 51  50  50  PHE PHE AAA . n 
A 1 52  PHE 52  51  51  PHE PHE AAA . n 
A 1 53  LEU 53  52  52  LEU LEU AAA . n 
A 1 54  THR 54  53  53  THR THR AAA . n 
A 1 55  ILE 55  54  54  ILE ILE AAA . n 
A 1 56  HIS 56  55  55  HIS HIS AAA . n 
A 1 57  PHE 57  56  56  PHE PHE AAA . n 
A 1 58  PRO 58  57  57  PRO PRO AAA . n 
A 1 59  THR 59  58  58  THR THR AAA . n 
A 1 60  ASP 60  59  59  ASP ASP AAA . n 
A 1 61  TYR 61  60  60  TYR TYR AAA . n 
A 1 62  PRO 62  61  61  PRO PRO AAA . n 
A 1 63  PHE 63  62  62  PHE PHE AAA . n 
A 1 64  LYS 64  63  63  LYS LYS AAA . n 
A 1 65  PRO 65  64  64  PRO PRO AAA . n 
A 1 66  PRO 66  65  65  PRO PRO AAA . n 
A 1 67  LYS 67  66  66  LYS LYS AAA . n 
A 1 68  VAL 68  67  67  VAL VAL AAA . n 
A 1 69  ALA 69  68  68  ALA ALA AAA . n 
A 1 70  PHE 70  69  69  PHE PHE AAA . n 
A 1 71  THR 71  70  70  THR THR AAA . n 
A 1 72  THR 72  71  71  THR THR AAA . n 
A 1 73  ARG 73  72  72  ARG ARG AAA . n 
A 1 74  ILE 74  73  73  ILE ILE AAA . n 
A 1 75  TYR 75  74  74  TYR TYR AAA . n 
A 1 76  HIS 76  75  75  HIS HIS AAA . n 
A 1 77  PRO 77  76  76  PRO PRO AAA . n 
A 1 78  ASN 78  77  77  ASN ASN AAA . n 
A 1 79  ILE 79  78  78  ILE ILE AAA . n 
A 1 80  ASN 80  79  79  ASN ASN AAA . n 
A 1 81  SER 81  80  80  SER SER AAA . n 
A 1 82  ASN 82  81  81  ASN ASN AAA . n 
A 1 83  GLY 83  82  82  GLY GLY AAA . n 
A 1 84  SER 84  83  83  SER SER AAA . n 
A 1 85  ILE 85  84  84  ILE ILE AAA . n 
A 1 86  GLU 86  85  85  GLU GLU AAA . n 
A 1 87  LEU 87  86  86  LEU LEU AAA . n 
A 1 88  ASP 88  87  87  ASP ASP AAA . n 
A 1 89  ILE 89  88  88  ILE ILE AAA . n 
A 1 90  LEU 90  89  89  LEU LEU AAA . n 
A 1 91  ARG 91  90  90  ARG ARG AAA . n 
A 1 92  SER 92  91  91  SER SER AAA . n 
A 1 93  GLN 93  92  92  GLN GLN AAA . n 
A 1 94  TRP 94  93  93  TRP TRP AAA . n 
A 1 95  SER 95  94  94  SER SER AAA . n 
A 1 96  PRO 96  95  95  PRO PRO AAA . n 
A 1 97  ALA 97  96  96  ALA ALA AAA . n 
A 1 98  LEU 98  97  97  LEU LEU AAA . n 
A 1 99  THR 99  98  98  THR THR AAA . n 
A 1 100 ILE 100 99  99  ILE ILE AAA . n 
A 1 101 SER 101 100 100 SER SER AAA . n 
A 1 102 LYS 102 101 101 LYS LYS AAA . n 
A 1 103 VAL 103 102 102 VAL VAL AAA . n 
A 1 104 LEU 104 103 103 LEU LEU AAA . n 
A 1 105 LEU 105 104 104 LEU LEU AAA . n 
A 1 106 SER 106 105 105 SER SER AAA . n 
A 1 107 ILE 107 106 106 ILE ILE AAA . n 
A 1 108 CYS 108 107 107 CYS CYS AAA . n 
A 1 109 SER 109 108 108 SER SER AAA . n 
A 1 110 LEU 110 109 109 LEU LEU AAA . n 
A 1 111 LEU 111 110 110 LEU LEU AAA . n 
A 1 112 CYS 112 111 111 CYS CYS AAA . n 
A 1 113 ASP 113 112 112 ASP ASP AAA . n 
A 1 114 PRO 114 113 113 PRO PRO AAA . n 
A 1 115 ASN 115 114 114 ASN ASN AAA . n 
A 1 116 PRO 116 115 115 PRO PRO AAA . n 
A 1 117 ASP 117 116 116 ASP ASP AAA . n 
A 1 118 ASP 118 117 117 ASP ASP AAA . n 
A 1 119 PRO 119 118 118 PRO PRO AAA . n 
A 1 120 LEU 120 119 119 LEU LEU AAA . n 
A 1 121 VAL 121 120 120 VAL VAL AAA . n 
A 1 122 PRO 122 121 121 PRO PRO AAA . n 
A 1 123 GLU 123 122 122 GLU GLU AAA . n 
A 1 124 ILE 124 123 123 ILE ILE AAA . n 
A 1 125 ALA 125 124 124 ALA ALA AAA . n 
A 1 126 ARG 126 125 125 ARG ARG AAA . n 
A 1 127 ILE 127 126 126 ILE ILE AAA . n 
A 1 128 TYR 128 127 127 TYR TYR AAA . n 
A 1 129 LYS 129 128 128 LYS LYS AAA . n 
A 1 130 THR 130 129 129 THR THR AAA . n 
A 1 131 ASP 131 130 130 ASP ASP AAA . n 
A 1 132 ARG 132 131 131 ARG ARG AAA . n 
A 1 133 GLU 133 132 132 GLU GLU AAA . n 
A 1 134 LYS 134 133 133 LYS LYS AAA . n 
A 1 135 TYR 135 134 134 TYR TYR AAA . n 
A 1 136 ASN 136 135 135 ASN ASN AAA . n 
A 1 137 ARG 137 136 136 ARG ARG AAA . n 
A 1 138 ILE 138 137 137 ILE ILE AAA . n 
A 1 139 ALA 139 138 138 ALA ALA AAA . n 
A 1 140 ARG 140 139 139 ARG ARG AAA . n 
A 1 141 GLU 141 140 140 GLU GLU AAA . n 
A 1 142 TRP 142 141 141 TRP TRP AAA . n 
A 1 143 THR 143 142 142 THR THR AAA . n 
A 1 144 GLN 144 143 143 GLN GLN AAA . n 
A 1 145 LYS 145 144 144 LYS LYS AAA . n 
A 1 146 TYR 146 145 145 TYR TYR AAA . n 
A 1 147 ALA 147 146 146 ALA ALA AAA . n 
A 1 148 MET 148 147 147 MET MET AAA . n 
# 
loop_
_pdbx_nonpoly_scheme.asym_id 
_pdbx_nonpoly_scheme.entity_id 
_pdbx_nonpoly_scheme.mon_id 
_pdbx_nonpoly_scheme.ndb_seq_num 
_pdbx_nonpoly_scheme.pdb_seq_num 
_pdbx_nonpoly_scheme.auth_seq_num 
_pdbx_nonpoly_scheme.pdb_mon_id 
_pdbx_nonpoly_scheme.auth_mon_id 
_pdbx_nonpoly_scheme.pdb_strand_id 
_pdbx_nonpoly_scheme.pdb_ins_code 
B 2 HOH 1   201 116 HOH HOH AAA . 
B 2 HOH 2   202 89  HOH HOH AAA . 
B 2 HOH 3   203 63  HOH HOH AAA . 
B 2 HOH 4   204 60  HOH HOH AAA . 
B 2 HOH 5   205 84  HOH HOH AAA . 
B 2 HOH 6   206 105 HOH HOH AAA . 
B 2 HOH 7   207 49  HOH HOH AAA . 
B 2 HOH 8   208 115 HOH HOH AAA . 
B 2 HOH 9   209 64  HOH HOH AAA . 
B 2 HOH 10  210 41  HOH HOH AAA . 
B 2 HOH 11  211 37  HOH HOH AAA . 
B 2 HOH 12  212 34  HOH HOH AAA . 
B 2 HOH 13  213 18  HOH HOH AAA . 
B 2 HOH 14  214 109 HOH HOH AAA . 
B 2 HOH 15  215 68  HOH HOH AAA . 
B 2 HOH 16  216 47  HOH HOH AAA . 
B 2 HOH 17  217 24  HOH HOH AAA . 
B 2 HOH 18  218 4   HOH HOH AAA . 
B 2 HOH 19  219 78  HOH HOH AAA . 
B 2 HOH 20  220 43  HOH HOH AAA . 
B 2 HOH 21  221 57  HOH HOH AAA . 
B 2 HOH 22  222 12  HOH HOH AAA . 
B 2 HOH 23  223 86  HOH HOH AAA . 
B 2 HOH 24  224 16  HOH HOH AAA . 
B 2 HOH 25  225 95  HOH HOH AAA . 
B 2 HOH 26  226 1   HOH HOH AAA . 
B 2 HOH 27  227 53  HOH HOH AAA . 
B 2 HOH 28  228 13  HOH HOH AAA . 
B 2 HOH 29  229 85  HOH HOH AAA . 
B 2 HOH 30  230 74  HOH HOH AAA . 
B 2 HOH 31  231 96  HOH HOH AAA . 
B 2 HOH 32  232 113 HOH HOH AAA . 
B 2 HOH 33  233 25  HOH HOH AAA . 
B 2 HOH 34  234 7   HOH HOH AAA . 
B 2 HOH 35  235 36  HOH HOH AAA . 
B 2 HOH 36  236 38  HOH HOH AAA . 
B 2 HOH 37  237 114 HOH HOH AAA . 
B 2 HOH 38  238 42  HOH HOH AAA . 
B 2 HOH 39  239 61  HOH HOH AAA . 
B 2 HOH 40  240 22  HOH HOH AAA . 
B 2 HOH 41  241 87  HOH HOH AAA . 
B 2 HOH 42  242 77  HOH HOH AAA . 
B 2 HOH 43  243 26  HOH HOH AAA . 
B 2 HOH 44  244 6   HOH HOH AAA . 
B 2 HOH 45  245 40  HOH HOH AAA . 
B 2 HOH 46  246 107 HOH HOH AAA . 
B 2 HOH 47  247 79  HOH HOH AAA . 
B 2 HOH 48  248 70  HOH HOH AAA . 
B 2 HOH 49  249 46  HOH HOH AAA . 
B 2 HOH 50  250 8   HOH HOH AAA . 
B 2 HOH 51  251 14  HOH HOH AAA . 
B 2 HOH 52  252 117 HOH HOH AAA . 
B 2 HOH 53  253 66  HOH HOH AAA . 
B 2 HOH 54  254 82  HOH HOH AAA . 
B 2 HOH 55  255 90  HOH HOH AAA . 
B 2 HOH 56  256 21  HOH HOH AAA . 
B 2 HOH 57  257 51  HOH HOH AAA . 
B 2 HOH 58  258 2   HOH HOH AAA . 
B 2 HOH 59  259 100 HOH HOH AAA . 
B 2 HOH 60  260 55  HOH HOH AAA . 
B 2 HOH 61  261 94  HOH HOH AAA . 
B 2 HOH 62  262 72  HOH HOH AAA . 
B 2 HOH 63  263 32  HOH HOH AAA . 
B 2 HOH 64  264 10  HOH HOH AAA . 
B 2 HOH 65  265 62  HOH HOH AAA . 
B 2 HOH 66  266 39  HOH HOH AAA . 
B 2 HOH 67  267 5   HOH HOH AAA . 
B 2 HOH 68  268 65  HOH HOH AAA . 
B 2 HOH 69  269 118 HOH HOH AAA . 
B 2 HOH 70  270 11  HOH HOH AAA . 
B 2 HOH 71  271 59  HOH HOH AAA . 
B 2 HOH 72  272 44  HOH HOH AAA . 
B 2 HOH 73  273 19  HOH HOH AAA . 
B 2 HOH 74  274 104 HOH HOH AAA . 
B 2 HOH 75  275 20  HOH HOH AAA . 
B 2 HOH 76  276 31  HOH HOH AAA . 
B 2 HOH 77  277 3   HOH HOH AAA . 
B 2 HOH 78  278 48  HOH HOH AAA . 
B 2 HOH 79  279 33  HOH HOH AAA . 
B 2 HOH 80  280 81  HOH HOH AAA . 
B 2 HOH 81  281 35  HOH HOH AAA . 
B 2 HOH 82  282 54  HOH HOH AAA . 
B 2 HOH 83  283 27  HOH HOH AAA . 
B 2 HOH 84  284 45  HOH HOH AAA . 
B 2 HOH 85  285 50  HOH HOH AAA . 
B 2 HOH 86  286 108 HOH HOH AAA . 
B 2 HOH 87  287 67  HOH HOH AAA . 
B 2 HOH 88  288 83  HOH HOH AAA . 
B 2 HOH 89  289 56  HOH HOH AAA . 
B 2 HOH 90  290 75  HOH HOH AAA . 
B 2 HOH 91  291 23  HOH HOH AAA . 
B 2 HOH 92  292 92  HOH HOH AAA . 
B 2 HOH 93  293 9   HOH HOH AAA . 
B 2 HOH 94  294 106 HOH HOH AAA . 
B 2 HOH 95  295 30  HOH HOH AAA . 
B 2 HOH 96  296 28  HOH HOH AAA . 
B 2 HOH 97  297 15  HOH HOH AAA . 
B 2 HOH 98  298 17  HOH HOH AAA . 
B 2 HOH 99  299 120 HOH HOH AAA . 
B 2 HOH 100 300 76  HOH HOH AAA . 
B 2 HOH 101 301 71  HOH HOH AAA . 
B 2 HOH 102 302 99  HOH HOH AAA . 
B 2 HOH 103 303 88  HOH HOH AAA . 
B 2 HOH 104 304 101 HOH HOH AAA . 
B 2 HOH 105 305 73  HOH HOH AAA . 
B 2 HOH 106 306 119 HOH HOH AAA . 
B 2 HOH 107 307 125 HOH HOH AAA . 
B 2 HOH 108 308 122 HOH HOH AAA . 
B 2 HOH 109 309 58  HOH HOH AAA . 
B 2 HOH 110 310 110 HOH HOH AAA . 
B 2 HOH 111 311 121 HOH HOH AAA . 
B 2 HOH 112 312 103 HOH HOH AAA . 
B 2 HOH 113 313 124 HOH HOH AAA . 
B 2 HOH 114 314 29  HOH HOH AAA . 
B 2 HOH 115 315 111 HOH HOH AAA . 
B 2 HOH 116 316 52  HOH HOH AAA . 
B 2 HOH 117 317 98  HOH HOH AAA . 
B 2 HOH 118 318 69  HOH HOH AAA . 
B 2 HOH 119 319 112 HOH HOH AAA . 
B 2 HOH 120 320 123 HOH HOH AAA . 
# 
loop_
_pdbx_unobs_or_zero_occ_atoms.id 
_pdbx_unobs_or_zero_occ_atoms.PDB_model_num 
_pdbx_unobs_or_zero_occ_atoms.polymer_flag 
_pdbx_unobs_or_zero_occ_atoms.occupancy_flag 
_pdbx_unobs_or_zero_occ_atoms.auth_asym_id 
_pdbx_unobs_or_zero_occ_atoms.auth_comp_id 
_pdbx_unobs_or_zero_occ_atoms.auth_seq_id 
_pdbx_unobs_or_zero_occ_atoms.PDB_ins_code 
_pdbx_unobs_or_zero_occ_atoms.auth_atom_id 
_pdbx_unobs_or_zero_occ_atoms.label_alt_id 
_pdbx_unobs_or_zero_occ_atoms.label_asym_id 
_pdbx_unobs_or_zero_occ_atoms.label_comp_id 
_pdbx_unobs_or_zero_occ_atoms.label_seq_id 
_pdbx_unobs_or_zero_occ_atoms.label_atom_id 
1  1 Y 1 AAA LEU 3   ? CD1 ? A LEU 4   CD1 
2  1 Y 1 AAA LYS 63  ? CE  ? A LYS 64  CE  
3  1 Y 1 AAA LYS 63  ? NZ  ? A LYS 64  NZ  
4  1 Y 1 AAA LYS 66  ? CD  ? A LYS 67  CD  
5  1 Y 1 AAA LYS 66  ? CE  ? A LYS 67  CE  
6  1 Y 1 AAA LYS 66  ? NZ  ? A LYS 67  NZ  
7  1 Y 1 AAA ARG 90  ? CG  ? A ARG 91  CG  
8  1 Y 1 AAA ARG 90  ? CD  ? A ARG 91  CD  
9  1 Y 1 AAA ARG 90  ? NE  ? A ARG 91  NE  
10 1 Y 1 AAA ARG 90  ? CZ  ? A ARG 91  CZ  
11 1 Y 1 AAA ARG 90  ? NH1 ? A ARG 91  NH1 
12 1 Y 1 AAA ARG 90  ? NH2 ? A ARG 91  NH2 
13 1 Y 1 AAA ARG 136 ? CD  ? A ARG 137 CD  
14 1 Y 1 AAA ARG 136 ? NE  ? A ARG 137 NE  
15 1 Y 1 AAA ARG 136 ? CZ  ? A ARG 137 CZ  
16 1 Y 1 AAA ARG 136 ? NH1 ? A ARG 137 NH1 
17 1 Y 1 AAA ARG 136 ? NH2 ? A ARG 137 NH2 
# 
loop_
_software.citation_id 
_software.classification 
_software.compiler_name 
_software.compiler_version 
_software.contact_author 
_software.contact_author_email 
_software.date 
_software.description 
_software.dependencies 
_software.hardware 
_software.language 
_software.location 
_software.mods 
_software.name 
_software.os 
_software.os_version 
_software.type 
_software.version 
_software.pdbx_ordinal 
? refinement       ? ? ? ? ? ? ? ? ? ? ? REFMAC ? ? ? 5.8.0267           1 
? 'model building' ? ? ? ? ? ? ? ? ? ? ? Coot   ? ? ? 'WinCoot 0.9.6 EL' 2 
# 
_cell.angle_alpha                  90.000 
_cell.angle_alpha_esd              ? 
_cell.angle_beta                   90.000 
_cell.angle_beta_esd               ? 
_cell.angle_gamma                  90.000 
_cell.angle_gamma_esd              ? 
_cell.entry_id                     9GLS 
_cell.details                      ? 
_cell.formula_units_Z              ? 
_cell.length_a                     47.916 
_cell.length_a_esd                 ? 
_cell.length_b                     49.401 
_cell.length_b_esd                 ? 
_cell.length_c                     63.228 
_cell.length_c_esd                 ? 
_cell.volume                       ? 
_cell.volume_esd                   ? 
_cell.Z_PDB                        4 
_cell.reciprocal_angle_alpha       ? 
_cell.reciprocal_angle_beta        ? 
_cell.reciprocal_angle_gamma       ? 
_cell.reciprocal_angle_alpha_esd   ? 
_cell.reciprocal_angle_beta_esd    ? 
_cell.reciprocal_angle_gamma_esd   ? 
_cell.reciprocal_length_a          ? 
_cell.reciprocal_length_b          ? 
_cell.reciprocal_length_c          ? 
_cell.reciprocal_length_a_esd      ? 
_cell.reciprocal_length_b_esd      ? 
_cell.reciprocal_length_c_esd      ? 
_cell.pdbx_unique_axis             ? 
_cell.pdbx_esd_method              ? 
# 
_symmetry.entry_id                         9GLS 
_symmetry.cell_setting                     ? 
_symmetry.Int_Tables_number                19 
_symmetry.space_group_name_Hall            ? 
_symmetry.space_group_name_H-M             'P 21 21 21' 
_symmetry.pdbx_full_space_group_name_H-M   ? 
# 
_exptl.absorpt_coefficient_mu     ? 
_exptl.absorpt_correction_T_max   ? 
_exptl.absorpt_correction_T_min   ? 
_exptl.absorpt_correction_type    ? 
_exptl.absorpt_process_details    ? 
_exptl.entry_id                   9GLS 
_exptl.crystals_number            1 
_exptl.details                    ? 
_exptl.method                     'X-RAY DIFFRACTION' 
_exptl.method_details             ? 
# 
_exptl_crystal.colour                       ? 
_exptl_crystal.density_diffrn               ? 
_exptl_crystal.density_Matthews             2.22 
_exptl_crystal.density_method               ? 
_exptl_crystal.density_percent_sol          44.65 
_exptl_crystal.description                  ? 
_exptl_crystal.F_000                        ? 
_exptl_crystal.id                           1 
_exptl_crystal.preparation                  ? 
_exptl_crystal.size_max                     ? 
_exptl_crystal.size_mid                     ? 
_exptl_crystal.size_min                     ? 
_exptl_crystal.size_rad                     ? 
_exptl_crystal.colour_lustre                ? 
_exptl_crystal.colour_modifier              ? 
_exptl_crystal.colour_primary               ? 
_exptl_crystal.density_meas                 ? 
_exptl_crystal.density_meas_esd             ? 
_exptl_crystal.density_meas_gt              ? 
_exptl_crystal.density_meas_lt              ? 
_exptl_crystal.density_meas_temp            ? 
_exptl_crystal.density_meas_temp_esd        ? 
_exptl_crystal.density_meas_temp_gt         ? 
_exptl_crystal.density_meas_temp_lt         ? 
_exptl_crystal.pdbx_crystal_image_url       ? 
_exptl_crystal.pdbx_crystal_image_format    ? 
_exptl_crystal.pdbx_mosaicity               ? 
_exptl_crystal.pdbx_mosaicity_esd           ? 
_exptl_crystal.pdbx_mosaic_method           ? 
_exptl_crystal.pdbx_mosaic_block_size       ? 
_exptl_crystal.pdbx_mosaic_block_size_esd   ? 
# 
_exptl_crystal_grow.apparatus       ? 
_exptl_crystal_grow.atmosphere      ? 
_exptl_crystal_grow.crystal_id      1 
_exptl_crystal_grow.details         ? 
_exptl_crystal_grow.method          'VAPOR DIFFUSION, HANGING DROP' 
_exptl_crystal_grow.method_ref      ? 
_exptl_crystal_grow.pH              9 
_exptl_crystal_grow.pressure        ? 
_exptl_crystal_grow.pressure_esd    ? 
_exptl_crystal_grow.seeding         ? 
_exptl_crystal_grow.seeding_ref     ? 
_exptl_crystal_grow.temp_details    ? 
_exptl_crystal_grow.temp_esd        ? 
_exptl_crystal_grow.time            ? 
_exptl_crystal_grow.pdbx_details    '10% PEG 200, 0.1 M Bis-Tris propane, pH 9, 15% PEG 8000' 
_exptl_crystal_grow.pdbx_pH_range   ? 
_exptl_crystal_grow.temp            293 
# 
_diffrn.ambient_environment              ? 
_diffrn.ambient_temp                     298 
_diffrn.ambient_temp_details             ? 
_diffrn.ambient_temp_esd                 ? 
_diffrn.crystal_id                       1 
_diffrn.crystal_support                  ? 
_diffrn.crystal_treatment                ? 
_diffrn.details                          ? 
_diffrn.id                               1 
_diffrn.ambient_pressure                 ? 
_diffrn.ambient_pressure_esd             ? 
_diffrn.ambient_pressure_gt              ? 
_diffrn.ambient_pressure_lt              ? 
_diffrn.ambient_temp_gt                  ? 
_diffrn.ambient_temp_lt                  ? 
_diffrn.pdbx_serial_crystal_experiment   N 
# 
_diffrn_detector.details                      ? 
_diffrn_detector.detector                     PIXEL 
_diffrn_detector.diffrn_id                    1 
_diffrn_detector.type                         'DECTRIS EIGER2 X 9M' 
_diffrn_detector.area_resol_mean              ? 
_diffrn_detector.dtime                        ? 
_diffrn_detector.pdbx_frames_total            ? 
_diffrn_detector.pdbx_collection_time_total   ? 
_diffrn_detector.pdbx_collection_date         2024-02-21 
_diffrn_detector.pdbx_frequency               ? 
_diffrn_detector.id                           ? 
_diffrn_detector.number_of_axes               ? 
# 
_diffrn_radiation.collimation                      ? 
_diffrn_radiation.diffrn_id                        1 
_diffrn_radiation.filter_edge                      ? 
_diffrn_radiation.inhomogeneity                    ? 
_diffrn_radiation.monochromator                    ? 
_diffrn_radiation.polarisn_norm                    ? 
_diffrn_radiation.polarisn_ratio                   ? 
_diffrn_radiation.probe                            ? 
_diffrn_radiation.type                             ? 
_diffrn_radiation.xray_symbol                      ? 
_diffrn_radiation.wavelength_id                    1 
_diffrn_radiation.pdbx_monochromatic_or_laue_m_l   M 
_diffrn_radiation.pdbx_wavelength_list             ? 
_diffrn_radiation.pdbx_wavelength                  ? 
_diffrn_radiation.pdbx_diffrn_protocol             'SINGLE WAVELENGTH' 
_diffrn_radiation.pdbx_analyzer                    ? 
_diffrn_radiation.pdbx_scattering_type             x-ray 
# 
_diffrn_radiation_wavelength.id           1 
_diffrn_radiation_wavelength.wavelength   0.87313 
_diffrn_radiation_wavelength.wt           1.0 
# 
_diffrn_source.current                     ? 
_diffrn_source.details                     ? 
_diffrn_source.diffrn_id                   1 
_diffrn_source.power                       ? 
_diffrn_source.size                        ? 
_diffrn_source.source                      SYNCHROTRON 
_diffrn_source.target                      ? 
_diffrn_source.type                        'ESRF BEAMLINE ID30B' 
_diffrn_source.voltage                     ? 
_diffrn_source.take-off_angle              ? 
_diffrn_source.pdbx_wavelength_list        0.87313 
_diffrn_source.pdbx_wavelength             ? 
_diffrn_source.pdbx_synchrotron_beamline   ID30B 
_diffrn_source.pdbx_synchrotron_site       ESRF 
# 
_reflns.B_iso_Wilson_estimate                          20.24 
_reflns.entry_id                                       9GLS 
_reflns.data_reduction_details                         ? 
_reflns.data_reduction_method                          ? 
_reflns.d_resolution_high                              1.25 
_reflns.d_resolution_low                               38.93 
_reflns.details                                        ? 
_reflns.limit_h_max                                    ? 
_reflns.limit_h_min                                    ? 
_reflns.limit_k_max                                    ? 
_reflns.limit_k_min                                    ? 
_reflns.limit_l_max                                    ? 
_reflns.limit_l_min                                    ? 
_reflns.number_all                                     ? 
_reflns.number_obs                                     41718 
_reflns.observed_criterion                             ? 
_reflns.observed_criterion_F_max                       ? 
_reflns.observed_criterion_F_min                       ? 
_reflns.observed_criterion_I_max                       ? 
_reflns.observed_criterion_I_min                       ? 
_reflns.observed_criterion_sigma_F                     ? 
_reflns.observed_criterion_sigma_I                     ? 
_reflns.percent_possible_obs                           98.75 
_reflns.R_free_details                                 ? 
_reflns.Rmerge_F_all                                   ? 
_reflns.Rmerge_F_obs                                   ? 
_reflns.Friedel_coverage                               ? 
_reflns.number_gt                                      ? 
_reflns.threshold_expression                           ? 
_reflns.pdbx_redundancy                                3.7 
_reflns.pdbx_netI_over_av_sigmaI                       ? 
_reflns.pdbx_netI_over_sigmaI                          12.33 
_reflns.pdbx_res_netI_over_av_sigmaI_2                 ? 
_reflns.pdbx_res_netI_over_sigmaI_2                    ? 
_reflns.pdbx_chi_squared                               ? 
_reflns.pdbx_scaling_rejects                           ? 
_reflns.pdbx_d_res_high_opt                            ? 
_reflns.pdbx_d_res_low_opt                             ? 
_reflns.pdbx_d_res_opt_method                          ? 
_reflns.phase_calculation_details                      ? 
_reflns.pdbx_Rrim_I_all                                0.04743 
_reflns.pdbx_Rpim_I_all                                ? 
_reflns.pdbx_d_opt                                     ? 
_reflns.pdbx_number_measured_all                       ? 
_reflns.pdbx_diffrn_id                                 1 
_reflns.pdbx_ordinal                                   1 
_reflns.pdbx_CC_half                                   0.998 
_reflns.pdbx_CC_star                                   ? 
_reflns.pdbx_R_split                                   ? 
_reflns.pdbx_Rmerge_I_obs                              ? 
_reflns.pdbx_Rmerge_I_all                              ? 
_reflns.pdbx_Rsym_value                                ? 
_reflns.pdbx_CC_split_method                           ? 
_reflns.pdbx_aniso_diffraction_limit_axis_1_ortho[1]   ? 
_reflns.pdbx_aniso_diffraction_limit_axis_1_ortho[2]   ? 
_reflns.pdbx_aniso_diffraction_limit_axis_1_ortho[3]   ? 
_reflns.pdbx_aniso_diffraction_limit_axis_2_ortho[1]   ? 
_reflns.pdbx_aniso_diffraction_limit_axis_2_ortho[2]   ? 
_reflns.pdbx_aniso_diffraction_limit_axis_2_ortho[3]   ? 
_reflns.pdbx_aniso_diffraction_limit_axis_3_ortho[1]   ? 
_reflns.pdbx_aniso_diffraction_limit_axis_3_ortho[2]   ? 
_reflns.pdbx_aniso_diffraction_limit_axis_3_ortho[3]   ? 
_reflns.pdbx_aniso_diffraction_limit_1                 ? 
_reflns.pdbx_aniso_diffraction_limit_2                 ? 
_reflns.pdbx_aniso_diffraction_limit_3                 ? 
_reflns.pdbx_aniso_B_tensor_eigenvector_1_ortho[1]     ? 
_reflns.pdbx_aniso_B_tensor_eigenvector_1_ortho[2]     ? 
_reflns.pdbx_aniso_B_tensor_eigenvector_1_ortho[3]     ? 
_reflns.pdbx_aniso_B_tensor_eigenvector_2_ortho[1]     ? 
_reflns.pdbx_aniso_B_tensor_eigenvector_2_ortho[2]     ? 
_reflns.pdbx_aniso_B_tensor_eigenvector_2_ortho[3]     ? 
_reflns.pdbx_aniso_B_tensor_eigenvector_3_ortho[1]     ? 
_reflns.pdbx_aniso_B_tensor_eigenvector_3_ortho[2]     ? 
_reflns.pdbx_aniso_B_tensor_eigenvector_3_ortho[3]     ? 
_reflns.pdbx_aniso_B_tensor_eigenvalue_1               ? 
_reflns.pdbx_aniso_B_tensor_eigenvalue_2               ? 
_reflns.pdbx_aniso_B_tensor_eigenvalue_3               ? 
_reflns.pdbx_orthogonalization_convention              ? 
_reflns.pdbx_percent_possible_ellipsoidal              ? 
_reflns.pdbx_percent_possible_spherical                ? 
_reflns.pdbx_percent_possible_ellipsoidal_anomalous    ? 
_reflns.pdbx_percent_possible_spherical_anomalous      ? 
_reflns.pdbx_redundancy_anomalous                      ? 
_reflns.pdbx_CC_half_anomalous                         ? 
_reflns.pdbx_absDiff_over_sigma_anomalous              ? 
_reflns.pdbx_percent_possible_anomalous                ? 
_reflns.pdbx_observed_signal_threshold                 ? 
_reflns.pdbx_signal_type                               ? 
_reflns.pdbx_signal_details                            ? 
_reflns.pdbx_signal_software_id                        ? 
# 
_reflns_shell.d_res_high                                    1.25 
_reflns_shell.d_res_low                                     1.295 
_reflns_shell.meanI_over_sigI_all                           ? 
_reflns_shell.meanI_over_sigI_obs                           1.35 
_reflns_shell.number_measured_all                           ? 
_reflns_shell.number_measured_obs                           ? 
_reflns_shell.number_possible                               ? 
_reflns_shell.number_unique_all                             ? 
_reflns_shell.number_unique_obs                             4119 
_reflns_shell.percent_possible_obs                          ? 
_reflns_shell.Rmerge_F_all                                  ? 
_reflns_shell.Rmerge_F_obs                                  ? 
_reflns_shell.meanI_over_sigI_gt                            ? 
_reflns_shell.meanI_over_uI_all                             ? 
_reflns_shell.meanI_over_uI_gt                              ? 
_reflns_shell.number_measured_gt                            ? 
_reflns_shell.number_unique_gt                              ? 
_reflns_shell.percent_possible_gt                           ? 
_reflns_shell.Rmerge_F_gt                                   ? 
_reflns_shell.Rmerge_I_gt                                   ? 
_reflns_shell.pdbx_redundancy                               3.8 
_reflns_shell.pdbx_chi_squared                              ? 
_reflns_shell.pdbx_netI_over_sigmaI_all                     ? 
_reflns_shell.pdbx_netI_over_sigmaI_obs                     ? 
_reflns_shell.pdbx_Rrim_I_all                               0.9445 
_reflns_shell.pdbx_Rpim_I_all                               ? 
_reflns_shell.pdbx_rejects                                  ? 
_reflns_shell.pdbx_ordinal                                  1 
_reflns_shell.pdbx_diffrn_id                                1 
_reflns_shell.pdbx_CC_half                                  0.586 
_reflns_shell.pdbx_CC_star                                  ? 
_reflns_shell.pdbx_R_split                                  ? 
_reflns_shell.percent_possible_all                          98.59 
_reflns_shell.Rmerge_I_all                                  ? 
_reflns_shell.Rmerge_I_obs                                  ? 
_reflns_shell.pdbx_Rsym_value                               ? 
_reflns_shell.pdbx_percent_possible_ellipsoidal             ? 
_reflns_shell.pdbx_percent_possible_spherical               ? 
_reflns_shell.pdbx_percent_possible_ellipsoidal_anomalous   ? 
_reflns_shell.pdbx_percent_possible_spherical_anomalous     ? 
_reflns_shell.pdbx_redundancy_anomalous                     ? 
_reflns_shell.pdbx_CC_half_anomalous                        ? 
_reflns_shell.pdbx_absDiff_over_sigma_anomalous             ? 
_reflns_shell.pdbx_percent_possible_anomalous               ? 
# 
_refine.aniso_B[1][1]                            0.134 
_refine.aniso_B[1][2]                            -0.000 
_refine.aniso_B[1][3]                            -0.000 
_refine.aniso_B[2][2]                            -0.315 
_refine.aniso_B[2][3]                            0.000 
_refine.aniso_B[3][3]                            0.181 
_refine.B_iso_max                                ? 
_refine.B_iso_mean                               21.687 
_refine.B_iso_min                                ? 
_refine.correlation_coeff_Fo_to_Fc               0.973 
_refine.correlation_coeff_Fo_to_Fc_free          0.966 
_refine.details                                  'Hydrogens have been added in their riding positions' 
_refine.diff_density_max                         ? 
_refine.diff_density_max_esd                     ? 
_refine.diff_density_min                         ? 
_refine.diff_density_min_esd                     ? 
_refine.diff_density_rms                         ? 
_refine.diff_density_rms_esd                     ? 
_refine.entry_id                                 9GLS 
_refine.pdbx_refine_id                           'X-RAY DIFFRACTION' 
_refine.ls_abs_structure_details                 ? 
_refine.ls_abs_structure_Flack                   ? 
_refine.ls_abs_structure_Flack_esd               ? 
_refine.ls_abs_structure_Rogers                  ? 
_refine.ls_abs_structure_Rogers_esd              ? 
_refine.ls_d_res_high                            1.250 
_refine.ls_d_res_low                             38.928 
_refine.ls_extinction_coef                       ? 
_refine.ls_extinction_coef_esd                   ? 
_refine.ls_extinction_expression                 ? 
_refine.ls_extinction_method                     ? 
_refine.ls_goodness_of_fit_all                   ? 
_refine.ls_goodness_of_fit_all_esd               ? 
_refine.ls_goodness_of_fit_obs                   ? 
_refine.ls_goodness_of_fit_obs_esd               ? 
_refine.ls_hydrogen_treatment                    ? 
_refine.ls_matrix_type                           ? 
_refine.ls_number_constraints                    ? 
_refine.ls_number_parameters                     ? 
_refine.ls_number_reflns_all                     ? 
_refine.ls_number_reflns_obs                     41717 
_refine.ls_number_reflns_R_free                  2054 
_refine.ls_number_reflns_R_work                  39663 
_refine.ls_number_restraints                     ? 
_refine.ls_percent_reflns_obs                    98.752 
_refine.ls_percent_reflns_R_free                 4.924 
_refine.ls_R_factor_all                          0.189 
_refine.ls_R_factor_obs                          ? 
_refine.ls_R_factor_R_free                       0.2112 
_refine.ls_R_factor_R_free_error                 ? 
_refine.ls_R_factor_R_free_error_details         ? 
_refine.ls_R_factor_R_work                       0.1885 
_refine.ls_R_Fsqd_factor_obs                     ? 
_refine.ls_R_I_factor_obs                        ? 
_refine.ls_redundancy_reflns_all                 ? 
_refine.ls_redundancy_reflns_obs                 ? 
_refine.ls_restrained_S_all                      ? 
_refine.ls_restrained_S_obs                      ? 
_refine.ls_shift_over_esd_max                    ? 
_refine.ls_shift_over_esd_mean                   ? 
_refine.ls_structure_factor_coef                 ? 
_refine.ls_weighting_details                     ? 
_refine.ls_weighting_scheme                      ? 
_refine.ls_wR_factor_all                         ? 
_refine.ls_wR_factor_obs                         ? 
_refine.ls_wR_factor_R_free                      ? 
_refine.ls_wR_factor_R_work                      ? 
_refine.occupancy_max                            ? 
_refine.occupancy_min                            ? 
_refine.solvent_model_details                    'MASK BULK SOLVENT' 
_refine.solvent_model_param_bsol                 ? 
_refine.solvent_model_param_ksol                 ? 
_refine.pdbx_R_complete                          ? 
_refine.ls_R_factor_gt                           ? 
_refine.ls_goodness_of_fit_gt                    ? 
_refine.ls_goodness_of_fit_ref                   ? 
_refine.ls_shift_over_su_max                     ? 
_refine.ls_shift_over_su_max_lt                  ? 
_refine.ls_shift_over_su_mean                    ? 
_refine.ls_shift_over_su_mean_lt                 ? 
_refine.pdbx_ls_sigma_I                          ? 
_refine.pdbx_ls_sigma_F                          ? 
_refine.pdbx_ls_sigma_Fsqd                       ? 
_refine.pdbx_data_cutoff_high_absF               ? 
_refine.pdbx_data_cutoff_high_rms_absF           ? 
_refine.pdbx_data_cutoff_low_absF                ? 
_refine.pdbx_isotropic_thermal_model             ? 
_refine.pdbx_ls_cross_valid_method               'FREE R-VALUE' 
_refine.pdbx_method_to_determine_struct          'MOLECULAR REPLACEMENT' 
_refine.pdbx_starting_model                      ? 
_refine.pdbx_stereochemistry_target_values       ? 
_refine.pdbx_R_Free_selection_details            ? 
_refine.pdbx_stereochem_target_val_spec_case     ? 
_refine.pdbx_overall_ESU_R                       0.049 
_refine.pdbx_overall_ESU_R_Free                  0.050 
_refine.pdbx_solvent_vdw_probe_radii             1.200 
_refine.pdbx_solvent_ion_probe_radii             0.800 
_refine.pdbx_solvent_shrinkage_radii             0.800 
_refine.pdbx_real_space_R                        ? 
_refine.pdbx_density_correlation                 ? 
_refine.pdbx_pd_number_of_powder_patterns        ? 
_refine.pdbx_pd_number_of_points                 ? 
_refine.pdbx_pd_meas_number_of_points            ? 
_refine.pdbx_pd_proc_ls_prof_R_factor            ? 
_refine.pdbx_pd_proc_ls_prof_wR_factor           ? 
_refine.pdbx_pd_Marquardt_correlation_coeff      ? 
_refine.pdbx_pd_Fsqrd_R_factor                   ? 
_refine.pdbx_pd_ls_matrix_band_width             ? 
_refine.pdbx_overall_phase_error                 ? 
_refine.pdbx_overall_SU_R_free_Cruickshank_DPI   ? 
_refine.pdbx_overall_SU_R_free_Blow_DPI          ? 
_refine.pdbx_overall_SU_R_Blow_DPI               ? 
_refine.pdbx_TLS_residual_ADP_flag               ? 
_refine.pdbx_diffrn_id                           1 
_refine.overall_SU_B                             0.933 
_refine.overall_SU_ML                            0.040 
_refine.overall_SU_R_Cruickshank_DPI             ? 
_refine.overall_SU_R_free                        ? 
_refine.overall_FOM_free_R_set                   ? 
_refine.overall_FOM_work_R_set                   ? 
_refine.pdbx_average_fsc_overall                 ? 
_refine.pdbx_average_fsc_work                    ? 
_refine.pdbx_average_fsc_free                    ? 
# 
_refine_hist.pdbx_refine_id                   'X-RAY DIFFRACTION' 
_refine_hist.cycle_id                         LAST 
_refine_hist.pdbx_number_atoms_protein        1168 
_refine_hist.pdbx_number_atoms_nucleic_acid   0 
_refine_hist.pdbx_number_atoms_ligand         0 
_refine_hist.number_atoms_solvent             120 
_refine_hist.number_atoms_total               1288 
_refine_hist.d_res_high                       1.250 
_refine_hist.d_res_low                        38.928 
# 
loop_
_refine_ls_restr.pdbx_refine_id 
_refine_ls_restr.criterion 
_refine_ls_restr.dev_ideal 
_refine_ls_restr.dev_ideal_target 
_refine_ls_restr.number 
_refine_ls_restr.rejects 
_refine_ls_restr.type 
_refine_ls_restr.weight 
_refine_ls_restr.pdbx_restraint_function 
'X-RAY DIFFRACTION' ? 0.015  0.013  1319 ? r_bond_refined_d               ? ? 
'X-RAY DIFFRACTION' ? 0.008  0.015  1194 ? r_bond_other_d                 ? ? 
'X-RAY DIFFRACTION' ? 1.842  1.651  1820 ? r_angle_refined_deg            ? ? 
'X-RAY DIFFRACTION' ? 1.667  1.577  2781 ? r_angle_other_deg              ? ? 
'X-RAY DIFFRACTION' ? 6.637  5.000  174  ? r_dihedral_angle_1_deg         ? ? 
'X-RAY DIFFRACTION' ? 29.000 22.319 69   ? r_dihedral_angle_2_deg         ? ? 
'X-RAY DIFFRACTION' ? 12.456 15.000 208  ? r_dihedral_angle_3_deg         ? ? 
'X-RAY DIFFRACTION' ? 14.236 15.000 8    ? r_dihedral_angle_4_deg         ? ? 
'X-RAY DIFFRACTION' ? 0.100  0.200  175  ? r_chiral_restr                 ? ? 
'X-RAY DIFFRACTION' ? 0.011  0.020  1560 ? r_gen_planes_refined           ? ? 
'X-RAY DIFFRACTION' ? 0.004  0.020  308  ? r_gen_planes_other             ? ? 
'X-RAY DIFFRACTION' ? 0.221  0.200  263  ? r_nbd_refined                  ? ? 
'X-RAY DIFFRACTION' ? 0.191  0.200  1043 ? r_symmetry_nbd_other           ? ? 
'X-RAY DIFFRACTION' ? 0.180  0.200  631  ? r_nbtor_refined                ? ? 
'X-RAY DIFFRACTION' ? 0.088  0.200  532  ? r_symmetry_nbtor_other         ? ? 
'X-RAY DIFFRACTION' ? 0.129  0.200  84   ? r_xyhbond_nbd_refined          ? ? 
'X-RAY DIFFRACTION' ? 0.173  0.200  11   ? r_symmetry_nbd_refined         ? ? 
'X-RAY DIFFRACTION' ? 0.276  0.200  52   ? r_nbd_other                    ? ? 
'X-RAY DIFFRACTION' ? 0.181  0.200  17   ? r_symmetry_xyhbond_nbd_refined ? ? 
'X-RAY DIFFRACTION' ? 1.715  2.006  645  ? r_mcbond_it                    ? ? 
'X-RAY DIFFRACTION' ? 1.693  2.004  644  ? r_mcbond_other                 ? ? 
'X-RAY DIFFRACTION' ? 2.414  3.013  821  ? r_mcangle_it                   ? ? 
'X-RAY DIFFRACTION' ? 2.424  3.015  822  ? r_mcangle_other                ? ? 
'X-RAY DIFFRACTION' ? 3.430  2.379  674  ? r_scbond_it                    ? ? 
'X-RAY DIFFRACTION' ? 3.416  2.378  674  ? r_scbond_other                 ? ? 
'X-RAY DIFFRACTION' ? 4.788  3.431  994  ? r_scangle_it                   ? ? 
'X-RAY DIFFRACTION' ? 4.782  3.431  994  ? r_scangle_other                ? ? 
'X-RAY DIFFRACTION' ? 5.646  25.618 1504 ? r_lrange_it                    ? ? 
'X-RAY DIFFRACTION' ? 5.601  25.163 1481 ? r_lrange_other                 ? ? 
# 
loop_
_refine_ls_shell.pdbx_refine_id 
_refine_ls_shell.d_res_high 
_refine_ls_shell.d_res_low 
_refine_ls_shell.number_reflns_all 
_refine_ls_shell.number_reflns_obs 
_refine_ls_shell.number_reflns_R_free 
_refine_ls_shell.number_reflns_R_work 
_refine_ls_shell.percent_reflns_obs 
_refine_ls_shell.percent_reflns_R_free 
_refine_ls_shell.R_factor_all 
_refine_ls_shell.R_factor_obs 
_refine_ls_shell.R_factor_R_free_error 
_refine_ls_shell.R_factor_R_work 
_refine_ls_shell.redundancy_reflns_all 
_refine_ls_shell.redundancy_reflns_obs 
_refine_ls_shell.wR_factor_all 
_refine_ls_shell.wR_factor_obs 
_refine_ls_shell.wR_factor_R_free 
_refine_ls_shell.wR_factor_R_work 
_refine_ls_shell.pdbx_R_complete 
_refine_ls_shell.pdbx_total_number_of_bins_used 
_refine_ls_shell.pdbx_phase_error 
_refine_ls_shell.pdbx_fsc_work 
_refine_ls_shell.pdbx_fsc_free 
_refine_ls_shell.R_factor_R_free 
'X-RAY DIFFRACTION' 1.250 1.282  3075 . 156 2874 98.5366 . 0.325 . . 0.324 . . . . . 0.321 . 20 . 0.742 0.737 0.341 
'X-RAY DIFFRACTION' 1.282 1.318  3011 . 131 2841 98.7048 . 0.313 . . 0.311 . . . . . 0.304 . 20 . 0.797 0.751 0.365 
'X-RAY DIFFRACTION' 1.318 1.356  2908 . 148 2731 99.0027 . 0.276 . . 0.273 . . . . . 0.263 . 20 . 0.835 0.802 0.331 
'X-RAY DIFFRACTION' 1.356 1.397  2833 . 140 2669 99.1528 . 0.253 . . 0.253 . . . . . 0.236 . 20 . 0.865 0.868 0.251 
'X-RAY DIFFRACTION' 1.397 1.443  2767 . 107 2625 98.7351 . 0.237 . . 0.236 . . . . . 0.217 . 20 . 0.896 0.900 0.258 
'X-RAY DIFFRACTION' 1.443 1.494  2664 . 138 2494 98.7988 . 0.207 . . 0.205 . . . . . 0.186 . 20 . 0.930 0.919 0.231 
'X-RAY DIFFRACTION' 1.494 1.550  2576 . 151 2411 99.4565 . 0.197 . . 0.196 . . . . . 0.179 . 20 . 0.942 0.933 0.214 
'X-RAY DIFFRACTION' 1.550 1.613  2481 . 128 2340 99.4760 . 0.202 . . 0.202 . . . . . 0.185 . 20 . 0.935 0.936 0.211 
'X-RAY DIFFRACTION' 1.613 1.685  2371 . 115 2242 99.4095 . 0.199 . . 0.198 . . . . . 0.185 . 20 . 0.937 0.935 0.216 
'X-RAY DIFFRACTION' 1.685 1.767  2325 . 129 2190 99.7419 . 0.198 . . 0.195 . . . . . 0.183 . 20 . 0.942 0.930 0.247 
'X-RAY DIFFRACTION' 1.767 1.862  2158 . 116 2033 99.5829 . 0.190 . . 0.188 . . . . . 0.182 . 20 . 0.950 0.935 0.228 
'X-RAY DIFFRACTION' 1.862 1.975  2070 . 121 1936 99.3720 . 0.182 . . 0.182 . . . . . 0.186 . 20 . 0.953 0.950 0.190 
'X-RAY DIFFRACTION' 1.975 2.111  1937 . 80  1841 99.1740 . 0.186 . . 0.185 . . . . . 0.196 . 20 . 0.952 0.941 0.204 
'X-RAY DIFFRACTION' 2.111 2.279  1829 . 87  1718 98.6878 . 0.178 . . 0.177 . . . . . 0.199 . 20 . 0.955 0.945 0.214 
'X-RAY DIFFRACTION' 2.279 2.496  1683 . 73  1562 97.1479 . 0.183 . . 0.182 . . . . . 0.208 . 20 . 0.954 0.942 0.227 
'X-RAY DIFFRACTION' 2.496 2.789  1521 . 63  1436 98.5536 . 0.184 . . 0.183 . . . . . 0.218 . 20 . 0.956 0.945 0.210 
'X-RAY DIFFRACTION' 2.789 3.218  1373 . 65  1282 98.1063 . 0.186 . . 0.187 . . . . . 0.234 . 20 . 0.951 0.962 0.161 
'X-RAY DIFFRACTION' 3.218 3.935  1165 . 48  1086 97.3391 . 0.179 . . 0.177 . . . . . 0.229 . 20 . 0.966 0.947 0.246 
'X-RAY DIFFRACTION' 3.935 5.536  929  . 41  854  96.3401 . 0.153 . . 0.153 . . . . . 0.212 . 20 . 0.978 0.974 0.171 
'X-RAY DIFFRACTION' 5.536 38.928 568  . 17  498  90.6690 . 0.219 . . 0.220 . . . . . 0.318 . 20 . 0.958 0.961 0.191 
# 
_struct.entry_id                     9GLS 
_struct.title                        'Crystal Structure of Human UBCH5B C85E' 
_struct.pdbx_model_details           ? 
_struct.pdbx_formula_weight          ? 
_struct.pdbx_formula_weight_method   ? 
_struct.pdbx_model_type_details      ? 
_struct.pdbx_CASP_flag               N 
# 
_struct_keywords.entry_id        9GLS 
_struct_keywords.text            'Ubiquitin conjugating protein, E2~UB thioester mimic, LIGASE' 
_struct_keywords.pdbx_keywords   LIGASE 
# 
loop_
_struct_asym.id 
_struct_asym.pdbx_blank_PDB_chainid_flag 
_struct_asym.pdbx_modified 
_struct_asym.entity_id 
_struct_asym.details 
A N N 1 ? 
B N N 2 ? 
# 
_struct_ref.id                         1 
_struct_ref.db_name                    UNP 
_struct_ref.db_code                    UB2D2_HUMAN 
_struct_ref.pdbx_db_accession          P62837 
_struct_ref.pdbx_db_isoform            ? 
_struct_ref.entity_id                  1 
_struct_ref.pdbx_seq_one_letter_code   
;MALKRIHKELNDLARDPPAQCSAGPVGDDMFHWQATIMGPNDSPYQGGVFFLTIHFPTDYPFKPPKVAFTTRIYHPNINS
NGSICLDILRSQWSPALTISKVLLSICSLLCDPNPDDPLVPEIARIYKTDREKYNRIAREWTQKYAM
;
_struct_ref.pdbx_align_begin           1 
# 
_struct_ref_seq.align_id                      1 
_struct_ref_seq.ref_id                        1 
_struct_ref_seq.pdbx_PDB_id_code              9GLS 
_struct_ref_seq.pdbx_strand_id                AAA 
_struct_ref_seq.seq_align_beg                 2 
_struct_ref_seq.pdbx_seq_align_beg_ins_code   ? 
_struct_ref_seq.seq_align_end                 148 
_struct_ref_seq.pdbx_seq_align_end_ins_code   ? 
_struct_ref_seq.pdbx_db_accession             P62837 
_struct_ref_seq.db_align_beg                  1 
_struct_ref_seq.pdbx_db_align_beg_ins_code    ? 
_struct_ref_seq.db_align_end                  147 
_struct_ref_seq.pdbx_db_align_end_ins_code    ? 
_struct_ref_seq.pdbx_auth_seq_align_beg       1 
_struct_ref_seq.pdbx_auth_seq_align_end       147 
# 
loop_
_struct_ref_seq_dif.align_id 
_struct_ref_seq_dif.pdbx_pdb_id_code 
_struct_ref_seq_dif.mon_id 
_struct_ref_seq_dif.pdbx_pdb_strand_id 
_struct_ref_seq_dif.seq_num 
_struct_ref_seq_dif.pdbx_pdb_ins_code 
_struct_ref_seq_dif.pdbx_seq_db_name 
_struct_ref_seq_dif.pdbx_seq_db_accession_code 
_struct_ref_seq_dif.db_mon_id 
_struct_ref_seq_dif.pdbx_seq_db_seq_num 
_struct_ref_seq_dif.details 
_struct_ref_seq_dif.pdbx_auth_seq_num 
_struct_ref_seq_dif.pdbx_ordinal 
1 9GLS GLY AAA 1  ? UNP P62837 ?   ?  'expression tag'      0  1 
1 9GLS GLU AAA 86 ? UNP P62837 CYS 85 'engineered mutation' 85 2 
# 
_pdbx_struct_assembly.id                   1 
_pdbx_struct_assembly.details              author_defined_assembly 
_pdbx_struct_assembly.method_details       ? 
_pdbx_struct_assembly.oligomeric_details   monomeric 
_pdbx_struct_assembly.oligomeric_count     1 
# 
_pdbx_struct_assembly_gen.assembly_id       1 
_pdbx_struct_assembly_gen.oper_expression   1 
_pdbx_struct_assembly_gen.asym_id_list      A,B 
# 
_pdbx_struct_assembly_auth_evidence.id                     1 
_pdbx_struct_assembly_auth_evidence.assembly_id            1 
_pdbx_struct_assembly_auth_evidence.experimental_support   'gel filtration' 
_pdbx_struct_assembly_auth_evidence.details                ? 
# 
_pdbx_struct_oper_list.id                   1 
_pdbx_struct_oper_list.type                 'identity operation' 
_pdbx_struct_oper_list.name                 1_555 
_pdbx_struct_oper_list.symmetry_operation   x,y,z 
_pdbx_struct_oper_list.matrix[1][1]         1.0000000000 
_pdbx_struct_oper_list.matrix[1][2]         0.0000000000 
_pdbx_struct_oper_list.matrix[1][3]         0.0000000000 
_pdbx_struct_oper_list.vector[1]            0.0000000000 
_pdbx_struct_oper_list.matrix[2][1]         0.0000000000 
_pdbx_struct_oper_list.matrix[2][2]         1.0000000000 
_pdbx_struct_oper_list.matrix[2][3]         0.0000000000 
_pdbx_struct_oper_list.vector[2]            0.0000000000 
_pdbx_struct_oper_list.matrix[3][1]         0.0000000000 
_pdbx_struct_oper_list.matrix[3][2]         0.0000000000 
_pdbx_struct_oper_list.matrix[3][3]         1.0000000000 
_pdbx_struct_oper_list.vector[3]            0.0000000000 
# 
loop_
_struct_conf.conf_type_id 
_struct_conf.id 
_struct_conf.pdbx_PDB_helix_id 
_struct_conf.beg_label_comp_id 
_struct_conf.beg_label_asym_id 
_struct_conf.beg_label_seq_id 
_struct_conf.pdbx_beg_PDB_ins_code 
_struct_conf.end_label_comp_id 
_struct_conf.end_label_asym_id 
_struct_conf.end_label_seq_id 
_struct_conf.pdbx_end_PDB_ins_code 
_struct_conf.beg_auth_comp_id 
_struct_conf.beg_auth_asym_id 
_struct_conf.beg_auth_seq_id 
_struct_conf.end_auth_comp_id 
_struct_conf.end_auth_asym_id 
_struct_conf.end_auth_seq_id 
_struct_conf.pdbx_PDB_helix_class 
_struct_conf.details 
_struct_conf.pdbx_PDB_helix_length 
HELX_P HELX_P1 AA1 GLY A 1   ? ASP A 17  ? GLY AAA 0   ASP AAA 16  1 ? 17 
HELX_P HELX_P2 AA2 LEU A 87  ? ARG A 91  ? LEU AAA 86  ARG AAA 90  5 ? 5  
HELX_P HELX_P3 AA3 THR A 99  ? ASP A 113 ? THR AAA 98  ASP AAA 112 1 ? 15 
HELX_P HELX_P4 AA4 VAL A 121 ? ASP A 131 ? VAL AAA 120 ASP AAA 130 1 ? 11 
HELX_P HELX_P5 AA5 ASP A 131 ? ALA A 147 ? ASP AAA 130 ALA AAA 146 1 ? 17 
# 
_struct_conf_type.id          HELX_P 
_struct_conf_type.criteria    ? 
_struct_conf_type.reference   ? 
# 
_struct_mon_prot_cis.pdbx_id                1 
_struct_mon_prot_cis.label_comp_id          TYR 
_struct_mon_prot_cis.label_seq_id           61 
_struct_mon_prot_cis.label_asym_id          A 
_struct_mon_prot_cis.label_alt_id           . 
_struct_mon_prot_cis.pdbx_PDB_ins_code      ? 
_struct_mon_prot_cis.auth_comp_id           TYR 
_struct_mon_prot_cis.auth_seq_id            60 
_struct_mon_prot_cis.auth_asym_id           AAA 
_struct_mon_prot_cis.pdbx_label_comp_id_2   PRO 
_struct_mon_prot_cis.pdbx_label_seq_id_2    62 
_struct_mon_prot_cis.pdbx_label_asym_id_2   A 
_struct_mon_prot_cis.pdbx_PDB_ins_code_2    ? 
_struct_mon_prot_cis.pdbx_auth_comp_id_2    PRO 
_struct_mon_prot_cis.pdbx_auth_seq_id_2     61 
_struct_mon_prot_cis.pdbx_auth_asym_id_2    AAA 
_struct_mon_prot_cis.pdbx_PDB_model_num     1 
_struct_mon_prot_cis.pdbx_omega_angle       8.33 
# 
_struct_sheet.id               AA1 
_struct_sheet.type             ? 
_struct_sheet.number_strands   4 
_struct_sheet.details          ? 
# 
loop_
_struct_sheet_order.sheet_id 
_struct_sheet_order.range_id_1 
_struct_sheet_order.range_id_2 
_struct_sheet_order.offset 
_struct_sheet_order.sense 
AA1 1 2 ? anti-parallel 
AA1 2 3 ? anti-parallel 
AA1 3 4 ? anti-parallel 
# 
loop_
_struct_sheet_range.sheet_id 
_struct_sheet_range.id 
_struct_sheet_range.beg_label_comp_id 
_struct_sheet_range.beg_label_asym_id 
_struct_sheet_range.beg_label_seq_id 
_struct_sheet_range.pdbx_beg_PDB_ins_code 
_struct_sheet_range.end_label_comp_id 
_struct_sheet_range.end_label_asym_id 
_struct_sheet_range.end_label_seq_id 
_struct_sheet_range.pdbx_end_PDB_ins_code 
_struct_sheet_range.beg_auth_comp_id 
_struct_sheet_range.beg_auth_asym_id 
_struct_sheet_range.beg_auth_seq_id 
_struct_sheet_range.end_auth_comp_id 
_struct_sheet_range.end_auth_asym_id 
_struct_sheet_range.end_auth_seq_id 
AA1 1 CYS A 22 ? PRO A 26 ? CYS AAA 21 PRO AAA 25 
AA1 2 HIS A 33 ? MET A 39 ? HIS AAA 32 MET AAA 38 
AA1 3 VAL A 50 ? HIS A 56 ? VAL AAA 49 HIS AAA 55 
AA1 4 LYS A 67 ? PHE A 70 ? LYS AAA 66 PHE AAA 69 
# 
loop_
_pdbx_struct_sheet_hbond.sheet_id 
_pdbx_struct_sheet_hbond.range_id_1 
_pdbx_struct_sheet_hbond.range_id_2 
_pdbx_struct_sheet_hbond.range_1_label_atom_id 
_pdbx_struct_sheet_hbond.range_1_label_comp_id 
_pdbx_struct_sheet_hbond.range_1_label_asym_id 
_pdbx_struct_sheet_hbond.range_1_label_seq_id 
_pdbx_struct_sheet_hbond.range_1_PDB_ins_code 
_pdbx_struct_sheet_hbond.range_1_auth_atom_id 
_pdbx_struct_sheet_hbond.range_1_auth_comp_id 
_pdbx_struct_sheet_hbond.range_1_auth_asym_id 
_pdbx_struct_sheet_hbond.range_1_auth_seq_id 
_pdbx_struct_sheet_hbond.range_2_label_atom_id 
_pdbx_struct_sheet_hbond.range_2_label_comp_id 
_pdbx_struct_sheet_hbond.range_2_label_asym_id 
_pdbx_struct_sheet_hbond.range_2_label_seq_id 
_pdbx_struct_sheet_hbond.range_2_PDB_ins_code 
_pdbx_struct_sheet_hbond.range_2_auth_atom_id 
_pdbx_struct_sheet_hbond.range_2_auth_comp_id 
_pdbx_struct_sheet_hbond.range_2_auth_asym_id 
_pdbx_struct_sheet_hbond.range_2_auth_seq_id 
AA1 1 2 N GLY A 25 ? N GLY AAA 24 O GLN A 35 ? O GLN AAA 34 
AA1 2 3 N TRP A 34 ? N TRP AAA 33 O ILE A 55 ? O ILE AAA 54 
AA1 3 4 N HIS A 56 ? N HIS AAA 55 O LYS A 67 ? O LYS AAA 66 
# 
_pdbx_entry_details.entry_id                   9GLS 
_pdbx_entry_details.compound_details           ? 
_pdbx_entry_details.source_details             ? 
_pdbx_entry_details.nonpolymer_details         ? 
_pdbx_entry_details.sequence_details           ? 
_pdbx_entry_details.has_ligand_of_interest     ? 
_pdbx_entry_details.has_protein_modification   N 
# 
loop_
_pdbx_validate_torsion.id 
_pdbx_validate_torsion.PDB_model_num 
_pdbx_validate_torsion.auth_comp_id 
_pdbx_validate_torsion.auth_asym_id 
_pdbx_validate_torsion.auth_seq_id 
_pdbx_validate_torsion.PDB_ins_code 
_pdbx_validate_torsion.label_alt_id 
_pdbx_validate_torsion.phi 
_pdbx_validate_torsion.psi 
1 1 GLN AAA 20  ? A -145.76 13.66   
2 1 ARG AAA 90  ? ? -132.77 -104.23 
3 1 ASP AAA 112 ? ? -150.92 87.79   
4 1 ASN AAA 114 ? ? -110.05 78.76   
5 1 ASP AAA 130 ? ? -152.54 84.40   
# 
loop_
_chem_comp_atom.comp_id 
_chem_comp_atom.atom_id 
_chem_comp_atom.type_symbol 
_chem_comp_atom.pdbx_aromatic_flag 
_chem_comp_atom.pdbx_stereo_config 
_chem_comp_atom.pdbx_ordinal 
ALA N    N N N 1   
ALA CA   C N S 2   
ALA C    C N N 3   
ALA O    O N N 4   
ALA CB   C N N 5   
ALA OXT  O N N 6   
ALA H    H N N 7   
ALA H2   H N N 8   
ALA HA   H N N 9   
ALA HB1  H N N 10  
ALA HB2  H N N 11  
ALA HB3  H N N 12  
ALA HXT  H N N 13  
ARG N    N N N 14  
ARG CA   C N S 15  
ARG C    C N N 16  
ARG O    O N N 17  
ARG CB   C N N 18  
ARG CG   C N N 19  
ARG CD   C N N 20  
ARG NE   N N N 21  
ARG CZ   C N N 22  
ARG NH1  N N N 23  
ARG NH2  N N N 24  
ARG OXT  O N N 25  
ARG H    H N N 26  
ARG H2   H N N 27  
ARG HA   H N N 28  
ARG HB2  H N N 29  
ARG HB3  H N N 30  
ARG HG2  H N N 31  
ARG HG3  H N N 32  
ARG HD2  H N N 33  
ARG HD3  H N N 34  
ARG HE   H N N 35  
ARG HH11 H N N 36  
ARG HH12 H N N 37  
ARG HH21 H N N 38  
ARG HH22 H N N 39  
ARG HXT  H N N 40  
ASN N    N N N 41  
ASN CA   C N S 42  
ASN C    C N N 43  
ASN O    O N N 44  
ASN CB   C N N 45  
ASN CG   C N N 46  
ASN OD1  O N N 47  
ASN ND2  N N N 48  
ASN OXT  O N N 49  
ASN H    H N N 50  
ASN H2   H N N 51  
ASN HA   H N N 52  
ASN HB2  H N N 53  
ASN HB3  H N N 54  
ASN HD21 H N N 55  
ASN HD22 H N N 56  
ASN HXT  H N N 57  
ASP N    N N N 58  
ASP CA   C N S 59  
ASP C    C N N 60  
ASP O    O N N 61  
ASP CB   C N N 62  
ASP CG   C N N 63  
ASP OD1  O N N 64  
ASP OD2  O N N 65  
ASP OXT  O N N 66  
ASP H    H N N 67  
ASP H2   H N N 68  
ASP HA   H N N 69  
ASP HB2  H N N 70  
ASP HB3  H N N 71  
ASP HD2  H N N 72  
ASP HXT  H N N 73  
CYS N    N N N 74  
CYS CA   C N R 75  
CYS C    C N N 76  
CYS O    O N N 77  
CYS CB   C N N 78  
CYS SG   S N N 79  
CYS OXT  O N N 80  
CYS H    H N N 81  
CYS H2   H N N 82  
CYS HA   H N N 83  
CYS HB2  H N N 84  
CYS HB3  H N N 85  
CYS HG   H N N 86  
CYS HXT  H N N 87  
GLN N    N N N 88  
GLN CA   C N S 89  
GLN C    C N N 90  
GLN O    O N N 91  
GLN CB   C N N 92  
GLN CG   C N N 93  
GLN CD   C N N 94  
GLN OE1  O N N 95  
GLN NE2  N N N 96  
GLN OXT  O N N 97  
GLN H    H N N 98  
GLN H2   H N N 99  
GLN HA   H N N 100 
GLN HB2  H N N 101 
GLN HB3  H N N 102 
GLN HG2  H N N 103 
GLN HG3  H N N 104 
GLN HE21 H N N 105 
GLN HE22 H N N 106 
GLN HXT  H N N 107 
GLU N    N N N 108 
GLU CA   C N S 109 
GLU C    C N N 110 
GLU O    O N N 111 
GLU CB   C N N 112 
GLU CG   C N N 113 
GLU CD   C N N 114 
GLU OE1  O N N 115 
GLU OE2  O N N 116 
GLU OXT  O N N 117 
GLU H    H N N 118 
GLU H2   H N N 119 
GLU HA   H N N 120 
GLU HB2  H N N 121 
GLU HB3  H N N 122 
GLU HG2  H N N 123 
GLU HG3  H N N 124 
GLU HE2  H N N 125 
GLU HXT  H N N 126 
GLY N    N N N 127 
GLY CA   C N N 128 
GLY C    C N N 129 
GLY O    O N N 130 
GLY OXT  O N N 131 
GLY H    H N N 132 
GLY H2   H N N 133 
GLY HA2  H N N 134 
GLY HA3  H N N 135 
GLY HXT  H N N 136 
HIS N    N N N 137 
HIS CA   C N S 138 
HIS C    C N N 139 
HIS O    O N N 140 
HIS CB   C N N 141 
HIS CG   C Y N 142 
HIS ND1  N Y N 143 
HIS CD2  C Y N 144 
HIS CE1  C Y N 145 
HIS NE2  N Y N 146 
HIS OXT  O N N 147 
HIS H    H N N 148 
HIS H2   H N N 149 
HIS HA   H N N 150 
HIS HB2  H N N 151 
HIS HB3  H N N 152 
HIS HD1  H N N 153 
HIS HD2  H N N 154 
HIS HE1  H N N 155 
HIS HE2  H N N 156 
HIS HXT  H N N 157 
HOH O    O N N 158 
HOH H1   H N N 159 
HOH H2   H N N 160 
ILE N    N N N 161 
ILE CA   C N S 162 
ILE C    C N N 163 
ILE O    O N N 164 
ILE CB   C N S 165 
ILE CG1  C N N 166 
ILE CG2  C N N 167 
ILE CD1  C N N 168 
ILE OXT  O N N 169 
ILE H    H N N 170 
ILE H2   H N N 171 
ILE HA   H N N 172 
ILE HB   H N N 173 
ILE HG12 H N N 174 
ILE HG13 H N N 175 
ILE HG21 H N N 176 
ILE HG22 H N N 177 
ILE HG23 H N N 178 
ILE HD11 H N N 179 
ILE HD12 H N N 180 
ILE HD13 H N N 181 
ILE HXT  H N N 182 
LEU N    N N N 183 
LEU CA   C N S 184 
LEU C    C N N 185 
LEU O    O N N 186 
LEU CB   C N N 187 
LEU CG   C N N 188 
LEU CD1  C N N 189 
LEU CD2  C N N 190 
LEU OXT  O N N 191 
LEU H    H N N 192 
LEU H2   H N N 193 
LEU HA   H N N 194 
LEU HB2  H N N 195 
LEU HB3  H N N 196 
LEU HG   H N N 197 
LEU HD11 H N N 198 
LEU HD12 H N N 199 
LEU HD13 H N N 200 
LEU HD21 H N N 201 
LEU HD22 H N N 202 
LEU HD23 H N N 203 
LEU HXT  H N N 204 
LYS N    N N N 205 
LYS CA   C N S 206 
LYS C    C N N 207 
LYS O    O N N 208 
LYS CB   C N N 209 
LYS CG   C N N 210 
LYS CD   C N N 211 
LYS CE   C N N 212 
LYS NZ   N N N 213 
LYS OXT  O N N 214 
LYS H    H N N 215 
LYS H2   H N N 216 
LYS HA   H N N 217 
LYS HB2  H N N 218 
LYS HB3  H N N 219 
LYS HG2  H N N 220 
LYS HG3  H N N 221 
LYS HD2  H N N 222 
LYS HD3  H N N 223 
LYS HE2  H N N 224 
LYS HE3  H N N 225 
LYS HZ1  H N N 226 
LYS HZ2  H N N 227 
LYS HZ3  H N N 228 
LYS HXT  H N N 229 
MET N    N N N 230 
MET CA   C N S 231 
MET C    C N N 232 
MET O    O N N 233 
MET CB   C N N 234 
MET CG   C N N 235 
MET SD   S N N 236 
MET CE   C N N 237 
MET OXT  O N N 238 
MET H    H N N 239 
MET H2   H N N 240 
MET HA   H N N 241 
MET HB2  H N N 242 
MET HB3  H N N 243 
MET HG2  H N N 244 
MET HG3  H N N 245 
MET HE1  H N N 246 
MET HE2  H N N 247 
MET HE3  H N N 248 
MET HXT  H N N 249 
PHE N    N N N 250 
PHE CA   C N S 251 
PHE C    C N N 252 
PHE O    O N N 253 
PHE CB   C N N 254 
PHE CG   C Y N 255 
PHE CD1  C Y N 256 
PHE CD2  C Y N 257 
PHE CE1  C Y N 258 
PHE CE2  C Y N 259 
PHE CZ   C Y N 260 
PHE OXT  O N N 261 
PHE H    H N N 262 
PHE H2   H N N 263 
PHE HA   H N N 264 
PHE HB2  H N N 265 
PHE HB3  H N N 266 
PHE HD1  H N N 267 
PHE HD2  H N N 268 
PHE HE1  H N N 269 
PHE HE2  H N N 270 
PHE HZ   H N N 271 
PHE HXT  H N N 272 
PRO N    N N N 273 
PRO CA   C N S 274 
PRO C    C N N 275 
PRO O    O N N 276 
PRO CB   C N N 277 
PRO CG   C N N 278 
PRO CD   C N N 279 
PRO OXT  O N N 280 
PRO H    H N N 281 
PRO HA   H N N 282 
PRO HB2  H N N 283 
PRO HB3  H N N 284 
PRO HG2  H N N 285 
PRO HG3  H N N 286 
PRO HD2  H N N 287 
PRO HD3  H N N 288 
PRO HXT  H N N 289 
SER N    N N N 290 
SER CA   C N S 291 
SER C    C N N 292 
SER O    O N N 293 
SER CB   C N N 294 
SER OG   O N N 295 
SER OXT  O N N 296 
SER H    H N N 297 
SER H2   H N N 298 
SER HA   H N N 299 
SER HB2  H N N 300 
SER HB3  H N N 301 
SER HG   H N N 302 
SER HXT  H N N 303 
THR N    N N N 304 
THR CA   C N S 305 
THR C    C N N 306 
THR O    O N N 307 
THR CB   C N R 308 
THR OG1  O N N 309 
THR CG2  C N N 310 
THR OXT  O N N 311 
THR H    H N N 312 
THR H2   H N N 313 
THR HA   H N N 314 
THR HB   H N N 315 
THR HG1  H N N 316 
THR HG21 H N N 317 
THR HG22 H N N 318 
THR HG23 H N N 319 
THR HXT  H N N 320 
TRP N    N N N 321 
TRP CA   C N S 322 
TRP C    C N N 323 
TRP O    O N N 324 
TRP CB   C N N 325 
TRP CG   C Y N 326 
TRP CD1  C Y N 327 
TRP CD2  C Y N 328 
TRP NE1  N Y N 329 
TRP CE2  C Y N 330 
TRP CE3  C Y N 331 
TRP CZ2  C Y N 332 
TRP CZ3  C Y N 333 
TRP CH2  C Y N 334 
TRP OXT  O N N 335 
TRP H    H N N 336 
TRP H2   H N N 337 
TRP HA   H N N 338 
TRP HB2  H N N 339 
TRP HB3  H N N 340 
TRP HD1  H N N 341 
TRP HE1  H N N 342 
TRP HE3  H N N 343 
TRP HZ2  H N N 344 
TRP HZ3  H N N 345 
TRP HH2  H N N 346 
TRP HXT  H N N 347 
TYR N    N N N 348 
TYR CA   C N S 349 
TYR C    C N N 350 
TYR O    O N N 351 
TYR CB   C N N 352 
TYR CG   C Y N 353 
TYR CD1  C Y N 354 
TYR CD2  C Y N 355 
TYR CE1  C Y N 356 
TYR CE2  C Y N 357 
TYR CZ   C Y N 358 
TYR OH   O N N 359 
TYR OXT  O N N 360 
TYR H    H N N 361 
TYR H2   H N N 362 
TYR HA   H N N 363 
TYR HB2  H N N 364 
TYR HB3  H N N 365 
TYR HD1  H N N 366 
TYR HD2  H N N 367 
TYR HE1  H N N 368 
TYR HE2  H N N 369 
TYR HH   H N N 370 
TYR HXT  H N N 371 
VAL N    N N N 372 
VAL CA   C N S 373 
VAL C    C N N 374 
VAL O    O N N 375 
VAL CB   C N N 376 
VAL CG1  C N N 377 
VAL CG2  C N N 378 
VAL OXT  O N N 379 
VAL H    H N N 380 
VAL H2   H N N 381 
VAL HA   H N N 382 
VAL HB   H N N 383 
VAL HG11 H N N 384 
VAL HG12 H N N 385 
VAL HG13 H N N 386 
VAL HG21 H N N 387 
VAL HG22 H N N 388 
VAL HG23 H N N 389 
VAL HXT  H N N 390 
# 
loop_
_chem_comp_bond.comp_id 
_chem_comp_bond.atom_id_1 
_chem_comp_bond.atom_id_2 
_chem_comp_bond.value_order 
_chem_comp_bond.pdbx_aromatic_flag 
_chem_comp_bond.pdbx_stereo_config 
_chem_comp_bond.pdbx_ordinal 
ALA N   CA   sing N N 1   
ALA N   H    sing N N 2   
ALA N   H2   sing N N 3   
ALA CA  C    sing N N 4   
ALA CA  CB   sing N N 5   
ALA CA  HA   sing N N 6   
ALA C   O    doub N N 7   
ALA C   OXT  sing N N 8   
ALA CB  HB1  sing N N 9   
ALA CB  HB2  sing N N 10  
ALA CB  HB3  sing N N 11  
ALA OXT HXT  sing N N 12  
ARG N   CA   sing N N 13  
ARG N   H    sing N N 14  
ARG N   H2   sing N N 15  
ARG CA  C    sing N N 16  
ARG CA  CB   sing N N 17  
ARG CA  HA   sing N N 18  
ARG C   O    doub N N 19  
ARG C   OXT  sing N N 20  
ARG CB  CG   sing N N 21  
ARG CB  HB2  sing N N 22  
ARG CB  HB3  sing N N 23  
ARG CG  CD   sing N N 24  
ARG CG  HG2  sing N N 25  
ARG CG  HG3  sing N N 26  
ARG CD  NE   sing N N 27  
ARG CD  HD2  sing N N 28  
ARG CD  HD3  sing N N 29  
ARG NE  CZ   sing N N 30  
ARG NE  HE   sing N N 31  
ARG CZ  NH1  sing N N 32  
ARG CZ  NH2  doub N N 33  
ARG NH1 HH11 sing N N 34  
ARG NH1 HH12 sing N N 35  
ARG NH2 HH21 sing N N 36  
ARG NH2 HH22 sing N N 37  
ARG OXT HXT  sing N N 38  
ASN N   CA   sing N N 39  
ASN N   H    sing N N 40  
ASN N   H2   sing N N 41  
ASN CA  C    sing N N 42  
ASN CA  CB   sing N N 43  
ASN CA  HA   sing N N 44  
ASN C   O    doub N N 45  
ASN C   OXT  sing N N 46  
ASN CB  CG   sing N N 47  
ASN CB  HB2  sing N N 48  
ASN CB  HB3  sing N N 49  
ASN CG  OD1  doub N N 50  
ASN CG  ND2  sing N N 51  
ASN ND2 HD21 sing N N 52  
ASN ND2 HD22 sing N N 53  
ASN OXT HXT  sing N N 54  
ASP N   CA   sing N N 55  
ASP N   H    sing N N 56  
ASP N   H2   sing N N 57  
ASP CA  C    sing N N 58  
ASP CA  CB   sing N N 59  
ASP CA  HA   sing N N 60  
ASP C   O    doub N N 61  
ASP C   OXT  sing N N 62  
ASP CB  CG   sing N N 63  
ASP CB  HB2  sing N N 64  
ASP CB  HB3  sing N N 65  
ASP CG  OD1  doub N N 66  
ASP CG  OD2  sing N N 67  
ASP OD2 HD2  sing N N 68  
ASP OXT HXT  sing N N 69  
CYS N   CA   sing N N 70  
CYS N   H    sing N N 71  
CYS N   H2   sing N N 72  
CYS CA  C    sing N N 73  
CYS CA  CB   sing N N 74  
CYS CA  HA   sing N N 75  
CYS C   O    doub N N 76  
CYS C   OXT  sing N N 77  
CYS CB  SG   sing N N 78  
CYS CB  HB2  sing N N 79  
CYS CB  HB3  sing N N 80  
CYS SG  HG   sing N N 81  
CYS OXT HXT  sing N N 82  
GLN N   CA   sing N N 83  
GLN N   H    sing N N 84  
GLN N   H2   sing N N 85  
GLN CA  C    sing N N 86  
GLN CA  CB   sing N N 87  
GLN CA  HA   sing N N 88  
GLN C   O    doub N N 89  
GLN C   OXT  sing N N 90  
GLN CB  CG   sing N N 91  
GLN CB  HB2  sing N N 92  
GLN CB  HB3  sing N N 93  
GLN CG  CD   sing N N 94  
GLN CG  HG2  sing N N 95  
GLN CG  HG3  sing N N 96  
GLN CD  OE1  doub N N 97  
GLN CD  NE2  sing N N 98  
GLN NE2 HE21 sing N N 99  
GLN NE2 HE22 sing N N 100 
GLN OXT HXT  sing N N 101 
GLU N   CA   sing N N 102 
GLU N   H    sing N N 103 
GLU N   H2   sing N N 104 
GLU CA  C    sing N N 105 
GLU CA  CB   sing N N 106 
GLU CA  HA   sing N N 107 
GLU C   O    doub N N 108 
GLU C   OXT  sing N N 109 
GLU CB  CG   sing N N 110 
GLU CB  HB2  sing N N 111 
GLU CB  HB3  sing N N 112 
GLU CG  CD   sing N N 113 
GLU CG  HG2  sing N N 114 
GLU CG  HG3  sing N N 115 
GLU CD  OE1  doub N N 116 
GLU CD  OE2  sing N N 117 
GLU OE2 HE2  sing N N 118 
GLU OXT HXT  sing N N 119 
GLY N   CA   sing N N 120 
GLY N   H    sing N N 121 
GLY N   H2   sing N N 122 
GLY CA  C    sing N N 123 
GLY CA  HA2  sing N N 124 
GLY CA  HA3  sing N N 125 
GLY C   O    doub N N 126 
GLY C   OXT  sing N N 127 
GLY OXT HXT  sing N N 128 
HIS N   CA   sing N N 129 
HIS N   H    sing N N 130 
HIS N   H2   sing N N 131 
HIS CA  C    sing N N 132 
HIS CA  CB   sing N N 133 
HIS CA  HA   sing N N 134 
HIS C   O    doub N N 135 
HIS C   OXT  sing N N 136 
HIS CB  CG   sing N N 137 
HIS CB  HB2  sing N N 138 
HIS CB  HB3  sing N N 139 
HIS CG  ND1  sing Y N 140 
HIS CG  CD2  doub Y N 141 
HIS ND1 CE1  doub Y N 142 
HIS ND1 HD1  sing N N 143 
HIS CD2 NE2  sing Y N 144 
HIS CD2 HD2  sing N N 145 
HIS CE1 NE2  sing Y N 146 
HIS CE1 HE1  sing N N 147 
HIS NE2 HE2  sing N N 148 
HIS OXT HXT  sing N N 149 
HOH O   H1   sing N N 150 
HOH O   H2   sing N N 151 
ILE N   CA   sing N N 152 
ILE N   H    sing N N 153 
ILE N   H2   sing N N 154 
ILE CA  C    sing N N 155 
ILE CA  CB   sing N N 156 
ILE CA  HA   sing N N 157 
ILE C   O    doub N N 158 
ILE C   OXT  sing N N 159 
ILE CB  CG1  sing N N 160 
ILE CB  CG2  sing N N 161 
ILE CB  HB   sing N N 162 
ILE CG1 CD1  sing N N 163 
ILE CG1 HG12 sing N N 164 
ILE CG1 HG13 sing N N 165 
ILE CG2 HG21 sing N N 166 
ILE CG2 HG22 sing N N 167 
ILE CG2 HG23 sing N N 168 
ILE CD1 HD11 sing N N 169 
ILE CD1 HD12 sing N N 170 
ILE CD1 HD13 sing N N 171 
ILE OXT HXT  sing N N 172 
LEU N   CA   sing N N 173 
LEU N   H    sing N N 174 
LEU N   H2   sing N N 175 
LEU CA  C    sing N N 176 
LEU CA  CB   sing N N 177 
LEU CA  HA   sing N N 178 
LEU C   O    doub N N 179 
LEU C   OXT  sing N N 180 
LEU CB  CG   sing N N 181 
LEU CB  HB2  sing N N 182 
LEU CB  HB3  sing N N 183 
LEU CG  CD1  sing N N 184 
LEU CG  CD2  sing N N 185 
LEU CG  HG   sing N N 186 
LEU CD1 HD11 sing N N 187 
LEU CD1 HD12 sing N N 188 
LEU CD1 HD13 sing N N 189 
LEU CD2 HD21 sing N N 190 
LEU CD2 HD22 sing N N 191 
LEU CD2 HD23 sing N N 192 
LEU OXT HXT  sing N N 193 
LYS N   CA   sing N N 194 
LYS N   H    sing N N 195 
LYS N   H2   sing N N 196 
LYS CA  C    sing N N 197 
LYS CA  CB   sing N N 198 
LYS CA  HA   sing N N 199 
LYS C   O    doub N N 200 
LYS C   OXT  sing N N 201 
LYS CB  CG   sing N N 202 
LYS CB  HB2  sing N N 203 
LYS CB  HB3  sing N N 204 
LYS CG  CD   sing N N 205 
LYS CG  HG2  sing N N 206 
LYS CG  HG3  sing N N 207 
LYS CD  CE   sing N N 208 
LYS CD  HD2  sing N N 209 
LYS CD  HD3  sing N N 210 
LYS CE  NZ   sing N N 211 
LYS CE  HE2  sing N N 212 
LYS CE  HE3  sing N N 213 
LYS NZ  HZ1  sing N N 214 
LYS NZ  HZ2  sing N N 215 
LYS NZ  HZ3  sing N N 216 
LYS OXT HXT  sing N N 217 
MET N   CA   sing N N 218 
MET N   H    sing N N 219 
MET N   H2   sing N N 220 
MET CA  C    sing N N 221 
MET CA  CB   sing N N 222 
MET CA  HA   sing N N 223 
MET C   O    doub N N 224 
MET C   OXT  sing N N 225 
MET CB  CG   sing N N 226 
MET CB  HB2  sing N N 227 
MET CB  HB3  sing N N 228 
MET CG  SD   sing N N 229 
MET CG  HG2  sing N N 230 
MET CG  HG3  sing N N 231 
MET SD  CE   sing N N 232 
MET CE  HE1  sing N N 233 
MET CE  HE2  sing N N 234 
MET CE  HE3  sing N N 235 
MET OXT HXT  sing N N 236 
PHE N   CA   sing N N 237 
PHE N   H    sing N N 238 
PHE N   H2   sing N N 239 
PHE CA  C    sing N N 240 
PHE CA  CB   sing N N 241 
PHE CA  HA   sing N N 242 
PHE C   O    doub N N 243 
PHE C   OXT  sing N N 244 
PHE CB  CG   sing N N 245 
PHE CB  HB2  sing N N 246 
PHE CB  HB3  sing N N 247 
PHE CG  CD1  doub Y N 248 
PHE CG  CD2  sing Y N 249 
PHE CD1 CE1  sing Y N 250 
PHE CD1 HD1  sing N N 251 
PHE CD2 CE2  doub Y N 252 
PHE CD2 HD2  sing N N 253 
PHE CE1 CZ   doub Y N 254 
PHE CE1 HE1  sing N N 255 
PHE CE2 CZ   sing Y N 256 
PHE CE2 HE2  sing N N 257 
PHE CZ  HZ   sing N N 258 
PHE OXT HXT  sing N N 259 
PRO N   CA   sing N N 260 
PRO N   CD   sing N N 261 
PRO N   H    sing N N 262 
PRO CA  C    sing N N 263 
PRO CA  CB   sing N N 264 
PRO CA  HA   sing N N 265 
PRO C   O    doub N N 266 
PRO C   OXT  sing N N 267 
PRO CB  CG   sing N N 268 
PRO CB  HB2  sing N N 269 
PRO CB  HB3  sing N N 270 
PRO CG  CD   sing N N 271 
PRO CG  HG2  sing N N 272 
PRO CG  HG3  sing N N 273 
PRO CD  HD2  sing N N 274 
PRO CD  HD3  sing N N 275 
PRO OXT HXT  sing N N 276 
SER N   CA   sing N N 277 
SER N   H    sing N N 278 
SER N   H2   sing N N 279 
SER CA  C    sing N N 280 
SER CA  CB   sing N N 281 
SER CA  HA   sing N N 282 
SER C   O    doub N N 283 
SER C   OXT  sing N N 284 
SER CB  OG   sing N N 285 
SER CB  HB2  sing N N 286 
SER CB  HB3  sing N N 287 
SER OG  HG   sing N N 288 
SER OXT HXT  sing N N 289 
THR N   CA   sing N N 290 
THR N   H    sing N N 291 
THR N   H2   sing N N 292 
THR CA  C    sing N N 293 
THR CA  CB   sing N N 294 
THR CA  HA   sing N N 295 
THR C   O    doub N N 296 
THR C   OXT  sing N N 297 
THR CB  OG1  sing N N 298 
THR CB  CG2  sing N N 299 
THR CB  HB   sing N N 300 
THR OG1 HG1  sing N N 301 
THR CG2 HG21 sing N N 302 
THR CG2 HG22 sing N N 303 
THR CG2 HG23 sing N N 304 
THR OXT HXT  sing N N 305 
TRP N   CA   sing N N 306 
TRP N   H    sing N N 307 
TRP N   H2   sing N N 308 
TRP CA  C    sing N N 309 
TRP CA  CB   sing N N 310 
TRP CA  HA   sing N N 311 
TRP C   O    doub N N 312 
TRP C   OXT  sing N N 313 
TRP CB  CG   sing N N 314 
TRP CB  HB2  sing N N 315 
TRP CB  HB3  sing N N 316 
TRP CG  CD1  doub Y N 317 
TRP CG  CD2  sing Y N 318 
TRP CD1 NE1  sing Y N 319 
TRP CD1 HD1  sing N N 320 
TRP CD2 CE2  doub Y N 321 
TRP CD2 CE3  sing Y N 322 
TRP NE1 CE2  sing Y N 323 
TRP NE1 HE1  sing N N 324 
TRP CE2 CZ2  sing Y N 325 
TRP CE3 CZ3  doub Y N 326 
TRP CE3 HE3  sing N N 327 
TRP CZ2 CH2  doub Y N 328 
TRP CZ2 HZ2  sing N N 329 
TRP CZ3 CH2  sing Y N 330 
TRP CZ3 HZ3  sing N N 331 
TRP CH2 HH2  sing N N 332 
TRP OXT HXT  sing N N 333 
TYR N   CA   sing N N 334 
TYR N   H    sing N N 335 
TYR N   H2   sing N N 336 
TYR CA  C    sing N N 337 
TYR CA  CB   sing N N 338 
TYR CA  HA   sing N N 339 
TYR C   O    doub N N 340 
TYR C   OXT  sing N N 341 
TYR CB  CG   sing N N 342 
TYR CB  HB2  sing N N 343 
TYR CB  HB3  sing N N 344 
TYR CG  CD1  doub Y N 345 
TYR CG  CD2  sing Y N 346 
TYR CD1 CE1  sing Y N 347 
TYR CD1 HD1  sing N N 348 
TYR CD2 CE2  doub Y N 349 
TYR CD2 HD2  sing N N 350 
TYR CE1 CZ   doub Y N 351 
TYR CE1 HE1  sing N N 352 
TYR CE2 CZ   sing Y N 353 
TYR CE2 HE2  sing N N 354 
TYR CZ  OH   sing N N 355 
TYR OH  HH   sing N N 356 
TYR OXT HXT  sing N N 357 
VAL N   CA   sing N N 358 
VAL N   H    sing N N 359 
VAL N   H2   sing N N 360 
VAL CA  C    sing N N 361 
VAL CA  CB   sing N N 362 
VAL CA  HA   sing N N 363 
VAL C   O    doub N N 364 
VAL C   OXT  sing N N 365 
VAL CB  CG1  sing N N 366 
VAL CB  CG2  sing N N 367 
VAL CB  HB   sing N N 368 
VAL CG1 HG11 sing N N 369 
VAL CG1 HG12 sing N N 370 
VAL CG1 HG13 sing N N 371 
VAL CG2 HG21 sing N N 372 
VAL CG2 HG22 sing N N 373 
VAL CG2 HG23 sing N N 374 
VAL OXT HXT  sing N N 375 
# 
_pdbx_audit_support.funding_organization   'Israel Science Foundation' 
_pdbx_audit_support.country                Israel 
_pdbx_audit_support.grant_number           491/2021 
_pdbx_audit_support.ordinal                1 
# 
_pdbx_initial_refinement_model.id               1 
_pdbx_initial_refinement_model.entity_id_list   ? 
_pdbx_initial_refinement_model.type             'experimental model' 
_pdbx_initial_refinement_model.source_name      PDB 
_pdbx_initial_refinement_model.accession_code   2Z6O 
_pdbx_initial_refinement_model.details          ? 
# 
_atom_sites.entry_id                    9GLS 
_atom_sites.Cartn_transf_matrix[1][1]   ? 
_atom_sites.Cartn_transf_matrix[1][2]   ? 
_atom_sites.Cartn_transf_matrix[1][3]   ? 
_atom_sites.Cartn_transf_matrix[2][1]   ? 
_atom_sites.Cartn_transf_matrix[2][2]   ? 
_atom_sites.Cartn_transf_matrix[2][3]   ? 
_atom_sites.Cartn_transf_matrix[3][1]   ? 
_atom_sites.Cartn_transf_matrix[3][2]   ? 
_atom_sites.Cartn_transf_matrix[3][3]   ? 
_atom_sites.Cartn_transf_vector[1]      ? 
_atom_sites.Cartn_transf_vector[2]      ? 
_atom_sites.Cartn_transf_vector[3]      ? 
_atom_sites.Cartn_transform_axes        ? 
_atom_sites.fract_transf_matrix[1][1]   0.00876235 
_atom_sites.fract_transf_matrix[1][2]   -0.01367002 
_atom_sites.fract_transf_matrix[1][3]   0.01311140 
_atom_sites.fract_transf_matrix[2][1]   0.00636774 
_atom_sites.fract_transf_matrix[2][2]   0.01526973 
_atom_sites.fract_transf_matrix[2][3]   0.01166474 
_atom_sites.fract_transf_matrix[3][1]   -0.01346471 
_atom_sites.fract_transf_matrix[3][2]   -0.00070084 
_atom_sites.fract_transf_matrix[3][3]   0.00826778 
_atom_sites.fract_transf_vector[1]      -0.140299 
_atom_sites.fract_transf_vector[2]      0.048299 
_atom_sites.fract_transf_vector[3]      -0.050690 
_atom_sites.solution_primary            ? 
_atom_sites.solution_secondary          ? 
_atom_sites.solution_hydrogens          ? 
_atom_sites.special_details             ? 
# 
loop_
_atom_type.symbol 
_atom_type.pdbx_scat_Z 
_atom_type.pdbx_N_electrons 
_atom_type.scat_Cromer_Mann_a1 
_atom_type.scat_Cromer_Mann_b1 
_atom_type.scat_Cromer_Mann_a2 
_atom_type.scat_Cromer_Mann_b2 
_atom_type.scat_Cromer_Mann_a3 
_atom_type.scat_Cromer_Mann_b3 
_atom_type.scat_Cromer_Mann_a4 
_atom_type.scat_Cromer_Mann_b4 
_atom_type.scat_Cromer_Mann_c 
C 6  6  2.310  20.844 1.020 10.208 1.589 0.569  0.865 51.651 0.216   
H 1  1  0.493  10.511 0.323 26.126 0.140 3.142  0.041 57.800 0.003   
N 7  7  12.222 0.006  3.135 9.893  2.014 28.997 1.167 0.583  -11.538 
O 8  8  3.049  13.277 2.287 5.701  1.546 0.324  0.867 32.909 0.251   
S 16 16 6.905  1.468  5.203 22.215 1.438 0.254  1.586 56.172 1.018   
# 
loop_
_atom_site.group_PDB 
_atom_site.id 
_atom_site.type_symbol 
_atom_site.label_atom_id 
_atom_site.label_alt_id 
_atom_site.label_comp_id 
_atom_site.label_asym_id 
_atom_site.label_entity_id 
_atom_site.label_seq_id 
_atom_site.pdbx_PDB_ins_code 
_atom_site.Cartn_x 
_atom_site.Cartn_y 
_atom_site.Cartn_z 
_atom_site.occupancy 
_atom_site.B_iso_or_equiv 
_atom_site.pdbx_formal_charge 
_atom_site.auth_seq_id 
_atom_site.auth_comp_id 
_atom_site.auth_asym_id 
_atom_site.auth_atom_id 
_atom_site.pdbx_PDB_model_num 
_atom_site.calc_flag 
ATOM   1    N N   . GLY A 1 1   ? 5.023   -15.165 20.496  1.000 33.557 0 0   GLY AAA N   1 ? 
ATOM   2    C CA  . GLY A 1 1   ? 5.594   -14.132 21.354  1.000 31.750 0 0   GLY AAA CA  1 ? 
ATOM   3    C C   . GLY A 1 1   ? 5.311   -12.735 20.825  1.000 28.477 0 0   GLY AAA C   1 ? 
ATOM   4    O O   . GLY A 1 1   ? 4.143   -12.465 20.529  1.000 28.673 0 0   GLY AAA O   1 ? 
ATOM   5    N N   . MET A 1 2   ? 6.325   -11.879 20.831  1.000 24.522 0 1   MET AAA N   1 ? 
ATOM   6    C CA  . MET A 1 2   ? 6.141   -10.429 20.613  1.000 24.164 0 1   MET AAA CA  1 ? 
ATOM   7    C C   . MET A 1 2   ? 5.518   -10.184 19.233  1.000 24.649 0 1   MET AAA C   1 ? 
ATOM   8    O O   . MET A 1 2   ? 4.616   -9.320  19.149  1.000 24.161 0 1   MET AAA O   1 ? 
ATOM   9    C CB  . MET A 1 2   ? 7.457   -9.688  20.713  1.000 28.385 0 1   MET AAA CB  1 ? 
ATOM   10   C CG  . MET A 1 2   ? 7.310   -8.221  20.541  1.000 34.032 0 1   MET AAA CG  1 ? 
ATOM   11   S SD  . MET A 1 2   ? 8.757   -7.319  21.119  1.000 42.834 0 1   MET AAA SD  1 ? 
ATOM   12   C CE  . MET A 1 2   ? 9.546   -8.442  22.248  1.000 28.710 0 1   MET AAA CE  1 ? 
ATOM   13   N N   . ALA A 1 3   ? 5.993   -10.860 18.185  1.000 20.696 0 2   ALA AAA N   1 ? 
ATOM   14   C CA  . ALA A 1 3   ? 5.451   -10.615 16.822  1.000 21.654 0 2   ALA AAA CA  1 ? 
ATOM   15   C C   . ALA A 1 3   ? 3.970   -10.961 16.775  1.000 21.163 0 2   ALA AAA C   1 ? 
ATOM   16   O O   . ALA A 1 3   ? 3.166   -10.117 16.312  1.000 19.975 0 2   ALA AAA O   1 ? 
ATOM   17   C CB  . ALA A 1 3   ? 6.239   -11.405 15.820  1.000 20.120 0 2   ALA AAA CB  1 ? 
ATOM   18   N N   . LEU A 1 4   ? 3.551   -12.114 17.235  1.000 20.618 0 3   LEU AAA N   1 ? 
ATOM   19   C CA  . LEU A 1 4   ? 2.151   -12.530 17.166  1.000 21.198 0 3   LEU AAA CA  1 ? 
ATOM   20   C C   . LEU A 1 4   ? 1.292   -11.631 18.044  1.000 23.054 0 3   LEU AAA C   1 ? 
ATOM   21   O O   . LEU A 1 4   ? 0.201   -11.268 17.668  1.000 22.241 0 3   LEU AAA O   1 ? 
ATOM   22   C CB  . LEU A 1 4   ? 2.034   -14.008 17.560  1.000 24.305 0 3   LEU AAA CB  1 ? 
ATOM   23   C CG  . LEU A 1 4   ? 0.645   -14.626 17.593  1.000 31.057 0 3   LEU AAA CG  1 ? 
ATOM   24   C CD2 . LEU A 1 4   ? 0.798   -16.143 17.747  1.000 32.987 0 3   LEU AAA CD2 1 ? 
ATOM   25   N N   . LYS A 1 5   ? 1.809   -11.203 19.185  1.000 22.152 0 4   LYS AAA N   1 ? 
ATOM   26   C CA  . LYS A 1 5   ? 1.029   -10.341 20.085  1.000 24.045 0 4   LYS AAA CA  1 ? 
ATOM   27   C C   . LYS A 1 5   ? 0.781   -8.995  19.396  1.000 20.181 0 4   LYS AAA C   1 ? 
ATOM   28   O O   . LYS A 1 5   ? -0.397  -8.580  19.380  1.000 23.510 0 4   LYS AAA O   1 ? 
ATOM   29   C CB  . LYS A 1 5   ? 1.801   -10.124 21.385  1.000 27.457 0 4   LYS AAA CB  1 ? 
ATOM   30   C CG  . LYS A 1 5   ? 1.755   -11.302 22.345  1.000 32.343 0 4   LYS AAA CG  1 ? 
ATOM   31   C CD  . LYS A 1 5   ? 2.744   -11.153 23.485  1.000 38.043 0 4   LYS AAA CD  1 ? 
ATOM   32   C CE  . LYS A 1 5   ? 2.513   -12.189 24.565  1.000 42.848 0 4   LYS AAA CE  1 ? 
ATOM   33   N NZ  . LYS A 1 5   ? 3.368   -11.914 25.740  1.000 48.953 0 4   LYS AAA NZ  1 ? 
ATOM   34   N N   . ARG A 1 6   ? 1.791   -8.440  18.743  1.000 19.500 0 5   ARG AAA N   1 ? 
ATOM   35   C CA  . ARG A 1 6   ? 1.606   -7.167  18.014  1.000 18.824 0 5   ARG AAA CA  1 ? 
ATOM   36   C C   . ARG A 1 6   ? 0.687   -7.367  16.808  1.000 17.635 0 5   ARG AAA C   1 ? 
ATOM   37   O O   . ARG A 1 6   ? -0.200  -6.522  16.602  1.000 17.500 0 5   ARG AAA O   1 ? 
ATOM   38   C CB  . ARG A 1 6   ? 2.937   -6.572  17.538  1.000 18.511 0 5   ARG AAA CB  1 ? 
ATOM   39   C CG  . ARG A 1 6   ? 3.595   -5.705  18.601  1.000 19.834 0 5   ARG AAA CG  1 ? 
ATOM   40   C CD  . ARG A 1 6   ? 2.929   -4.345  18.774  1.000 18.518 0 5   ARG AAA CD  1 ? 
ATOM   41   N NE  . ARG A 1 6   ? 3.011   -3.491  17.598  1.000 20.999 0 5   ARG AAA NE  1 ? 
ATOM   42   C CZ  . ARG A 1 6   ? 3.923   -2.582  17.369  1.000 17.023 0 5   ARG AAA CZ  1 ? 
ATOM   43   N NH1 . ARG A 1 6   ? 3.904   -1.940  16.189  1.000 19.693 0 5   ARG AAA NH1 1 ? 
ATOM   44   N NH2 . ARG A 1 6   ? 4.806   -2.258  18.293  1.000 18.630 0 5   ARG AAA NH2 1 ? 
ATOM   45   N N   . ILE A 1 7   ? 0.842   -8.439  16.061  1.000 16.816 0 6   ILE AAA N   1 ? 
ATOM   46   C CA  . ILE A 1 7   ? -0.048  -8.648  14.885  1.000 17.404 0 6   ILE AAA CA  1 ? 
ATOM   47   C C   . ILE A 1 7   ? -1.506  -8.805  15.335  1.000 18.483 0 6   ILE AAA C   1 ? 
ATOM   48   O O   . ILE A 1 7   ? -2.397  -8.163  14.721  1.000 17.827 0 6   ILE AAA O   1 ? 
ATOM   49   C CB  . ILE A 1 7   ? 0.448   -9.836  14.079  1.000 16.977 0 6   ILE AAA CB  1 ? 
ATOM   50   C CG1 . ILE A 1 7   ? 1.830   -9.580  13.499  1.000 17.324 0 6   ILE AAA CG1 1 ? 
ATOM   51   C CG2 . ILE A 1 7   ? -0.541  -10.215 13.009  1.000 19.019 0 6   ILE AAA CG2 1 ? 
ATOM   52   C CD1 . ILE A 1 7   ? 2.476   -10.825 12.938  1.000 18.918 0 6   ILE AAA CD1 1 ? 
ATOM   53   N N   . HIS A 1 8   ? -1.812  -9.527  16.421  1.000 19.220 0 7   HIS AAA N   1 ? 
ATOM   54   C CA  . HIS A 1 8   ? -3.192  -9.685  16.913  1.000 20.137 0 7   HIS AAA CA  1 ? 
ATOM   55   C C   . HIS A 1 8   ? -3.728  -8.334  17.364  1.000 20.753 0 7   HIS AAA C   1 ? 
ATOM   56   O O   . HIS A 1 8   ? -4.871  -7.975  17.042  1.000 20.702 0 7   HIS AAA O   1 ? 
ATOM   57   C CB  . HIS A 1 8   ? -3.262  -10.741 18.033  1.000 21.371 0 7   HIS AAA CB  1 ? 
ATOM   58   C CG  . HIS A 1 8   ? -3.435  -12.140 17.552  1.000 26.381 0 7   HIS AAA CG  1 ? 
ATOM   59   N ND1 . HIS A 1 8   ? -4.612  -12.619 16.935  1.000 30.879 0 7   HIS AAA ND1 1 ? 
ATOM   60   C CD2 . HIS A 1 8   ? -2.596  -13.189 17.619  1.000 28.587 0 7   HIS AAA CD2 1 ? 
ATOM   61   C CE1 . HIS A 1 8   ? -4.443  -13.906 16.661  1.000 28.570 0 7   HIS AAA CE1 1 ? 
ATOM   62   N NE2 . HIS A 1 8   ? -3.227  -14.269 17.068  1.000 30.752 0 7   HIS AAA NE2 1 ? 
ATOM   63   N N   . LYS A 1 9   ? -2.921  -7.530  18.052  1.000 18.762 0 8   LYS AAA N   1 ? 
ATOM   64   C CA  . LYS A 1 9   ? -3.342  -6.212  18.521  1.000 20.970 0 8   LYS AAA CA  1 ? 
ATOM   65   C C   . LYS A 1 9   ? -3.656  -5.349  17.317  1.000 20.220 0 8   LYS AAA C   1 ? 
ATOM   66   O O   . LYS A 1 9   ? -4.635  -4.590  17.356  1.000 20.753 0 8   LYS AAA O   1 ? 
ATOM   67   C CB  . LYS A 1 9   ? -2.288  -5.555  19.396  1.000 23.140 0 8   LYS AAA CB  1 ? 
ATOM   68   C CG  . LYS A 1 9   ? -2.262  -6.120  20.807  1.000 30.082 0 8   LYS AAA CG  1 ? 
ATOM   69   C CD  . LYS A 1 9   ? -0.992  -5.825  21.520  1.000 35.135 0 8   LYS AAA CD  1 ? 
ATOM   70   C CE  . LYS A 1 9   ? -0.894  -4.390  21.960  1.000 34.259 0 8   LYS AAA CE  1 ? 
ATOM   71   N NZ  . LYS A 1 9   ? 0.307   -4.232  22.825  1.000 36.156 0 8   LYS AAA NZ  1 ? 
ATOM   72   N N   . GLU A 1 10  ? -2.789  -5.346  16.307  1.000 18.292 0 9   GLU AAA N   1 ? 
ATOM   73   C CA  . GLU A 1 10  ? -2.958  -4.412  15.174  1.000 18.296 0 9   GLU AAA CA  1 ? 
ATOM   74   C C   . GLU A 1 10  ? -4.199  -4.841  14.403  1.000 19.078 0 9   GLU AAA C   1 ? 
ATOM   75   O O   . GLU A 1 10  ? -4.903  -3.932  13.879  1.000 19.478 0 9   GLU AAA O   1 ? 
ATOM   76   C CB  . GLU A 1 10  ? -1.676  -4.392  14.347  1.000 17.884 0 9   GLU AAA CB  1 ? 
ATOM   77   C CG  . GLU A 1 10  ? -0.537  -3.683  15.039  1.000 18.464 0 9   GLU AAA CG  1 ? 
ATOM   78   C CD  . GLU A 1 10  ? 0.812   -3.621  14.329  1.000 18.669 0 9   GLU AAA CD  1 ? 
ATOM   79   O OE1 . GLU A 1 10  ? 0.811   -3.699  13.145  1.000 20.356 0 9   GLU AAA OE1 1 ? 
ATOM   80   O OE2 . GLU A 1 10  ? 1.837   -3.462  15.047  1.000 20.292 0 9   GLU AAA OE2 1 ? 
ATOM   81   N N   . LEU A 1 11  ? -4.480  -6.131  14.306  1.000 18.053 0 10  LEU AAA N   1 ? 
ATOM   82   C CA  . LEU A 1 11  ? -5.715  -6.610  13.639  1.000 20.484 0 10  LEU AAA CA  1 ? 
ATOM   83   C C   . LEU A 1 11  ? -6.949  -6.130  14.413  1.000 21.262 0 10  LEU AAA C   1 ? 
ATOM   84   O O   . LEU A 1 11  ? -7.869  -5.553  13.807  1.000 20.592 0 10  LEU AAA O   1 ? 
ATOM   85   C CB  . LEU A 1 11  ? -5.679  -8.127  13.564  1.000 20.507 0 10  LEU AAA CB  1 ? 
ATOM   86   C CG  . LEU A 1 11  ? -6.891  -8.813  12.957  1.000 24.005 0 10  LEU AAA CG  1 ? 
ATOM   87   C CD1 . LEU A 1 11  ? -7.243  -8.249  11.584  1.000 24.325 0 10  LEU AAA CD1 1 ? 
ATOM   88   C CD2 . LEU A 1 11  ? -6.594  -10.289 12.869  1.000 25.412 0 10  LEU AAA CD2 1 ? 
ATOM   89   N N   . ASN A 1 12  ? -6.930  -6.235  15.732  1.000 20.533 0 11  ASN AAA N   1 ? 
ATOM   90   C CA  . ASN A 1 12  ? -8.084  -5.775  16.539  1.000 20.861 0 11  ASN AAA CA  1 ? 
ATOM   91   C C   . ASN A 1 12  ? -8.252  -4.279  16.419  1.000 22.394 0 11  ASN AAA C   1 ? 
ATOM   92   O O   . ASN A 1 12  ? -9.394  -3.839  16.312  1.000 23.009 0 11  ASN AAA O   1 ? 
ATOM   93   C CB  . ASN A 1 12  ? -7.891  -6.197  17.987  1.000 24.063 0 11  ASN AAA CB  1 ? 
ATOM   94   C CG  . ASN A 1 12  ? -7.863  -7.702  18.141  1.000 28.703 0 11  ASN AAA CG  1 ? 
ATOM   95   O OD1 . ASN A 1 12  ? -8.327  -8.441  17.276  1.000 36.467 0 11  ASN AAA OD1 1 ? 
ATOM   96   N ND2 . ASN A 1 12  ? -7.295  -8.165  19.238  1.000 36.487 0 11  ASN AAA ND2 1 ? 
ATOM   97   N N   . ASP A 1 13  ? -7.201  -3.499  16.325  1.000 20.357 0 12  ASP AAA N   1 ? 
ATOM   98   C CA  . ASP A 1 13  ? -7.334  -2.026  16.223  1.000 22.307 0 12  ASP AAA CA  1 ? 
ATOM   99   C C   . ASP A 1 13  ? -7.937  -1.694  14.849  1.000 21.363 0 12  ASP AAA C   1 ? 
ATOM   100  O O   . ASP A 1 13  ? -8.754  -0.753  14.719  1.000 22.274 0 12  ASP AAA O   1 ? 
ATOM   101  C CB  . ASP A 1 13  ? -5.990  -1.316  16.441  1.000 27.003 0 12  ASP AAA CB  1 ? 
ATOM   102  C CG  . ASP A 1 13  ? -6.006  0.191   16.252  1.000 36.716 0 12  ASP AAA CG  1 ? 
ATOM   103  O OD1 . ASP A 1 13  ? -6.077  0.916   17.284  1.000 49.555 0 12  ASP AAA OD1 1 ? 
ATOM   104  O OD2 . ASP A 1 13  ? -5.884  0.641   15.083  1.000 51.569 0 12  ASP AAA OD2 1 ? 
ATOM   105  N N   A LEU A 1 14  ? -7.453  -2.342  13.787  0.500 20.801 0 13  LEU AAA N   1 ? 
ATOM   106  N N   B LEU A 1 14  ? -7.450  -2.351  13.798  0.500 20.917 0 13  LEU AAA N   1 ? 
ATOM   107  C CA  A LEU A 1 14  ? -8.037  -2.167  12.432  0.500 21.949 0 13  LEU AAA CA  1 ? 
ATOM   108  C CA  B LEU A 1 14  ? -7.971  -2.140  12.426  0.500 22.113 0 13  LEU AAA CA  1 ? 
ATOM   109  C C   A LEU A 1 14  ? -9.530  -2.439  12.481  0.500 22.621 0 13  LEU AAA C   1 ? 
ATOM   110  C C   B LEU A 1 14  ? -9.471  -2.484  12.409  0.500 22.541 0 13  LEU AAA C   1 ? 
ATOM   111  O O   A LEU A 1 14  ? -10.304 -1.671  11.886  0.500 24.358 0 13  LEU AAA O   1 ? 
ATOM   112  O O   B LEU A 1 14  ? -10.232 -1.714  11.784  0.500 24.516 0 13  LEU AAA O   1 ? 
ATOM   113  C CB  A LEU A 1 14  ? -7.429  -3.189  11.473  0.500 24.794 0 13  LEU AAA CB  1 ? 
ATOM   114  C CB  B LEU A 1 14  ? -7.160  -3.018  11.462  0.500 25.084 0 13  LEU AAA CB  1 ? 
ATOM   115  C CG  A LEU A 1 14  ? -6.197  -2.682  10.760  0.500 23.308 0 13  LEU AAA CG  1 ? 
ATOM   116  C CG  B LEU A 1 14  ? -7.165  -2.614  9.992   0.500 23.553 0 13  LEU AAA CG  1 ? 
ATOM   117  C CD1 A LEU A 1 14  ? -5.451  -3.857  10.173  0.500 23.062 0 13  LEU AAA CD1 1 ? 
ATOM   118  C CD1 B LEU A 1 14  ? -6.804  -1.139  9.828   0.500 25.405 0 13  LEU AAA CD1 1 ? 
ATOM   119  C CD2 A LEU A 1 14  ? -6.582  -1.681  9.676   0.500 26.068 0 13  LEU AAA CD2 1 ? 
ATOM   120  C CD2 B LEU A 1 14  ? -6.189  -3.484  9.219   0.500 25.484 0 13  LEU AAA CD2 1 ? 
ATOM   121  N N   . ALA A 1 15  ? -9.899  -3.545  13.086  1.000 21.917 0 14  ALA AAA N   1 ? 
ATOM   122  C CA  . ALA A 1 15  ? -11.315 -3.992  13.074  1.000 25.659 0 14  ALA AAA CA  1 ? 
ATOM   123  C C   . ALA A 1 15  ? -12.198 -3.075  13.927  1.000 27.580 0 14  ALA AAA C   1 ? 
ATOM   124  O O   . ALA A 1 15  ? -13.330 -2.788  13.481  1.000 29.214 0 14  ALA AAA O   1 ? 
ATOM   125  C CB  . ALA A 1 15  ? -11.413 -5.386  13.524  1.000 24.825 0 14  ALA AAA CB  1 ? 
ATOM   126  N N   A ARG A 1 16  ? -11.712 -2.626  15.083  0.500 24.226 0 15  ARG AAA N   1 ? 
ATOM   127  N N   B ARG A 1 16  ? -11.703 -2.621  15.078  0.500 26.240 0 15  ARG AAA N   1 ? 
ATOM   128  C CA  A ARG A 1 16  ? -12.486 -1.799  16.062  0.500 27.886 0 15  ARG AAA CA  1 ? 
ATOM   129  C CA  B ARG A 1 16  ? -12.460 -1.789  16.067  0.500 31.171 0 15  ARG AAA CA  1 ? 
ATOM   130  C C   A ARG A 1 16  ? -12.599 -0.365  15.540  0.500 30.784 0 15  ARG AAA C   1 ? 
ATOM   131  C C   B ARG A 1 16  ? -12.596 -0.362  15.540  0.500 32.602 0 15  ARG AAA C   1 ? 
ATOM   132  O O   A ARG A 1 16  ? -13.637 0.271   15.819  0.500 31.325 0 15  ARG AAA O   1 ? 
ATOM   133  O O   B ARG A 1 16  ? -13.644 0.263   15.807  0.500 32.839 0 15  ARG AAA O   1 ? 
ATOM   134  C CB  A ARG A 1 16  ? -11.849 -1.790  17.454  0.500 28.008 0 15  ARG AAA CB  1 ? 
ATOM   135  C CB  B ARG A 1 16  ? -11.779 -1.786  17.438  0.500 34.186 0 15  ARG AAA CB  1 ? 
ATOM   136  C CG  A ARG A 1 16  ? -11.915 -3.096  18.237  0.500 32.196 0 15  ARG AAA CG  1 ? 
ATOM   137  C CG  B ARG A 1 16  ? -12.317 -2.835  18.399  0.500 42.500 0 15  ARG AAA CG  1 ? 
ATOM   138  C CD  A ARG A 1 16  ? -11.294 -2.960  19.616  0.500 34.679 0 15  ARG AAA CD  1 ? 
ATOM   139  C CD  B ARG A 1 16  ? -11.265 -3.663  19.111  0.500 44.702 0 15  ARG AAA CD  1 ? 
ATOM   140  N NE  A ARG A 1 16  ? -10.135 -2.101  19.549  0.500 36.199 0 15  ARG AAA NE  1 ? 
ATOM   141  N NE  B ARG A 1 16  ? -11.838 -4.970  19.400  0.500 46.008 0 15  ARG AAA NE  1 ? 
ATOM   142  C CZ  A ARG A 1 16  ? -8.888  -2.495  19.755  0.500 32.002 0 15  ARG AAA CZ  1 ? 
ATOM   143  C CZ  B ARG A 1 16  ? -12.701 -5.200  20.377  0.500 41.833 0 15  ARG AAA CZ  1 ? 
ATOM   144  N NH1 A ARG A 1 16  ? -7.897  -1.628  19.633  0.500 37.605 0 15  ARG AAA NH1 1 ? 
ATOM   145  N NH1 B ARG A 1 16  ? -13.196 -6.411  20.564  0.500 40.812 0 15  ARG AAA NH1 1 ? 
ATOM   146  N NH2 A ARG A 1 16  ? -8.639  -3.739  20.113  0.500 36.306 0 15  ARG AAA NH2 1 ? 
ATOM   147  N NH2 B ARG A 1 16  ? -13.047 -4.209  21.174  0.500 44.295 0 15  ARG AAA NH2 1 ? 
ATOM   148  N N   . ASP A 1 17  ? -11.599 0.117   14.798  1.000 27.591 0 16  ASP AAA N   1 ? 
ATOM   149  C CA  . ASP A 1 17  ? -11.462 1.525   14.366  1.000 32.710 0 16  ASP AAA CA  1 ? 
ATOM   150  C C   . ASP A 1 17  ? -11.178 1.481   12.883  1.000 30.718 0 16  ASP AAA C   1 ? 
ATOM   151  O O   . ASP A 1 17  ? -10.086 1.826   12.412  1.000 28.975 0 16  ASP AAA O   1 ? 
ATOM   152  C CB  . ASP A 1 17  ? -10.310 2.263   15.045  1.000 37.118 0 16  ASP AAA CB  1 ? 
ATOM   153  C CG  . ASP A 1 17  ? -10.307 3.717   14.626  1.000 44.379 0 16  ASP AAA CG  1 ? 
ATOM   154  O OD1 . ASP A 1 17  ? -11.421 4.272   14.510  1.000 46.563 0 16  ASP AAA OD1 1 ? 
ATOM   155  O OD2 . ASP A 1 17  ? -9.208  4.267   14.360  1.000 49.942 0 16  ASP AAA OD2 1 ? 
ATOM   156  N N   . PRO A 1 18  ? -12.149 0.981   12.089  1.000 27.956 0 17  PRO AAA N   1 ? 
ATOM   157  C CA  . PRO A 1 18  ? -11.884 0.672   10.697  1.000 29.677 0 17  PRO AAA CA  1 ? 
ATOM   158  C C   . PRO A 1 18  ? -11.541 1.938   9.945   1.000 32.347 0 17  PRO AAA C   1 ? 
ATOM   159  O O   . PRO A 1 18  ? -12.098 3.009   10.179  1.000 34.680 0 17  PRO AAA O   1 ? 
ATOM   160  C CB  . PRO A 1 18  ? -13.171 0.027   10.164  1.000 30.915 0 17  PRO AAA CB  1 ? 
ATOM   161  C CG  . PRO A 1 18  ? -14.247 0.515   11.118  1.000 29.701 0 17  PRO AAA CG  1 ? 
ATOM   162  C CD  . PRO A 1 18  ? -13.542 0.677   12.443  1.000 28.935 0 17  PRO AAA CD  1 ? 
ATOM   163  N N   . PRO A 1 19  ? -10.585 1.847   9.011   1.000 29.038 0 18  PRO AAA N   1 ? 
ATOM   164  C CA  . PRO A 1 19  ? -10.475 2.871   7.979   1.000 30.252 0 18  PRO AAA CA  1 ? 
ATOM   165  C C   . PRO A 1 19  ? -11.756 2.949   7.127   1.000 32.014 0 18  PRO AAA C   1 ? 
ATOM   166  O O   . PRO A 1 19  ? -12.587 2.015   7.130   1.000 32.375 0 18  PRO AAA O   1 ? 
ATOM   167  C CB  . PRO A 1 19  ? -9.289  2.375   7.123   1.000 32.556 0 18  PRO AAA CB  1 ? 
ATOM   168  C CG  . PRO A 1 19  ? -8.601  1.279   7.956   1.000 33.823 0 18  PRO AAA CG  1 ? 
ATOM   169  C CD  . PRO A 1 19  ? -9.648  0.714   8.883   1.000 30.482 0 18  PRO AAA CD  1 ? 
ATOM   170  N N   . ALA A 1 20  ? -11.888 4.052   6.392   1.000 29.339 0 19  ALA AAA N   1 ? 
ATOM   171  C CA  . ALA A 1 20  ? -13.063 4.272   5.513   1.000 32.650 0 19  ALA AAA CA  1 ? 
ATOM   172  C C   . ALA A 1 20  ? -12.961 3.432   4.227   1.000 32.987 0 19  ALA AAA C   1 ? 
ATOM   173  O O   . ALA A 1 20  ? -14.004 2.970   3.720   1.000 34.017 0 19  ALA AAA O   1 ? 
ATOM   174  C CB  . ALA A 1 20  ? -13.217 5.749   5.197   1.000 34.258 0 19  ALA AAA CB  1 ? 
ATOM   175  N N   A GLN A 1 21  ? -11.754 3.160   3.743   0.500 26.496 0 20  GLN AAA N   1 ? 
ATOM   176  N N   B GLN A 1 21  ? -11.743 3.314   3.679   0.500 29.173 0 20  GLN AAA N   1 ? 
ATOM   177  C CA  A GLN A 1 21  ? -11.612 2.652   2.366   0.500 25.076 0 20  GLN AAA CA  1 ? 
ATOM   178  C CA  B GLN A 1 21  ? -11.525 2.927   2.263   0.500 28.468 0 20  GLN AAA CA  1 ? 
ATOM   179  C C   A GLN A 1 21  ? -10.454 1.666   2.252   0.500 20.754 0 20  GLN AAA C   1 ? 
ATOM   180  C C   B GLN A 1 21  ? -10.576 1.714   2.174   0.500 23.949 0 20  GLN AAA C   1 ? 
ATOM   181  O O   A GLN A 1 21  ? -10.070 1.371   1.104   0.500 23.959 0 20  GLN AAA O   1 ? 
ATOM   182  O O   B GLN A 1 21  ? -10.382 1.217   1.048   0.500 24.822 0 20  GLN AAA O   1 ? 
ATOM   183  C CB  A GLN A 1 21  ? -11.437 3.839   1.441   0.500 23.049 0 20  GLN AAA CB  1 ? 
ATOM   184  C CB  B GLN A 1 21  ? -11.028 4.128   1.440   0.500 31.716 0 20  GLN AAA CB  1 ? 
ATOM   185  C CG  A GLN A 1 21  ? -12.663 4.735   1.386   0.500 25.166 0 20  GLN AAA CG  1 ? 
ATOM   186  C CG  B GLN A 1 21  ? -11.956 5.354   1.363   0.500 36.930 0 20  GLN AAA CG  1 ? 
ATOM   187  C CD  A GLN A 1 21  ? -12.474 5.653   0.218   0.500 28.128 0 20  GLN AAA CD  1 ? 
ATOM   188  C CD  B GLN A 1 21  ? -13.104 5.138   0.412   0.500 39.575 0 20  GLN AAA CD  1 ? 
ATOM   189  O OE1 A GLN A 1 21  ? -11.343 5.951   -0.174  0.500 26.921 0 20  GLN AAA OE1 1 ? 
ATOM   190  O OE1 B GLN A 1 21  ? -13.786 4.119   0.530   0.500 42.861 0 20  GLN AAA OE1 1 ? 
ATOM   191  N NE2 . GLN A 1 21  ? -13.550 6.133   -0.386  1.000 41.330 0 20  GLN AAA NE2 1 ? 
ATOM   192  N N   A CYS A 1 22  ? -9.915  1.175   3.366   0.500 18.747 0 21  CYS AAA N   1 ? 
ATOM   193  N N   B CYS A 1 22  ? -10.032 1.182   3.270   0.500 21.370 0 21  CYS AAA N   1 ? 
ATOM   194  C CA  A CYS A 1 22  ? -8.931  0.060   3.323   0.500 18.909 0 21  CYS AAA CA  1 ? 
ATOM   195  C CA  B CYS A 1 22  ? -9.118  0.011   3.114   0.500 20.901 0 21  CYS AAA CA  1 ? 
ATOM   196  C C   A CYS A 1 22  ? -9.390  -1.123  4.153   0.500 19.100 0 21  CYS AAA C   1 ? 
ATOM   197  C C   B CYS A 1 22  ? -9.380  -1.097  4.131   0.500 19.983 0 21  CYS AAA C   1 ? 
ATOM   198  O O   A CYS A 1 22  ? -10.110 -0.930  5.127   0.500 18.461 0 21  CYS AAA O   1 ? 
ATOM   199  O O   B CYS A 1 22  ? -10.014 -0.830  5.169   0.500 18.913 0 21  CYS AAA O   1 ? 
ATOM   200  C CB  A CYS A 1 22  ? -7.603  0.509   3.889   0.500 18.945 0 21  CYS AAA CB  1 ? 
ATOM   201  C CB  B CYS A 1 22  ? -7.671  0.462   3.158   0.500 22.302 0 21  CYS AAA CB  1 ? 
ATOM   202  S SG  A CYS A 1 22  ? -6.848  1.850   2.934   0.500 24.155 0 21  CYS AAA SG  1 ? 
ATOM   203  S SG  B CYS A 1 22  ? -7.143  1.235   4.702   0.500 29.432 0 21  CYS AAA SG  1 ? 
ATOM   204  N N   . SER A 1 23  ? -8.918  -2.310  3.836   1.000 18.608 0 22  SER AAA N   1 ? 
ATOM   205  C CA  . SER A 1 23  ? -9.119  -3.487  4.708   1.000 19.298 0 22  SER AAA CA  1 ? 
ATOM   206  C C   . SER A 1 23  ? -7.816  -4.269  4.737   1.000 18.329 0 22  SER AAA C   1 ? 
ATOM   207  O O   . SER A 1 23  ? -7.033  -4.167  3.805   1.000 18.173 0 22  SER AAA O   1 ? 
ATOM   208  C CB  . SER A 1 23  ? -10.265 -4.346  4.209   1.000 21.244 0 22  SER AAA CB  1 ? 
ATOM   209  O OG  . SER A 1 23  ? -9.893  -5.121  3.069   1.000 22.471 0 22  SER AAA OG  1 ? 
ATOM   210  N N   . ALA A 1 24  ? -7.591  -5.044  5.773   1.000 17.401 0 23  ALA AAA N   1 ? 
ATOM   211  C CA  . ALA A 1 24  ? -6.413  -5.931  5.834   1.000 17.393 0 23  ALA AAA CA  1 ? 
ATOM   212  C C   . ALA A 1 24  ? -6.667  -6.984  6.888   1.000 16.247 0 23  ALA AAA C   1 ? 
ATOM   213  O O   . ALA A 1 24  ? -7.211  -6.641  7.958   1.000 17.737 0 23  ALA AAA O   1 ? 
ATOM   214  C CB  . ALA A 1 24  ? -5.164  -5.151  6.102   1.000 18.285 0 23  ALA AAA CB  1 ? 
ATOM   215  N N   . GLY A 1 25  ? -6.210  -8.179  6.641   1.000 15.183 0 24  GLY AAA N   1 ? 
ATOM   216  C CA  . GLY A 1 25  ? -6.225  -9.202  7.687   1.000 17.100 0 24  GLY AAA CA  1 ? 
ATOM   217  C C   . GLY A 1 25  ? -5.576  -10.465 7.197   1.000 16.072 0 24  GLY AAA C   1 ? 
ATOM   218  O O   . GLY A 1 25  ? -5.206  -10.584 6.040   1.000 16.053 0 24  GLY AAA O   1 ? 
ATOM   219  N N   . PRO A 1 26  ? -5.451  -11.467 8.067   1.000 17.538 0 25  PRO AAA N   1 ? 
ATOM   220  C CA  . PRO A 1 26  ? -4.861  -12.732 7.707   1.000 17.788 0 25  PRO AAA CA  1 ? 
ATOM   221  C C   . PRO A 1 26  ? -5.555  -13.454 6.544   1.000 18.030 0 25  PRO AAA C   1 ? 
ATOM   222  O O   . PRO A 1 26  ? -6.739  -13.331 6.396   1.000 18.872 0 25  PRO AAA O   1 ? 
ATOM   223  C CB  . PRO A 1 26  ? -5.018  -13.593 8.982   1.000 19.814 0 25  PRO AAA CB  1 ? 
ATOM   224  C CG  . PRO A 1 26  ? -5.271  -12.631 10.067  1.000 22.925 0 25  PRO AAA CG  1 ? 
ATOM   225  C CD  . PRO A 1 26  ? -5.953  -11.414 9.456   1.000 18.212 0 25  PRO AAA CD  1 ? 
ATOM   226  N N   . VAL A 1 27  ? -4.747  -14.096 5.745   1.000 19.057 0 26  VAL AAA N   1 ? 
ATOM   227  C CA  . VAL A 1 27  ? -5.316  -14.810 4.549   1.000 21.476 0 26  VAL AAA CA  1 ? 
ATOM   228  C C   . VAL A 1 27  ? -6.263  -15.920 4.973   1.000 29.347 0 26  VAL AAA C   1 ? 
ATOM   229  O O   . VAL A 1 27  ? -7.432  -15.973 4.473   1.000 31.260 0 26  VAL AAA O   1 ? 
ATOM   230  C CB  . VAL A 1 27  ? -4.218  -15.241 3.589   1.000 21.253 0 26  VAL AAA CB  1 ? 
ATOM   231  C CG1 . VAL A 1 27  ? -4.733  -16.226 2.527   1.000 24.214 0 26  VAL AAA CG1 1 ? 
ATOM   232  C CG2 . VAL A 1 27  ? -3.613  -14.007 2.966   1.000 21.700 0 26  VAL AAA CG2 1 ? 
ATOM   233  N N   . GLY A 1 28  ? -5.787  -16.745 5.875   1.000 22.869 0 27  GLY AAA N   1 ? 
ATOM   234  C CA  . GLY A 1 28  ? -6.587  -17.846 6.475   1.000 24.409 0 27  GLY AAA CA  1 ? 
ATOM   235  C C   . GLY A 1 28  ? -6.311  -17.895 7.950   1.000 23.547 0 27  GLY AAA C   1 ? 
ATOM   236  O O   . GLY A 1 28  ? -6.715  -16.941 8.648   1.000 26.641 0 27  GLY AAA O   1 ? 
ATOM   237  N N   . ASP A 1 29  ? -5.620  -18.915 8.421   1.000 23.459 0 28  ASP AAA N   1 ? 
ATOM   238  C CA  . ASP A 1 29  ? -5.224  -19.037 9.853   1.000 27.461 0 28  ASP AAA CA  1 ? 
ATOM   239  C C   . ASP A 1 29  ? -3.796  -18.570 10.093  1.000 30.450 0 28  ASP AAA C   1 ? 
ATOM   240  O O   . ASP A 1 29  ? -3.333  -18.650 11.236  1.000 31.514 0 28  ASP AAA O   1 ? 
ATOM   241  C CB  . ASP A 1 29  ? -5.409  -20.480 10.334  1.000 28.102 0 28  ASP AAA CB  1 ? 
ATOM   242  C CG  . ASP A 1 29  ? -6.872  -20.910 10.301  1.000 29.790 0 28  ASP AAA CG  1 ? 
ATOM   243  O OD1 . ASP A 1 29  ? -7.764  -20.027 10.398  1.000 39.012 0 28  ASP AAA OD1 1 ? 
ATOM   244  O OD2 . ASP A 1 29  ? -7.109  -22.108 10.118  1.000 34.308 0 28  ASP AAA OD2 1 ? 
ATOM   245  N N   . ASP A 1 30  ? -3.085  -18.151 9.058   1.000 26.308 0 29  ASP AAA N   1 ? 
ATOM   246  C CA  . ASP A 1 30  ? -1.658  -17.799 9.210   1.000 26.834 0 29  ASP AAA CA  1 ? 
ATOM   247  C C   . ASP A 1 30  ? -1.593  -16.298 9.505   1.000 24.245 0 29  ASP AAA C   1 ? 
ATOM   248  O O   . ASP A 1 30  ? -1.766  -15.487 8.605   1.000 22.667 0 29  ASP AAA O   1 ? 
ATOM   249  C CB  . ASP A 1 30  ? -0.825  -18.214 8.001   1.000 33.548 0 29  ASP AAA CB  1 ? 
ATOM   250  C CG  . ASP A 1 30  ? 0.628   -17.765 8.016   1.000 40.930 0 29  ASP AAA CG  1 ? 
ATOM   251  O OD1 . ASP A 1 30  ? 1.257   -17.920 6.946   1.000 46.594 0 29  ASP AAA OD1 1 ? 
ATOM   252  O OD2 . ASP A 1 30  ? 1.125   -17.280 9.076   1.000 35.369 0 29  ASP AAA OD2 1 ? 
ATOM   253  N N   . MET A 1 31  ? -1.285  -15.946 10.735  1.000 21.928 0 30  MET AAA N   1 ? 
ATOM   254  C CA  . MET A 1 31  ? -1.291  -14.540 11.167  1.000 20.199 0 30  MET AAA CA  1 ? 
ATOM   255  C C   . MET A 1 31  ? -0.134  -13.768 10.537  1.000 18.776 0 30  MET AAA C   1 ? 
ATOM   256  O O   . MET A 1 31  ? -0.193  -12.552 10.558  1.000 19.127 0 30  MET AAA O   1 ? 
ATOM   257  C CB  . MET A 1 31  ? -1.173  -14.458 12.695  1.000 22.856 0 30  MET AAA CB  1 ? 
ATOM   258  C CG  . MET A 1 31  ? -2.317  -15.110 13.402  1.000 28.572 0 30  MET AAA CG  1 ? 
ATOM   259  S SD  . MET A 1 31  ? -3.886  -14.364 13.025  1.000 33.132 0 30  MET AAA SD  1 ? 
ATOM   260  C CE  . MET A 1 31  ? -3.435  -12.648 13.042  1.000 26.801 0 30  MET AAA CE  1 ? 
ATOM   261  N N   . PHE A 1 32  ? 0.883   -14.400 9.989   1.000 18.754 0 31  PHE AAA N   1 ? 
ATOM   262  C CA  . PHE A 1 32  ? 2.030   -13.720 9.376   1.000 18.491 0 31  PHE AAA CA  1 ? 
ATOM   263  C C   . PHE A 1 32  ? 1.790   -13.371 7.906   1.000 17.194 0 31  PHE AAA C   1 ? 
ATOM   264  O O   . PHE A 1 32  ? 2.608   -12.632 7.378   1.000 18.537 0 31  PHE AAA O   1 ? 
ATOM   265  C CB  . PHE A 1 32  ? 3.307   -14.531 9.587   1.000 19.780 0 31  PHE AAA CB  1 ? 
ATOM   266  C CG  . PHE A 1 32  ? 3.766   -14.515 11.028  1.000 21.313 0 31  PHE AAA CG  1 ? 
ATOM   267  C CD1 . PHE A 1 32  ? 3.185   -15.326 11.991  1.000 26.753 0 31  PHE AAA CD1 1 ? 
ATOM   268  C CD2 . PHE A 1 32  ? 4.723   -13.608 11.433  1.000 22.108 0 31  PHE AAA CD2 1 ? 
ATOM   269  C CE1 . PHE A 1 32  ? 3.589   -15.246 13.329  1.000 27.183 0 31  PHE AAA CE1 1 ? 
ATOM   270  C CE2 . PHE A 1 32  ? 5.135   -13.540 12.768  1.000 22.847 0 31  PHE AAA CE2 1 ? 
ATOM   271  C CZ  . PHE A 1 32  ? 4.595   -14.382 13.700  1.000 25.705 0 31  PHE AAA CZ  1 ? 
ATOM   272  N N   A HIS A 1 33  ? 0.758   -13.926 7.264   0.500 18.470 0 32  HIS AAA N   1 ? 
ATOM   273  N N   B HIS A 1 33  ? 0.719   -13.890 7.310   0.500 18.096 0 32  HIS AAA N   1 ? 
ATOM   274  C CA  A HIS A 1 33  ? 0.455   -13.646 5.833   0.500 18.460 0 32  HIS AAA CA  1 ? 
ATOM   275  C CA  B HIS A 1 33  ? 0.429   -13.667 5.874   0.500 17.991 0 32  HIS AAA CA  1 ? 
ATOM   276  C C   A HIS A 1 33  ? -0.940  -13.029 5.749   0.500 17.106 0 32  HIS AAA C   1 ? 
ATOM   277  C C   B HIS A 1 33  ? -0.954  -13.031 5.754   0.500 16.823 0 32  HIS AAA C   1 ? 
ATOM   278  O O   A HIS A 1 33  ? -1.936  -13.695 6.098   0.500 17.636 0 32  HIS AAA O   1 ? 
ATOM   279  O O   B HIS A 1 33  ? -1.958  -13.685 6.102   0.500 17.541 0 32  HIS AAA O   1 ? 
ATOM   280  C CB  A HIS A 1 33  ? 0.525   -14.931 4.996   0.500 20.950 0 32  HIS AAA CB  1 ? 
ATOM   281  C CB  B HIS A 1 33  ? 0.507   -15.014 5.154   0.500 19.331 0 32  HIS AAA CB  1 ? 
ATOM   282  C CG  A HIS A 1 33  ? 0.156   -14.766 3.555   0.500 25.600 0 32  HIS AAA CG  1 ? 
ATOM   283  C CG  B HIS A 1 33  ? 1.909   -15.478 4.927   0.500 23.045 0 32  HIS AAA CG  1 ? 
ATOM   284  N ND1 A HIS A 1 33  ? -0.259  -15.854 2.786   0.500 29.845 0 32  HIS AAA ND1 1 ? 
ATOM   285  N ND1 B HIS A 1 33  ? 2.531   -16.454 5.690   0.500 29.207 0 32  HIS AAA ND1 1 ? 
ATOM   286  C CD2 A HIS A 1 33  ? 0.099   -13.676 2.747   0.500 29.161 0 32  HIS AAA CD2 1 ? 
ATOM   287  C CD2 B HIS A 1 33  ? 2.835   -15.081 4.033   0.500 23.013 0 32  HIS AAA CD2 1 ? 
ATOM   288  C CE1 A HIS A 1 33  ? -0.524  -15.435 1.560   0.500 32.993 0 32  HIS AAA CE1 1 ? 
ATOM   289  C CE1 B HIS A 1 33  ? 3.761   -16.642 5.246   0.500 24.529 0 32  HIS AAA CE1 1 ? 
ATOM   290  N NE2 A HIS A 1 33  ? -0.322  -14.112 1.512   0.500 31.934 0 32  HIS AAA NE2 1 ? 
ATOM   291  N NE2 B HIS A 1 33  ? 3.952   -15.846 4.207   0.500 26.267 0 32  HIS AAA NE2 1 ? 
ATOM   292  N N   . TRP A 1 34  ? -0.981  -11.753 5.353   1.000 16.133 0 33  TRP AAA N   1 ? 
ATOM   293  C CA  . TRP A 1 34  ? -2.218  -10.984 5.221   1.000 16.095 0 33  TRP AAA CA  1 ? 
ATOM   294  C C   . TRP A 1 34  ? -2.483  -10.591 3.772   1.000 15.218 0 33  TRP AAA C   1 ? 
ATOM   295  O O   . TRP A 1 34  ? -1.551  -10.566 2.978   1.000 16.541 0 33  TRP AAA O   1 ? 
ATOM   296  C CB  . TRP A 1 34  ? -2.101  -9.728  6.098   1.000 15.729 0 33  TRP AAA CB  1 ? 
ATOM   297  C CG  . TRP A 1 34  ? -2.192  -9.895  7.582   1.000 16.612 0 33  TRP AAA CG  1 ? 
ATOM   298  C CD1 . TRP A 1 34  ? -1.831  -10.953 8.368   1.000 16.504 0 33  TRP AAA CD1 1 ? 
ATOM   299  C CD2 . TRP A 1 34  ? -2.692  -8.889  8.446   1.000 15.360 0 33  TRP AAA CD2 1 ? 
ATOM   300  N NE1 . TRP A 1 34  ? -2.101  -10.646 9.688   1.000 16.283 0 33  TRP AAA NE1 1 ? 
ATOM   301  C CE2 . TRP A 1 34  ? -2.580  -9.368  9.769   1.000 15.861 0 33  TRP AAA CE2 1 ? 
ATOM   302  C CE3 . TRP A 1 34  ? -3.148  -7.590  8.239   1.000 15.294 0 33  TRP AAA CE3 1 ? 
ATOM   303  C CZ2 . TRP A 1 34  ? -3.014  -8.602  10.852  1.000 17.332 0 33  TRP AAA CZ2 1 ? 
ATOM   304  C CZ3 . TRP A 1 34  ? -3.541  -6.827  9.303   1.000 17.524 0 33  TRP AAA CZ3 1 ? 
ATOM   305  C CH2 . TRP A 1 34  ? -3.437  -7.320  10.601  1.000 18.830 0 33  TRP AAA CH2 1 ? 
ATOM   306  N N   . GLN A 1 35  ? -3.716  -10.257 3.514   1.000 16.678 0 34  GLN AAA N   1 ? 
ATOM   307  C CA  . GLN A 1 35  ? -4.134  -9.585  2.280   1.000 17.436 0 34  GLN AAA CA  1 ? 
ATOM   308  C C   . GLN A 1 35  ? -4.663  -8.238  2.718   1.000 17.050 0 34  GLN AAA C   1 ? 
ATOM   309  O O   . GLN A 1 35  ? -5.214  -8.103  3.816   1.000 17.713 0 34  GLN AAA O   1 ? 
ATOM   310  C CB  . GLN A 1 35  ? -5.234  -10.413 1.587   1.000 19.695 0 34  GLN AAA CB  1 ? 
ATOM   311  C CG  . GLN A 1 35  ? -5.898  -9.697  0.403   1.000 23.275 0 34  GLN AAA CG  1 ? 
ATOM   312  C CD  . GLN A 1 35  ? -6.997  -10.507 -0.237  1.000 26.454 0 34  GLN AAA CD  1 ? 
ATOM   313  O OE1 . GLN A 1 35  ? -6.846  -11.066 -1.333  1.000 33.273 0 34  GLN AAA OE1 1 ? 
ATOM   314  N NE2 . GLN A 1 35  ? -8.143  -10.538 0.399   1.000 29.525 0 34  GLN AAA NE2 1 ? 
ATOM   315  N N   . ALA A 1 36  ? -4.540  -7.263  1.860   1.000 15.709 0 35  ALA AAA N   1 ? 
ATOM   316  C CA  . ALA A 1 36  ? -5.170  -5.938  2.033   1.000 15.321 0 35  ALA AAA CA  1 ? 
ATOM   317  C C   . ALA A 1 36  ? -5.866  -5.523  0.771   1.000 15.345 0 35  ALA AAA C   1 ? 
ATOM   318  O O   . ALA A 1 36  ? -5.527  -5.956  -0.318  1.000 15.133 0 35  ALA AAA O   1 ? 
ATOM   319  C CB  . ALA A 1 36  ? -4.165  -4.912  2.474   1.000 16.936 0 35  ALA AAA CB  1 ? 
ATOM   320  N N   . THR A 1 37  ? -6.803  -4.602  0.943   1.000 16.482 0 36  THR AAA N   1 ? 
ATOM   321  C CA  . THR A 1 37  ? -7.442  -3.902  -0.179  1.000 17.687 0 36  THR AAA CA  1 ? 
ATOM   322  C C   . THR A 1 37  ? -7.411  -2.421  0.117   1.000 16.452 0 36  THR AAA C   1 ? 
ATOM   323  O O   . THR A 1 37  ? -7.532  -1.975  1.274   1.000 17.640 0 36  THR AAA O   1 ? 
ATOM   324  C CB  . THR A 1 37  ? -8.873  -4.373  -0.458  1.000 20.429 0 36  THR AAA CB  1 ? 
ATOM   325  O OG1 . THR A 1 37  ? -9.660  -3.960  0.638   1.000 23.473 0 36  THR AAA OG1 1 ? 
ATOM   326  C CG2 . THR A 1 37  ? -8.929  -5.863  -0.659  1.000 22.785 0 36  THR AAA CG2 1 ? 
ATOM   327  N N   . ILE A 1 38  ? -7.202  -1.637  -0.928  1.000 16.659 0 37  ILE AAA N   1 ? 
ATOM   328  C CA  . ILE A 1 38  ? -7.253  -0.177  -0.846  1.000 17.087 0 37  ILE AAA CA  1 ? 
ATOM   329  C C   . ILE A 1 38  ? -8.146  0.298   -1.971  1.000 17.268 0 37  ILE AAA C   1 ? 
ATOM   330  O O   . ILE A 1 38  ? -7.911  -0.060  -3.150  1.000 18.183 0 37  ILE AAA O   1 ? 
ATOM   331  C CB  . ILE A 1 38  ? -5.831  0.442   -0.996  1.000 19.159 0 37  ILE AAA CB  1 ? 
ATOM   332  C CG1 . ILE A 1 38  ? -4.918  0.047   0.171   1.000 19.964 0 37  ILE AAA CG1 1 ? 
ATOM   333  C CG2 . ILE A 1 38  ? -5.925  1.947   -1.206  1.000 22.003 0 37  ILE AAA CG2 1 ? 
ATOM   334  C CD1 . ILE A 1 38  ? -3.461  0.527   0.033   1.000 21.457 0 37  ILE AAA CD1 1 ? 
ATOM   335  N N   . MET A 1 39  ? -9.158  1.094   -1.644  1.000 17.304 0 38  MET AAA N   1 ? 
ATOM   336  C CA  . MET A 1 39  ? -9.979  1.755   -2.673  1.000 18.085 0 38  MET AAA CA  1 ? 
ATOM   337  C C   . MET A 1 39  ? -9.200  2.943   -3.206  1.000 17.456 0 38  MET AAA C   1 ? 
ATOM   338  O O   . MET A 1 39  ? -8.555  3.666   -2.444  1.000 19.650 0 38  MET AAA O   1 ? 
ATOM   339  C CB  . MET A 1 39  ? -11.278 2.267   -2.107  1.000 21.224 0 38  MET AAA CB  1 ? 
ATOM   340  C CG  . MET A 1 39  ? -12.256 1.182   -1.772  1.000 23.962 0 38  MET AAA CG  1 ? 
ATOM   341  S SD  . MET A 1 39  ? -13.692 1.822   -0.859  1.000 28.307 0 38  MET AAA SD  1 ? 
ATOM   342  C CE  . MET A 1 39  ? -14.480 2.932   -2.027  1.000 28.592 0 38  MET AAA CE  1 ? 
ATOM   343  N N   . GLY A 1 40  ? -9.239  3.164   -4.511  1.000 18.179 0 39  GLY AAA N   1 ? 
ATOM   344  C CA  . GLY A 1 40  ? -8.564  4.313   -5.076  1.000 18.103 0 39  GLY AAA CA  1 ? 
ATOM   345  C C   . GLY A 1 40  ? -9.083  5.586   -4.406  1.000 18.451 0 39  GLY AAA C   1 ? 
ATOM   346  O O   . GLY A 1 40  ? -10.290 5.794   -4.271  1.000 18.735 0 39  GLY AAA O   1 ? 
ATOM   347  N N   . PRO A 1 41  ? -8.199  6.471   -3.926  1.000 18.940 0 40  PRO AAA N   1 ? 
ATOM   348  C CA  . PRO A 1 41  ? -8.662  7.647   -3.207  1.000 19.218 0 40  PRO AAA CA  1 ? 
ATOM   349  C C   . PRO A 1 41  ? -9.575  8.508   -4.080  1.000 18.383 0 40  PRO AAA C   1 ? 
ATOM   350  O O   . PRO A 1 41  ? -9.360  8.694   -5.248  1.000 18.966 0 40  PRO AAA O   1 ? 
ATOM   351  C CB  . PRO A 1 41  ? -7.349  8.352   -2.836  1.000 19.632 0 40  PRO AAA CB  1 ? 
ATOM   352  C CG  . PRO A 1 41  ? -6.358  7.202   -2.670  1.000 20.812 0 40  PRO AAA CG  1 ? 
ATOM   353  C CD  . PRO A 1 41  ? -6.755  6.266   -3.777  1.000 19.916 0 40  PRO AAA CD  1 ? 
ATOM   354  N N   . ASN A 1 42  ? -10.599 9.066   -3.429  1.000 20.906 0 41  ASN AAA N   1 ? 
ATOM   355  C CA  . ASN A 1 42  ? -11.462 10.043  -4.102  1.000 19.773 0 41  ASN AAA CA  1 ? 
ATOM   356  C C   . ASN A 1 42  ? -10.641 11.239  -4.618  1.000 21.003 0 41  ASN AAA C   1 ? 
ATOM   357  O O   . ASN A 1 42  ? -9.709  11.680  -3.920  1.000 18.970 0 41  ASN AAA O   1 ? 
ATOM   358  C CB  . ASN A 1 42  ? -12.567 10.565  -3.184  1.000 24.175 0 41  ASN AAA CB  1 ? 
ATOM   359  C CG  . ASN A 1 42  ? -13.645 9.518   -3.048  1.000 34.110 0 41  ASN AAA CG  1 ? 
ATOM   360  O OD1 . ASN A 1 42  ? -13.901 8.801   -4.009  1.000 36.477 0 41  ASN AAA OD1 1 ? 
ATOM   361  N ND2 . ASN A 1 42  ? -14.247 9.431   -1.873  1.000 40.402 0 41  ASN AAA ND2 1 ? 
ATOM   362  N N   . ASP A 1 43  ? -10.921 11.705  -5.823  1.000 21.568 0 42  ASP AAA N   1 ? 
ATOM   363  C CA  . ASP A 1 43  ? -10.257 12.870  -6.450  1.000 21.674 0 42  ASP AAA CA  1 ? 
ATOM   364  C C   . ASP A 1 43  ? -8.835  12.519  -6.875  1.000 21.193 0 42  ASP AAA C   1 ? 
ATOM   365  O O   . ASP A 1 43  ? -8.049  13.426  -7.147  1.000 25.414 0 42  ASP AAA O   1 ? 
ATOM   366  C CB  . ASP A 1 43  ? -10.238 14.094  -5.519  1.000 23.744 0 42  ASP AAA CB  1 ? 
ATOM   367  C CG  . ASP A 1 43  ? -11.588 14.395  -4.887  1.000 26.869 0 42  ASP AAA CG  1 ? 
ATOM   368  O OD1 . ASP A 1 43  ? -12.608 14.227  -5.568  1.000 32.243 0 42  ASP AAA OD1 1 ? 
ATOM   369  O OD2 . ASP A 1 43  ? -11.615 14.810  -3.717  1.000 26.420 0 42  ASP AAA OD2 1 ? 
ATOM   370  N N   . SER A 1 44  ? -8.449  11.241  -6.808  1.000 20.301 0 43  SER AAA N   1 ? 
ATOM   371  C CA  . SER A 1 44  ? -7.194  10.755  -7.442  1.000 18.047 0 43  SER AAA CA  1 ? 
ATOM   372  C C   . SER A 1 44  ? -7.557  10.092  -8.761  1.000 17.735 0 43  SER AAA C   1 ? 
ATOM   373  O O   . SER A 1 44  ? -8.715  9.718   -8.972  1.000 18.897 0 43  SER AAA O   1 ? 
ATOM   374  C CB  . SER A 1 44  ? -6.494  9.799   -6.524  1.000 18.752 0 43  SER AAA CB  1 ? 
ATOM   375  O OG  . SER A 1 44  ? -7.017  8.479   -6.636  1.000 18.148 0 43  SER AAA OG  1 ? 
ATOM   376  N N   . PRO A 1 45  ? -6.566  9.851   -9.635  1.000 19.394 0 44  PRO AAA N   1 ? 
ATOM   377  C CA  . PRO A 1 45  ? -6.876  9.168   -10.880 1.000 19.413 0 44  PRO AAA CA  1 ? 
ATOM   378  C C   . PRO A 1 45  ? -7.244  7.693   -10.614 1.000 17.853 0 44  PRO AAA C   1 ? 
ATOM   379  O O   . PRO A 1 45  ? -7.672  7.019   -11.588 1.000 19.461 0 44  PRO AAA O   1 ? 
ATOM   380  C CB  . PRO A 1 45  ? -5.602  9.230   -11.699 1.000 22.783 0 44  PRO AAA CB  1 ? 
ATOM   381  C CG  . PRO A 1 45  ? -4.604  9.940   -10.863 1.000 24.560 0 44  PRO AAA CG  1 ? 
ATOM   382  C CD  . PRO A 1 45  ? -5.171  10.285  -9.512  1.000 21.981 0 44  PRO AAA CD  1 ? 
ATOM   383  N N   . TYR A 1 46  ? -7.100  7.184   -9.399  1.000 16.673 0 45  TYR AAA N   1 ? 
ATOM   384  C CA  . TYR A 1 46  ? -7.425  5.802   -9.041  1.000 16.529 0 45  TYR AAA CA  1 ? 
ATOM   385  C C   . TYR A 1 46  ? -8.846  5.646   -8.550  1.000 15.124 0 45  TYR AAA C   1 ? 
ATOM   386  O O   . TYR A 1 46  ? -9.231  4.524   -8.225  1.000 16.603 0 45  TYR AAA O   1 ? 
ATOM   387  C CB  . TYR A 1 46  ? -6.431  5.324   -8.007  1.000 16.081 0 45  TYR AAA CB  1 ? 
ATOM   388  C CG  . TYR A 1 46  ? -5.019  5.566   -8.420  1.000 15.339 0 45  TYR AAA CG  1 ? 
ATOM   389  C CD1 . TYR A 1 46  ? -4.247  6.480   -7.722  1.000 16.508 0 45  TYR AAA CD1 1 ? 
ATOM   390  C CD2 . TYR A 1 46  ? -4.407  4.952   -9.519  1.000 15.118 0 45  TYR AAA CD2 1 ? 
ATOM   391  C CE1 . TYR A 1 46  ? -2.958  6.763   -8.103  1.000 17.016 0 45  TYR AAA CE1 1 ? 
ATOM   392  C CE2 . TYR A 1 46  ? -3.124  5.217   -9.926  1.000 15.851 0 45  TYR AAA CE2 1 ? 
ATOM   393  C CZ  . TYR A 1 46  ? -2.378  6.115   -9.184  1.000 15.616 0 45  TYR AAA CZ  1 ? 
ATOM   394  O OH  . TYR A 1 46  ? -1.078  6.442   -9.552  1.000 18.575 0 45  TYR AAA OH  1 ? 
ATOM   395  N N   . GLN A 1 47  ? -9.581  6.745   -8.465  1.000 16.540 0 46  GLN AAA N   1 ? 
ATOM   396  C CA  . GLN A 1 47  ? -10.947 6.687   -7.909  1.000 17.191 0 46  GLN AAA CA  1 ? 
ATOM   397  C C   . GLN A 1 47  ? -11.792 5.640   -8.630  1.000 18.344 0 46  GLN AAA C   1 ? 
ATOM   398  O O   . GLN A 1 47  ? -11.753 5.566   -9.845  1.000 18.930 0 46  GLN AAA O   1 ? 
ATOM   399  C CB  . GLN A 1 47  ? -11.573 8.055   -8.048  1.000 20.023 0 46  GLN AAA CB  1 ? 
ATOM   400  C CG  . GLN A 1 47  ? -12.908 8.143   -7.324  1.000 24.851 0 46  GLN AAA CG  1 ? 
ATOM   401  C CD  . GLN A 1 47  ? -13.536 9.508   -7.393  1.000 28.093 0 46  GLN AAA CD  1 ? 
ATOM   402  O OE1 . GLN A 1 47  ? -12.898 10.549  -7.476  1.000 27.642 0 46  GLN AAA OE1 1 ? 
ATOM   403  N NE2 . GLN A 1 47  ? -14.860 9.492   -7.459  1.000 37.413 0 46  GLN AAA NE2 1 ? 
ATOM   404  N N   . GLY A 1 48  ? -12.506 4.808   -7.858  1.000 19.104 0 47  GLY AAA N   1 ? 
ATOM   405  C CA  . GLY A 1 48  ? -13.350 3.730   -8.398  1.000 19.988 0 47  GLY AAA CA  1 ? 
ATOM   406  C C   . GLY A 1 48  ? -12.618 2.416   -8.530  1.000 21.687 0 47  GLY AAA C   1 ? 
ATOM   407  O O   . GLY A 1 48  ? -13.264 1.378   -8.731  1.000 22.803 0 47  GLY AAA O   1 ? 
ATOM   408  N N   . GLY A 1 49  ? -11.279 2.418   -8.459  1.000 18.039 0 48  GLY AAA N   1 ? 
ATOM   409  C CA  . GLY A 1 49  ? -10.493 1.202   -8.479  1.000 19.163 0 48  GLY AAA CA  1 ? 
ATOM   410  C C   . GLY A 1 49  ? -10.445 0.541   -7.132  1.000 17.583 0 48  GLY AAA C   1 ? 
ATOM   411  O O   . GLY A 1 49  ? -10.530 1.201   -6.088  1.000 17.979 0 48  GLY AAA O   1 ? 
ATOM   412  N N   . VAL A 1 50  ? -10.262 -0.764  -7.140  1.000 17.316 0 49  VAL AAA N   1 ? 
ATOM   413  C CA  . VAL A 1 50  ? -9.929  -1.528  -5.908  1.000 17.908 0 49  VAL AAA CA  1 ? 
ATOM   414  C C   . VAL A 1 50  ? -8.631  -2.257  -6.158  1.000 17.316 0 49  VAL AAA C   1 ? 
ATOM   415  O O   . VAL A 1 50  ? -8.441  -2.941  -7.148  1.000 18.257 0 49  VAL AAA O   1 ? 
ATOM   416  C CB  . VAL A 1 50  ? -11.032 -2.534  -5.543  1.000 21.353 0 49  VAL AAA CB  1 ? 
ATOM   417  C CG1 . VAL A 1 50  ? -10.620 -3.350  -4.327  1.000 22.588 0 49  VAL AAA CG1 1 ? 
ATOM   418  C CG2 . VAL A 1 50  ? -12.358 -1.825  -5.304  1.000 22.847 0 49  VAL AAA CG2 1 ? 
ATOM   419  N N   . PHE A 1 51  ? -7.673  -2.032  -5.246  1.000 15.960 0 50  PHE AAA N   1 ? 
ATOM   420  C CA  . PHE A 1 51  ? -6.298  -2.522  -5.406  1.000 15.470 0 50  PHE AAA CA  1 ? 
ATOM   421  C C   . PHE A 1 51  ? -5.971  -3.506  -4.294  1.000 16.384 0 50  PHE AAA C   1 ? 
ATOM   422  O O   . PHE A 1 51  ? -6.260  -3.194  -3.124  1.000 17.477 0 50  PHE AAA O   1 ? 
ATOM   423  C CB  . PHE A 1 51  ? -5.323  -1.344  -5.374  1.000 16.591 0 50  PHE AAA CB  1 ? 
ATOM   424  C CG  . PHE A 1 51  ? -5.575  -0.348  -6.475  1.000 15.610 0 50  PHE AAA CG  1 ? 
ATOM   425  C CD1 . PHE A 1 51  ? -4.963  -0.477  -7.707  1.000 15.502 0 50  PHE AAA CD1 1 ? 
ATOM   426  C CD2 . PHE A 1 51  ? -6.477  0.683   -6.308  1.000 17.907 0 50  PHE AAA CD2 1 ? 
ATOM   427  C CE1 . PHE A 1 51  ? -5.257  0.401   -8.734  1.000 16.798 0 50  PHE AAA CE1 1 ? 
ATOM   428  C CE2 . PHE A 1 51  ? -6.760  1.566   -7.335  1.000 17.591 0 50  PHE AAA CE2 1 ? 
ATOM   429  C CZ  . PHE A 1 51  ? -6.142  1.409   -8.551  1.000 17.027 0 50  PHE AAA CZ  1 ? 
ATOM   430  N N   . PHE A 1 52  ? -5.514  -4.674  -4.643  1.000 15.752 0 51  PHE AAA N   1 ? 
ATOM   431  C CA  . PHE A 1 52  ? -5.198  -5.732  -3.679  1.000 15.688 0 51  PHE AAA CA  1 ? 
ATOM   432  C C   . PHE A 1 52  ? -3.720  -5.726  -3.408  1.000 15.762 0 51  PHE AAA C   1 ? 
ATOM   433  O O   . PHE A 1 52  ? -2.900  -5.400  -4.292  1.000 16.894 0 51  PHE AAA O   1 ? 
ATOM   434  C CB  . PHE A 1 52  ? -5.626  -7.077  -4.234  1.000 17.123 0 51  PHE AAA CB  1 ? 
ATOM   435  C CG  . PHE A 1 52  ? -7.117  -7.241  -4.230  1.000 20.564 0 51  PHE AAA CG  1 ? 
ATOM   436  C CD1 . PHE A 1 52  ? -7.708  -7.951  -3.197  1.000 27.282 0 51  PHE AAA CD1 1 ? 
ATOM   437  C CD2 . PHE A 1 52  ? -7.921  -6.698  -5.204  1.000 25.702 0 51  PHE AAA CD2 1 ? 
ATOM   438  C CE1 . PHE A 1 52  ? -9.084  -8.135  -3.162  1.000 29.407 0 51  PHE AAA CE1 1 ? 
ATOM   439  C CE2 . PHE A 1 52  ? -9.295  -6.848  -5.147  1.000 28.037 0 51  PHE AAA CE2 1 ? 
ATOM   440  C CZ  . PHE A 1 52  ? -9.868  -7.552  -4.129  1.000 29.181 0 51  PHE AAA CZ  1 ? 
ATOM   441  N N   . LEU A 1 53  ? -3.355  -6.134  -2.203  1.000 14.826 0 52  LEU AAA N   1 ? 
ATOM   442  C CA  . LEU A 1 53  ? -1.967  -6.190  -1.702  1.000 14.580 0 52  LEU AAA CA  1 ? 
ATOM   443  C C   . LEU A 1 53  ? -1.756  -7.463  -0.921  1.000 14.392 0 52  LEU AAA C   1 ? 
ATOM   444  O O   . LEU A 1 53  ? -2.721  -8.015  -0.355  1.000 16.343 0 52  LEU AAA O   1 ? 
ATOM   445  C CB  . LEU A 1 53  ? -1.628  -5.000  -0.794  1.000 15.051 0 52  LEU AAA CB  1 ? 
ATOM   446  C CG  . LEU A 1 53  ? -1.810  -3.615  -1.412  1.000 16.218 0 52  LEU AAA CG  1 ? 
ATOM   447  C CD1 . LEU A 1 53  ? -3.200  -3.067  -1.138  1.000 17.766 0 52  LEU AAA CD1 1 ? 
ATOM   448  C CD2 . LEU A 1 53  ? -0.736  -2.647  -0.927  1.000 18.625 0 52  LEU AAA CD2 1 ? 
ATOM   449  N N   . THR A 1 54  ? -0.515  -7.908  -0.900  1.000 15.149 0 53  THR AAA N   1 ? 
ATOM   450  C CA  . THR A 1 54  ? -0.074  -8.960  0.021   1.000 17.002 0 53  THR AAA CA  1 ? 
ATOM   451  C C   . THR A 1 54  ? 0.864   -8.393  1.062   1.000 17.612 0 53  THR AAA C   1 ? 
ATOM   452  O O   . THR A 1 54  ? 1.571   -7.437  0.772   1.000 18.808 0 53  THR AAA O   1 ? 
ATOM   453  C CB  . THR A 1 54  ? 0.615   -10.086 -0.712  1.000 19.964 0 53  THR AAA CB  1 ? 
ATOM   454  O OG1 . THR A 1 54  ? 1.769   -9.504  -1.278  1.000 22.499 0 53  THR AAA OG1 1 ? 
ATOM   455  C CG2 . THR A 1 54  ? -0.304  -10.763 -1.670  1.000 21.782 0 53  THR AAA CG2 1 ? 
ATOM   456  N N   . ILE A 1 55  ? 0.756   -8.917  2.272   1.000 16.253 0 54  ILE AAA N   1 ? 
ATOM   457  C CA  . ILE A 1 55  ? 1.583   -8.458  3.411   1.000 15.957 0 54  ILE AAA CA  1 ? 
ATOM   458  C C   . ILE A 1 55  ? 2.192   -9.675  4.090   1.000 17.241 0 54  ILE AAA C   1 ? 
ATOM   459  O O   . ILE A 1 55  ? 1.434   -10.622 4.425   1.000 18.332 0 54  ILE AAA O   1 ? 
ATOM   460  C CB  . ILE A 1 55  ? 0.718   -7.684  4.405   1.000 15.940 0 54  ILE AAA CB  1 ? 
ATOM   461  C CG1 . ILE A 1 55  ? 0.094   -6.447  3.773   1.000 18.230 0 54  ILE AAA CG1 1 ? 
ATOM   462  C CG2 . ILE A 1 55  ? 1.480   -7.359  5.687   1.000 17.277 0 54  ILE AAA CG2 1 ? 
ATOM   463  C CD1 . ILE A 1 55  ? -1.149  -6.006  4.539   1.000 19.902 0 54  ILE AAA CD1 1 ? 
ATOM   464  N N   . HIS A 1 56  ? 3.487   -9.663  4.278   1.000 15.704 0 55  HIS AAA N   1 ? 
ATOM   465  C CA  A HIS A 1 56  ? 4.186   -10.737 5.027   0.500 17.108 0 55  HIS AAA CA  1 ? 
ATOM   466  C CA  B HIS A 1 56  ? 4.210   -10.734 5.002   0.500 16.841 0 55  HIS AAA CA  1 ? 
ATOM   467  C C   . HIS A 1 56  ? 4.916   -10.099 6.203   1.000 15.550 0 55  HIS AAA C   1 ? 
ATOM   468  O O   . HIS A 1 56  ? 5.807   -9.291  5.990   1.000 18.236 0 55  HIS AAA O   1 ? 
ATOM   469  C CB  A HIS A 1 56  ? 5.127   -11.588 4.160   0.500 19.853 0 55  HIS AAA CB  1 ? 
ATOM   470  C CB  B HIS A 1 56  ? 5.147   -11.494 4.047   0.500 19.012 0 55  HIS AAA CB  1 ? 
ATOM   471  C CG  A HIS A 1 56  ? 5.463   -12.900 4.796   0.500 25.066 0 55  HIS AAA CG  1 ? 
ATOM   472  C CG  B HIS A 1 56  ? 4.438   -12.330 3.032   0.500 23.652 0 55  HIS AAA CG  1 ? 
ATOM   473  N ND1 A HIS A 1 56  ? 6.317   -13.026 5.866   0.500 33.803 0 55  HIS AAA ND1 1 ? 
ATOM   474  N ND1 B HIS A 1 56  ? 4.202   -11.885 1.742   0.500 27.381 0 55  HIS AAA ND1 1 ? 
ATOM   475  C CD2 A HIS A 1 56  ? 5.019   -14.151 4.526   0.500 32.750 0 55  HIS AAA CD2 1 ? 
ATOM   476  C CD2 B HIS A 1 56  ? 3.906   -13.570 3.111   0.500 27.200 0 55  HIS AAA CD2 1 ? 
ATOM   477  C CE1 A HIS A 1 56  ? 6.393   -14.295 6.225   0.500 29.871 0 55  HIS AAA CE1 1 ? 
ATOM   478  C CE1 B HIS A 1 56  ? 3.574   -12.820 1.058   0.500 27.284 0 55  HIS AAA CE1 1 ? 
ATOM   479  N NE2 A HIS A 1 56  ? 5.608   -15.007 5.419   0.500 33.075 0 55  HIS AAA NE2 1 ? 
ATOM   480  N NE2 B HIS A 1 56  ? 3.362   -13.860 1.886   0.500 27.787 0 55  HIS AAA NE2 1 ? 
ATOM   481  N N   . PHE A 1 57  ? 4.509   -10.483 7.385   1.000 16.224 0 56  PHE AAA N   1 ? 
ATOM   482  C CA  . PHE A 1 57  ? 5.171   -9.987  8.602   1.000 16.283 0 56  PHE AAA CA  1 ? 
ATOM   483  C C   . PHE A 1 57  ? 6.407   -10.814 8.861   1.000 17.598 0 56  PHE AAA C   1 ? 
ATOM   484  O O   . PHE A 1 57  ? 6.325   -12.021 8.809   1.000 19.435 0 56  PHE AAA O   1 ? 
ATOM   485  C CB  . PHE A 1 57  ? 4.213   -10.035 9.792   1.000 16.551 0 56  PHE AAA CB  1 ? 
ATOM   486  C CG  . PHE A 1 57  ? 3.046   -9.077  9.753   1.000 15.721 0 56  PHE AAA CG  1 ? 
ATOM   487  C CD1 . PHE A 1 57  ? 3.174   -7.784  10.231  1.000 17.027 0 56  PHE AAA CD1 1 ? 
ATOM   488  C CD2 . PHE A 1 57  ? 1.841   -9.481  9.218   1.000 18.096 0 56  PHE AAA CD2 1 ? 
ATOM   489  C CE1 . PHE A 1 57  ? 2.117   -6.889  10.190  1.000 17.894 0 56  PHE AAA CE1 1 ? 
ATOM   490  C CE2 . PHE A 1 57  ? 0.789   -8.585  9.165   1.000 17.898 0 56  PHE AAA CE2 1 ? 
ATOM   491  C CZ  . PHE A 1 57  ? 0.912   -7.296  9.642   1.000 17.735 0 56  PHE AAA CZ  1 ? 
ATOM   492  N N   . PRO A 1 58  ? 7.538   -10.204 9.251   1.000 17.659 0 57  PRO AAA N   1 ? 
ATOM   493  C CA  . PRO A 1 58  ? 8.728   -10.976 9.602   1.000 18.838 0 57  PRO AAA CA  1 ? 
ATOM   494  C C   . PRO A 1 58  ? 8.630   -11.515 11.031  1.000 19.635 0 57  PRO AAA C   1 ? 
ATOM   495  O O   . PRO A 1 58  ? 7.835   -11.061 11.828  1.000 19.521 0 57  PRO AAA O   1 ? 
ATOM   496  C CB  . PRO A 1 58  ? 9.821   -9.931  9.496   1.000 19.964 0 57  PRO AAA CB  1 ? 
ATOM   497  C CG  . PRO A 1 58  ? 9.132   -8.661  9.963   1.000 20.037 0 57  PRO AAA CG  1 ? 
ATOM   498  C CD  . PRO A 1 58  ? 7.755   -8.754  9.318   1.000 18.126 0 57  PRO AAA CD  1 ? 
ATOM   499  N N   . THR A 1 59  ? 9.461   -12.524 11.344  1.000 22.836 0 58  THR AAA N   1 ? 
ATOM   500  C CA  . THR A 1 59  ? 9.446   -13.177 12.688  1.000 22.973 0 58  THR AAA CA  1 ? 
ATOM   501  C C   . THR A 1 59  ? 9.827   -12.171 13.778  1.000 22.353 0 58  THR AAA C   1 ? 
ATOM   502  O O   . THR A 1 59  ? 9.361   -12.391 14.893  1.000 24.852 0 58  THR AAA O   1 ? 
ATOM   503  C CB  . THR A 1 59  ? 10.308  -14.454 12.679  1.000 25.495 0 58  THR AAA CB  1 ? 
ATOM   504  O OG1 . THR A 1 59  ? 11.592  -14.061 12.233  1.000 32.987 0 58  THR AAA OG1 1 ? 
ATOM   505  C CG2 . THR A 1 59  ? 9.690   -15.507 11.787  1.000 29.896 0 58  THR AAA CG2 1 ? 
ATOM   506  N N   . ASP A 1 60  ? 10.587  -11.154 13.429  1.000 21.213 0 59  ASP AAA N   1 ? 
ATOM   507  C CA  . ASP A 1 60  ? 11.046  -10.153 14.420  1.000 21.251 0 59  ASP AAA CA  1 ? 
ATOM   508  C C   . ASP A 1 60  ? 10.220  -8.873  14.327  1.000 21.066 0 59  ASP AAA C   1 ? 
ATOM   509  O O   . ASP A 1 60  ? 10.637  -7.863  14.895  1.000 19.979 0 59  ASP AAA O   1 ? 
ATOM   510  C CB  . ASP A 1 60  ? 12.523  -9.839  14.290  1.000 26.589 0 59  ASP AAA CB  1 ? 
ATOM   511  C CG  . ASP A 1 60  ? 13.056  -9.515  12.937  1.000 33.875 0 59  ASP AAA CG  1 ? 
ATOM   512  O OD1 . ASP A 1 60  ? 12.245  -9.358  11.968  1.000 35.865 0 59  ASP AAA OD1 1 ? 
ATOM   513  O OD2 . ASP A 1 60  ? 14.306  -9.475  12.860  1.000 37.932 0 59  ASP AAA OD2 1 ? 
ATOM   514  N N   . TYR A 1 61  ? 9.021   -8.962  13.735  1.000 19.175 0 60  TYR AAA N   1 ? 
ATOM   515  C CA  . TYR A 1 61  ? 8.027   -7.864  13.883  1.000 17.659 0 60  TYR AAA CA  1 ? 
ATOM   516  C C   . TYR A 1 61  ? 7.832   -7.606  15.378  1.000 17.828 0 60  TYR AAA C   1 ? 
ATOM   517  O O   . TYR A 1 61  ? 7.748   -8.561  16.148  1.000 19.163 0 60  TYR AAA O   1 ? 
ATOM   518  C CB  . TYR A 1 61  ? 6.706   -8.266  13.258  1.000 17.555 0 60  TYR AAA CB  1 ? 
ATOM   519  C CG  . TYR A 1 61  ? 5.804   -7.085  12.999  1.000 16.341 0 60  TYR AAA CG  1 ? 
ATOM   520  C CD1 . TYR A 1 61  ? 6.104   -6.140  12.027  1.000 15.456 0 60  TYR AAA CD1 1 ? 
ATOM   521  C CD2 . TYR A 1 61  ? 4.608   -6.956  13.672  1.000 16.390 0 60  TYR AAA CD2 1 ? 
ATOM   522  C CE1 . TYR A 1 61  ? 5.262   -5.075  11.771  1.000 16.737 0 60  TYR AAA CE1 1 ? 
ATOM   523  C CE2 . TYR A 1 61  ? 3.780   -5.867  13.451  1.000 17.020 0 60  TYR AAA CE2 1 ? 
ATOM   524  C CZ  . TYR A 1 61  ? 4.096   -4.958  12.475  1.000 15.589 0 60  TYR AAA CZ  1 ? 
ATOM   525  O OH  . TYR A 1 61  ? 3.295   -3.887  12.130  1.000 16.303 0 60  TYR AAA OH  1 ? 
ATOM   526  N N   . PRO A 1 62  ? 7.717   -6.370  15.889  1.000 16.365 0 61  PRO AAA N   1 ? 
ATOM   527  C CA  . PRO A 1 62  ? 7.585   -5.112  15.137  1.000 15.912 0 61  PRO AAA CA  1 ? 
ATOM   528  C C   . PRO A 1 62  ? 8.881   -4.381  14.821  1.000 15.882 0 61  PRO AAA C   1 ? 
ATOM   529  O O   . PRO A 1 62  ? 8.862   -3.205  14.499  1.000 16.847 0 61  PRO AAA O   1 ? 
ATOM   530  C CB  . PRO A 1 62  ? 6.722   -4.270  16.079  1.000 16.139 0 61  PRO AAA CB  1 ? 
ATOM   531  C CG  . PRO A 1 62  ? 7.277   -4.668  17.462  1.000 17.312 0 61  PRO AAA CG  1 ? 
ATOM   532  C CD  . PRO A 1 62  ? 7.458   -6.159  17.344  1.000 18.365 0 61  PRO AAA CD  1 ? 
ATOM   533  N N   . PHE A 1 63  ? 10.036  -5.063  14.933  1.000 17.527 0 62  PHE AAA N   1 ? 
ATOM   534  C CA  . PHE A 1 63  ? 11.354  -4.400  14.841  1.000 17.275 0 62  PHE AAA CA  1 ? 
ATOM   535  C C   . PHE A 1 63  ? 11.903  -4.372  13.433  1.000 19.665 0 62  PHE AAA C   1 ? 
ATOM   536  O O   . PHE A 1 63  ? 12.902  -3.721  13.182  1.000 22.102 0 62  PHE AAA O   1 ? 
ATOM   537  C CB  . PHE A 1 63  ? 12.340  -5.000  15.868  1.000 19.584 0 62  PHE AAA CB  1 ? 
ATOM   538  C CG  . PHE A 1 63  ? 11.782  -4.799  17.246  1.000 22.078 0 62  PHE AAA CG  1 ? 
ATOM   539  C CD1 . PHE A 1 63  ? 11.156  -5.819  17.907  1.000 23.835 0 62  PHE AAA CD1 1 ? 
ATOM   540  C CD2 . PHE A 1 63  ? 11.885  -3.537  17.808  1.000 24.300 0 62  PHE AAA CD2 1 ? 
ATOM   541  C CE1 . PHE A 1 63  ? 10.617  -5.570  19.159  1.000 26.301 0 62  PHE AAA CE1 1 ? 
ATOM   542  C CE2 . PHE A 1 63  ? 11.338  -3.292  19.061  1.000 26.128 0 62  PHE AAA CE2 1 ? 
ATOM   543  C CZ  . PHE A 1 63  ? 10.691  -4.309  19.675  1.000 22.338 0 62  PHE AAA CZ  1 ? 
ATOM   544  N N   . LYS A 1 64  ? 11.219  -5.064  12.518  1.000 18.862 0 63  LYS AAA N   1 ? 
ATOM   545  C CA  . LYS A 1 64  ? 11.516  -4.987  11.066  1.000 19.427 0 63  LYS AAA CA  1 ? 
ATOM   546  C C   . LYS A 1 64  ? 10.183  -4.820  10.363  1.000 17.051 0 63  LYS AAA C   1 ? 
ATOM   547  O O   . LYS A 1 64  ? 9.160   -5.251  10.893  1.000 16.975 0 63  LYS AAA O   1 ? 
ATOM   548  C CB  . LYS A 1 64  ? 12.220  -6.243  10.576  1.000 21.041 0 63  LYS AAA CB  1 ? 
ATOM   549  C CG  . LYS A 1 64  ? 13.651  -6.411  11.090  1.000 25.750 0 63  LYS AAA CG  1 ? 
ATOM   550  C CD  . LYS A 1 64  ? 14.558  -7.268  10.229  1.000 33.988 0 63  LYS AAA CD  1 ? 
ATOM   551  N N   . PRO A 1 65  ? 10.189  -4.100  9.220   1.000 17.567 0 64  PRO AAA N   1 ? 
ATOM   552  C CA  . PRO A 1 65  ? 8.939   -3.846  8.510   1.000 16.808 0 64  PRO AAA CA  1 ? 
ATOM   553  C C   . PRO A 1 65  ? 8.298   -5.067  7.893   1.000 16.780 0 64  PRO AAA C   1 ? 
ATOM   554  O O   . PRO A 1 65  ? 8.949   -6.045  7.549   1.000 17.844 0 64  PRO AAA O   1 ? 
ATOM   555  C CB  . PRO A 1 65  ? 9.367   -2.892  7.418   1.000 16.761 0 64  PRO AAA CB  1 ? 
ATOM   556  C CG  . PRO A 1 65  ? 10.783  -3.239  7.167   1.000 18.131 0 64  PRO AAA CG  1 ? 
ATOM   557  C CD  . PRO A 1 65  ? 11.370  -3.574  8.527   1.000 18.109 0 64  PRO AAA CD  1 ? 
ATOM   558  N N   . PRO A 1 66  ? 6.975   -5.016  7.715   1.000 16.198 0 65  PRO AAA N   1 ? 
ATOM   559  C CA  . PRO A 1 66  ? 6.323   -5.994  6.864   1.000 16.592 0 65  PRO AAA CA  1 ? 
ATOM   560  C C   . PRO A 1 66  ? 6.793   -5.839  5.402   1.000 16.463 0 65  PRO AAA C   1 ? 
ATOM   561  O O   . PRO A 1 66  ? 7.160   -4.749  5.006   1.000 15.867 0 65  PRO AAA O   1 ? 
ATOM   562  C CB  . PRO A 1 66  ? 4.839   -5.672  7.021   1.000 18.487 0 65  PRO AAA CB  1 ? 
ATOM   563  C CG  . PRO A 1 66  ? 4.800   -4.236  7.259   1.000 20.525 0 65  PRO AAA CG  1 ? 
ATOM   564  C CD  . PRO A 1 66  ? 6.070   -3.904  8.039   1.000 17.548 0 65  PRO AAA CD  1 ? 
ATOM   565  N N   . LYS A 1 67  ? 6.755   -6.938  4.668   1.000 15.533 0 66  LYS AAA N   1 ? 
ATOM   566  C CA  . LYS A 1 67  ? 6.950   -6.896  3.201   1.000 16.313 0 66  LYS AAA CA  1 ? 
ATOM   567  C C   . LYS A 1 67  ? 5.570   -6.757  2.563   1.000 16.562 0 66  LYS AAA C   1 ? 
ATOM   568  O O   . LYS A 1 67  ? 4.645   -7.539  2.854   1.000 17.397 0 66  LYS AAA O   1 ? 
ATOM   569  C CB  . LYS A 1 67  ? 7.570   -8.194  2.705   1.000 18.533 0 66  LYS AAA CB  1 ? 
ATOM   570  C CG  . LYS A 1 67  ? 8.047   -8.131  1.259   1.000 27.558 0 66  LYS AAA CG  1 ? 
ATOM   571  N N   . VAL A 1 68  ? 5.397   -5.718  1.794   1.000 15.486 0 67  VAL AAA N   1 ? 
ATOM   572  C CA  . VAL A 1 68  ? 4.096   -5.348  1.232   1.000 16.943 0 67  VAL AAA CA  1 ? 
ATOM   573  C C   . VAL A 1 68  ? 4.257   -5.189  -0.269  1.000 16.601 0 67  VAL AAA C   1 ? 
ATOM   574  O O   . VAL A 1 68  ? 5.184   -4.505  -0.714  1.000 19.095 0 67  VAL AAA O   1 ? 
ATOM   575  C CB  . VAL A 1 68  ? 3.561   -4.059  1.860   1.000 17.037 0 67  VAL AAA CB  1 ? 
ATOM   576  C CG1 . VAL A 1 68  ? 2.153   -3.765  1.332   1.000 18.015 0 67  VAL AAA CG1 1 ? 
ATOM   577  C CG2 . VAL A 1 68  ? 3.584   -4.076  3.376   1.000 18.547 0 67  VAL AAA CG2 1 ? 
ATOM   578  N N   . ALA A 1 69  ? 3.352   -5.760  -1.044  1.000 16.476 0 68  ALA AAA N   1 ? 
ATOM   579  C CA  . ALA A 1 69  ? 3.359   -5.603  -2.525  1.000 17.386 0 68  ALA AAA CA  1 ? 
ATOM   580  C C   . ALA A 1 69  ? 1.950   -5.540  -3.037  1.000 15.193 0 68  ALA AAA C   1 ? 
ATOM   581  O O   . ALA A 1 69  ? 1.040   -6.180  -2.503  1.000 15.668 0 68  ALA AAA O   1 ? 
ATOM   582  C CB  . ALA A 1 69  ? 4.089   -6.725  -3.160  1.000 18.811 0 68  ALA AAA CB  1 ? 
ATOM   583  N N   . PHE A 1 70  ? 1.745   -4.796  -4.099  1.000 15.621 0 69  PHE AAA N   1 ? 
ATOM   584  C CA  . PHE A 1 70  ? 0.451   -4.815  -4.845  1.000 15.562 0 69  PHE AAA CA  1 ? 
ATOM   585  C C   . PHE A 1 70  ? 0.330   -6.095  -5.667  1.000 16.232 0 69  PHE AAA C   1 ? 
ATOM   586  O O   . PHE A 1 70  ? 1.342   -6.592  -6.221  1.000 18.860 0 69  PHE AAA O   1 ? 
ATOM   587  C CB  . PHE A 1 70  ? 0.336   -3.598  -5.752  1.000 16.678 0 69  PHE AAA CB  1 ? 
ATOM   588  C CG  . PHE A 1 70  ? -0.059  -2.329  -5.063  1.000 16.174 0 69  PHE AAA CG  1 ? 
ATOM   589  C CD1 . PHE A 1 70  ? -1.370  -1.928  -5.070  1.000 19.281 0 69  PHE AAA CD1 1 ? 
ATOM   590  C CD2 . PHE A 1 70  ? 0.833   -1.544  -4.382  1.000 17.280 0 69  PHE AAA CD2 1 ? 
ATOM   591  C CE1 . PHE A 1 70  ? -1.773  -0.734  -4.469  1.000 21.238 0 69  PHE AAA CE1 1 ? 
ATOM   592  C CE2 . PHE A 1 70  ? 0.433   -0.380  -3.757  1.000 17.390 0 69  PHE AAA CE2 1 ? 
ATOM   593  C CZ  . PHE A 1 70  ? -0.871  0.033   -3.780  1.000 16.999 0 69  PHE AAA CZ  1 ? 
ATOM   594  N N   . THR A 1 71  ? -0.869  -6.615  -5.763  1.000 17.016 0 70  THR AAA N   1 ? 
ATOM   595  C CA  . THR A 1 71  ? -1.148  -7.724  -6.708  1.000 17.962 0 70  THR AAA CA  1 ? 
ATOM   596  C C   . THR A 1 71  ? -2.078  -7.222  -7.798  1.000 19.498 0 70  THR AAA C   1 ? 
ATOM   597  O O   . THR A 1 71  ? -2.458  -8.040  -8.661  1.000 29.518 0 70  THR AAA O   1 ? 
ATOM   598  C CB  . THR A 1 71  ? -1.748  -8.913  -5.978  1.000 20.841 0 70  THR AAA CB  1 ? 
ATOM   599  O OG1 . THR A 1 71  ? -2.949  -8.577  -5.323  1.000 23.475 0 70  THR AAA OG1 1 ? 
ATOM   600  C CG2 . THR A 1 71  ? -0.803  -9.436  -4.924  1.000 23.064 0 70  THR AAA CG2 1 ? 
ATOM   601  N N   . THR A 1 72  ? -2.527  -6.005  -7.782  1.000 16.205 0 71  THR AAA N   1 ? 
ATOM   602  C CA  . THR A 1 72  ? -3.302  -5.308  -8.831  1.000 16.822 0 71  THR AAA CA  1 ? 
ATOM   603  C C   . THR A 1 72  ? -2.349  -4.388  -9.571  1.000 17.113 0 71  THR AAA C   1 ? 
ATOM   604  O O   . THR A 1 72  ? -1.591  -3.655  -8.937  1.000 17.705 0 71  THR AAA O   1 ? 
ATOM   605  C CB  . THR A 1 72  ? -4.434  -4.514  -8.210  1.000 16.901 0 71  THR AAA CB  1 ? 
ATOM   606  O OG1 . THR A 1 72  ? -5.231  -5.330  -7.389  1.000 17.596 0 71  THR AAA OG1 1 ? 
ATOM   607  C CG2 . THR A 1 72  ? -5.303  -3.861  -9.266  1.000 16.637 0 71  THR AAA CG2 1 ? 
ATOM   608  N N   A ARG A 1 73  ? -2.368  -4.356  -10.897 0.500 16.401 0 72  ARG AAA N   1 ? 
ATOM   609  N N   B ARG A 1 73  ? -2.359  -4.362  -10.899 0.500 16.447 0 72  ARG AAA N   1 ? 
ATOM   610  C CA  A ARG A 1 73  ? -1.503  -3.466  -11.686 0.500 16.074 0 72  ARG AAA CA  1 ? 
ATOM   611  C CA  B ARG A 1 73  ? -1.504  -3.461  -11.688 0.500 16.190 0 72  ARG AAA CA  1 ? 
ATOM   612  C C   A ARG A 1 73  ? -1.969  -2.035  -11.467 0.500 16.506 0 72  ARG AAA C   1 ? 
ATOM   613  C C   B ARG A 1 73  ? -1.969  -2.034  -11.458 0.500 16.561 0 72  ARG AAA C   1 ? 
ATOM   614  O O   A ARG A 1 73  ? -3.189  -1.812  -11.344 0.500 16.838 0 72  ARG AAA O   1 ? 
ATOM   615  O O   B ARG A 1 73  ? -3.190  -1.811  -11.338 0.500 16.850 0 72  ARG AAA O   1 ? 
ATOM   616  C CB  A ARG A 1 73  ? -1.607  -3.867  -13.170 0.500 18.396 0 72  ARG AAA CB  1 ? 
ATOM   617  C CB  B ARG A 1 73  ? -1.635  -3.800  -13.185 0.500 18.583 0 72  ARG AAA CB  1 ? 
ATOM   618  C CG  A ARG A 1 73  ? -1.018  -5.246  -13.445 0.500 22.162 0 72  ARG AAA CG  1 ? 
ATOM   619  C CG  B ARG A 1 73  ? -1.082  -5.173  -13.545 0.500 22.989 0 72  ARG AAA CG  1 ? 
ATOM   620  C CD  A ARG A 1 73  ? -0.961  -5.582  -14.924 0.500 24.999 0 72  ARG AAA CD  1 ? 
ATOM   621  C CD  B ARG A 1 73  ? 0.421   -5.307  -13.356 0.500 26.595 0 72  ARG AAA CD  1 ? 
ATOM   622  N NE  A ARG A 1 73  ? 0.087   -4.881  -15.635 0.500 31.180 0 72  ARG AAA NE  1 ? 
ATOM   623  N NE  B ARG A 1 73  ? 1.213   -4.242  -13.940 0.500 29.755 0 72  ARG AAA NE  1 ? 
ATOM   624  C CZ  A ARG A 1 73  ? 0.200   -4.823  -16.964 0.500 32.875 0 72  ARG AAA CZ  1 ? 
ATOM   625  C CZ  B ARG A 1 73  ? 1.519   -4.165  -15.225 0.500 32.190 0 72  ARG AAA CZ  1 ? 
ATOM   626  N NH1 A ARG A 1 73  ? -0.696  -5.403  -17.736 0.500 34.930 0 72  ARG AAA NH1 1 ? 
ATOM   627  N NH1 B ARG A 1 73  ? 1.069   -5.077  -16.069 0.500 34.706 0 72  ARG AAA NH1 1 ? 
ATOM   628  N NH2 A ARG A 1 73  ? 1.195   -4.152  -17.509 0.500 34.319 0 72  ARG AAA NH2 1 ? 
ATOM   629  N NH2 B ARG A 1 73  ? 2.257   -3.163  -15.660 0.500 32.316 0 72  ARG AAA NH2 1 ? 
ATOM   630  N N   . ILE A 1 74  ? -1.036  -1.100  -11.402 1.000 15.958 0 73  ILE AAA N   1 ? 
ATOM   631  C CA  . ILE A 1 74  ? -1.312  0.310   -11.140 1.000 16.441 0 73  ILE AAA CA  1 ? 
ATOM   632  C C   . ILE A 1 74  ? -0.250  1.155   -11.817 1.000 15.885 0 73  ILE AAA C   1 ? 
ATOM   633  O O   . ILE A 1 74  ? 0.905   0.696   -11.859 1.000 19.212 0 73  ILE AAA O   1 ? 
ATOM   634  C CB  . ILE A 1 74  ? -1.368  0.566   -9.603  1.000 16.854 0 73  ILE AAA CB  1 ? 
ATOM   635  C CG1 . ILE A 1 74  ? -1.817  1.974   -9.318  1.000 16.818 0 73  ILE AAA CG1 1 ? 
ATOM   636  C CG2 . ILE A 1 74  ? -0.093  0.169   -8.848  1.000 18.755 0 73  ILE AAA CG2 1 ? 
ATOM   637  C CD1 . ILE A 1 74  ? -2.106  2.244   -7.841  1.000 16.748 0 73  ILE AAA CD1 1 ? 
ATOM   638  N N   . TYR A 1 75  ? -0.624  2.281   -12.324 1.000 15.165 0 74  TYR AAA N   1 ? 
ATOM   639  C CA  . TYR A 1 75  ? 0.265   3.226   -13.003 1.000 16.315 0 74  TYR AAA CA  1 ? 
ATOM   640  C C   . TYR A 1 75  ? 0.690   4.256   -11.964 1.000 15.638 0 74  TYR AAA C   1 ? 
ATOM   641  O O   . TYR A 1 75  ? -0.127  5.099   -11.631 1.000 17.266 0 74  TYR AAA O   1 ? 
ATOM   642  C CB  . TYR A 1 75  ? -0.502  3.867   -14.166 1.000 17.408 0 74  TYR AAA CB  1 ? 
ATOM   643  C CG  . TYR A 1 75  ? 0.351   4.737   -15.073 1.000 17.688 0 74  TYR AAA CG  1 ? 
ATOM   644  C CD1 . TYR A 1 75  ? 0.420   6.104   -14.960 1.000 18.407 0 74  TYR AAA CD1 1 ? 
ATOM   645  C CD2 . TYR A 1 75  ? 1.018   4.140   -16.141 1.000 17.065 0 74  TYR AAA CD2 1 ? 
ATOM   646  C CE1 . TYR A 1 75  ? 1.164   6.881   -15.845 1.000 18.610 0 74  TYR AAA CE1 1 ? 
ATOM   647  C CE2 . TYR A 1 75  ? 1.800   4.890   -17.002 1.000 19.432 0 74  TYR AAA CE2 1 ? 
ATOM   648  C CZ  . TYR A 1 75  ? 1.811   6.252   -16.872 1.000 19.397 0 74  TYR AAA CZ  1 ? 
ATOM   649  O OH  . TYR A 1 75  ? 2.516   7.060   -17.714 1.000 23.444 0 74  TYR AAA OH  1 ? 
ATOM   650  N N   . HIS A 1 76  ? 1.927   4.185   -11.537 1.000 15.903 0 75  HIS AAA N   1 ? 
ATOM   651  C CA  . HIS A 1 76  ? 2.421   4.974   -10.402 1.000 15.709 0 75  HIS AAA CA  1 ? 
ATOM   652  C C   . HIS A 1 76  ? 3.934   5.005   -10.492 1.000 14.083 0 75  HIS AAA C   1 ? 
ATOM   653  O O   . HIS A 1 76  ? 4.511   3.972   -10.676 1.000 16.237 0 75  HIS AAA O   1 ? 
ATOM   654  C CB  . HIS A 1 76  ? 1.922   4.398   -9.061  1.000 15.389 0 75  HIS AAA CB  1 ? 
ATOM   655  C CG  . HIS A 1 76  ? 2.148   5.329   -7.916  1.000 16.297 0 75  HIS AAA CG  1 ? 
ATOM   656  N ND1 . HIS A 1 76  ? 3.375   5.478   -7.315  1.000 16.745 0 75  HIS AAA ND1 1 ? 
ATOM   657  C CD2 . HIS A 1 76  ? 1.245   6.065   -7.253  1.000 15.895 0 75  HIS AAA CD2 1 ? 
ATOM   658  C CE1 . HIS A 1 76  ? 3.208   6.369   -6.355  1.000 18.171 0 75  HIS AAA CE1 1 ? 
ATOM   659  N NE2 . HIS A 1 76  ? 1.939   6.719   -6.225  1.000 17.278 0 75  HIS AAA NE2 1 ? 
ATOM   660  N N   . PRO A 1 77  ? 4.560   6.152   -10.185 1.000 16.175 0 76  PRO AAA N   1 ? 
ATOM   661  C CA  . PRO A 1 77  ? 6.025   6.188   -10.251 1.000 16.951 0 76  PRO AAA CA  1 ? 
ATOM   662  C C   . PRO A 1 77  ? 6.784   5.300   -9.284  1.000 17.697 0 76  PRO AAA C   1 ? 
ATOM   663  O O   . PRO A 1 77  ? 7.922   4.915   -9.560  1.000 18.727 0 76  PRO AAA O   1 ? 
ATOM   664  C CB  . PRO A 1 77  ? 6.332   7.616   -9.888  1.000 18.798 0 76  PRO AAA CB  1 ? 
ATOM   665  C CG  . PRO A 1 77  ? 5.153   8.412   -10.216 1.000 20.696 0 76  PRO AAA CG  1 ? 
ATOM   666  C CD  . PRO A 1 77  ? 3.990   7.456   -9.961  1.000 16.420 0 76  PRO AAA CD  1 ? 
ATOM   667  N N   . ASN A 1 78  ? 6.129   4.912   -8.186  1.000 17.013 0 77  ASN AAA N   1 ? 
ATOM   668  C CA  . ASN A 1 78  ? 6.794   4.223   -7.053  1.000 16.368 0 77  ASN AAA CA  1 ? 
ATOM   669  C C   . ASN A 1 78  ? 6.351   2.775   -6.899  1.000 16.963 0 77  ASN AAA C   1 ? 
ATOM   670  O O   . ASN A 1 78  ? 6.696   2.121   -5.918  1.000 18.238 0 77  ASN AAA O   1 ? 
ATOM   671  C CB  . ASN A 1 78  ? 6.575   4.964   -5.737  1.000 18.017 0 77  ASN AAA CB  1 ? 
ATOM   672  C CG  . ASN A 1 78  ? 7.018   6.396   -5.819  1.000 18.228 0 77  ASN AAA CG  1 ? 
ATOM   673  O OD1 . ASN A 1 78  ? 6.243   7.312   -5.831  1.000 18.714 0 77  ASN AAA OD1 1 ? 
ATOM   674  N ND2 . ASN A 1 78  ? 8.349   6.522   -5.934  1.000 20.672 0 77  ASN AAA ND2 1 ? 
ATOM   675  N N   . ILE A 1 79  ? 5.613   2.230   -7.877  1.000 16.389 0 78  ILE AAA N   1 ? 
ATOM   676  C CA  . ILE A 1 79  ? 5.113   0.837   -7.821  1.000 16.160 0 78  ILE AAA CA  1 ? 
ATOM   677  C C   . ILE A 1 79  ? 5.450   0.229   -9.156  1.000 16.941 0 78  ILE AAA C   1 ? 
ATOM   678  O O   . ILE A 1 79  ? 5.018   0.839   -10.192 1.000 18.561 0 78  ILE AAA O   1 ? 
ATOM   679  C CB  . ILE A 1 79  ? 3.608   0.800   -7.470  1.000 15.918 0 78  ILE AAA CB  1 ? 
ATOM   680  C CG1 . ILE A 1 79  ? 3.281   1.604   -6.194  1.000 16.247 0 78  ILE AAA CG1 1 ? 
ATOM   681  C CG2 . ILE A 1 79  ? 3.173   -0.636  -7.415  1.000 17.613 0 78  ILE AAA CG2 1 ? 
ATOM   682  C CD1 . ILE A 1 79  ? 1.808   1.901   -5.966  1.000 17.813 0 78  ILE AAA CD1 1 ? 
ATOM   683  N N   . ASN A 1 80  ? 6.140   -0.895  -9.163  1.000 18.312 0 79  ASN AAA N   1 ? 
ATOM   684  C CA  . ASN A 1 80  ? 6.565   -1.455  -10.469 1.000 19.090 0 79  ASN AAA CA  1 ? 
ATOM   685  C C   . ASN A 1 80  ? 5.627   -2.578  -10.904 1.000 20.910 0 79  ASN AAA C   1 ? 
ATOM   686  O O   . ASN A 1 80  ? 4.610   -2.874  -10.245 1.000 20.594 0 79  ASN AAA O   1 ? 
ATOM   687  C CB  . ASN A 1 80  ? 8.028   -1.918  -10.458 1.000 20.478 0 79  ASN AAA CB  1 ? 
ATOM   688  C CG  . ASN A 1 80  ? 8.288   -3.132  -9.591  1.000 22.869 0 79  ASN AAA CG  1 ? 
ATOM   689  O OD1 . ASN A 1 80  ? 7.395   -3.855  -9.175  1.000 21.198 0 79  ASN AAA OD1 1 ? 
ATOM   690  N ND2 . ASN A 1 80  ? 9.550   -3.412  -9.339  1.000 24.410 0 79  ASN AAA ND2 1 ? 
ATOM   691  N N   . SER A 1 81  ? 5.947   -3.264  -12.013 1.000 21.210 0 80  SER AAA N   1 ? 
ATOM   692  C CA  . SER A 1 81  ? 5.041   -4.240  -12.631 1.000 23.564 0 80  SER AAA CA  1 ? 
ATOM   693  C C   . SER A 1 81  ? 4.927   -5.492  -11.770 1.000 21.965 0 80  SER AAA C   1 ? 
ATOM   694  O O   . SER A 1 81  ? 4.005   -6.284  -12.006 1.000 26.302 0 80  SER AAA O   1 ? 
ATOM   695  C CB  . SER A 1 81  ? 5.486   -4.562  -14.050 1.000 24.341 0 80  SER AAA CB  1 ? 
ATOM   696  O OG  . SER A 1 81  ? 6.715   -5.224  -14.053 1.000 27.738 0 80  SER AAA OG  1 ? 
ATOM   697  N N   . ASN A 1 82  ? 5.859   -5.698  -10.846 1.000 22.754 0 81  ASN AAA N   1 ? 
ATOM   698  C CA  . ASN A 1 82  ? 5.834   -6.845  -9.892  1.000 25.100 0 81  ASN AAA CA  1 ? 
ATOM   699  C C   . ASN A 1 82  ? 5.020   -6.445  -8.639  1.000 23.392 0 81  ASN AAA C   1 ? 
ATOM   700  O O   . ASN A 1 82  ? 4.857   -7.276  -7.743  1.000 26.163 0 81  ASN AAA O   1 ? 
ATOM   701  C CB  . ASN A 1 82  ? 7.230   -7.243  -9.412  1.000 31.885 0 81  ASN AAA CB  1 ? 
ATOM   702  C CG  . ASN A 1 82  ? 8.177   -7.669  -10.519 1.000 35.690 0 81  ASN AAA CG  1 ? 
ATOM   703  O OD1 . ASN A 1 82  ? 7.819   -8.443  -11.401 1.000 40.950 0 81  ASN AAA OD1 1 ? 
ATOM   704  N ND2 . ASN A 1 82  ? 9.389   -7.145  -10.486 1.000 45.255 0 81  ASN AAA ND2 1 ? 
ATOM   705  N N   . GLY A 1 83  ? 4.597   -5.195  -8.542  1.000 21.098 0 82  GLY AAA N   1 ? 
ATOM   706  C CA  . GLY A 1 83  ? 3.811   -4.741  -7.371  1.000 20.974 0 82  GLY AAA CA  1 ? 
ATOM   707  C C   . GLY A 1 83  ? 4.705   -4.277  -6.261  1.000 20.774 0 82  GLY AAA C   1 ? 
ATOM   708  O O   . GLY A 1 83  ? 4.194   -3.880  -5.183  1.000 19.830 0 82  GLY AAA O   1 ? 
ATOM   709  N N   . SER A 1 84  ? 6.018   -4.288  -6.477  1.000 19.979 0 83  SER AAA N   1 ? 
ATOM   710  C CA  A SER A 1 84  ? 6.967   -3.787  -5.455  0.500 18.775 0 83  SER AAA CA  1 ? 
ATOM   711  C CA  B SER A 1 84  ? 6.976   -3.790  -5.467  0.500 20.562 0 83  SER AAA CA  1 ? 
ATOM   712  C C   . SER A 1 84  ? 6.745   -2.308  -5.193  1.000 18.526 0 83  SER AAA C   1 ? 
ATOM   713  O O   . SER A 1 84  ? 6.403   -1.535  -6.130  1.000 18.593 0 83  SER AAA O   1 ? 
ATOM   714  C CB  A SER A 1 84  ? 8.420   -4.034  -5.841  0.500 18.863 0 83  SER AAA CB  1 ? 
ATOM   715  C CB  B SER A 1 84  ? 8.413   -4.044  -5.902  0.500 22.605 0 83  SER AAA CB  1 ? 
ATOM   716  O OG  A SER A 1 84  ? 8.628   -5.413  -6.079  0.500 19.799 0 83  SER AAA OG  1 ? 
ATOM   717  O OG  B SER A 1 84  ? 9.304   -3.834  -4.827  0.500 29.351 0 83  SER AAA OG  1 ? 
ATOM   718  N N   . ILE A 1 85  ? 6.844   -1.912  -3.951  1.000 18.750 0 84  ILE AAA N   1 ? 
ATOM   719  C CA  . ILE A 1 85  ? 6.522   -0.566  -3.498  1.000 17.110 0 84  ILE AAA CA  1 ? 
ATOM   720  C C   . ILE A 1 85  ? 7.785   0.114   -2.980  1.000 20.528 0 84  ILE AAA C   1 ? 
ATOM   721  O O   . ILE A 1 85  ? 8.382   -0.370  -2.000  1.000 23.512 0 84  ILE AAA O   1 ? 
ATOM   722  C CB  . ILE A 1 85  ? 5.453   -0.561  -2.374  1.000 19.015 0 84  ILE AAA CB  1 ? 
ATOM   723  C CG1 . ILE A 1 85  ? 4.167   -1.267  -2.782  1.000 17.032 0 84  ILE AAA CG1 1 ? 
ATOM   724  C CG2 . ILE A 1 85  ? 5.152   0.830   -1.936  1.000 19.386 0 84  ILE AAA CG2 1 ? 
ATOM   725  C CD1 . ILE A 1 85  ? 3.257   -1.521  -1.632  1.000 18.015 0 84  ILE AAA CD1 1 ? 
ATOM   726  N N   . GLU A 1 86  ? 8.133   1.226   -3.561  1.000 19.077 0 85  GLU AAA N   1 ? 
ATOM   727  C CA  . GLU A 1 86  ? 9.228   2.072   -3.045  1.000 20.528 0 85  GLU AAA CA  1 ? 
ATOM   728  C C   . GLU A 1 86  ? 8.636   3.065   -2.074  1.000 19.386 0 85  GLU AAA C   1 ? 
ATOM   729  O O   . GLU A 1 86  ? 8.098   4.056   -2.434  1.000 21.008 0 85  GLU AAA O   1 ? 
ATOM   730  C CB  . GLU A 1 86  ? 9.939   2.735   -4.215  1.000 22.073 0 85  GLU AAA CB  1 ? 
ATOM   731  C CG  . GLU A 1 86  ? 11.140  3.560   -3.748  1.000 25.428 0 85  GLU AAA CG  1 ? 
ATOM   732  C CD  . GLU A 1 86  ? 12.399  2.788   -3.382  1.000 32.002 0 85  GLU AAA CD  1 ? 
ATOM   733  O OE1 . GLU A 1 86  ? 12.391  1.545   -3.349  1.000 32.418 0 85  GLU AAA OE1 1 ? 
ATOM   734  O OE2 . GLU A 1 86  ? 13.456  3.465   -3.199  1.000 36.589 0 85  GLU AAA OE2 1 ? 
ATOM   735  N N   . LEU A 1 87  ? 8.795   2.765   -0.769  1.000 20.037 0 86  LEU AAA N   1 ? 
ATOM   736  C CA  . LEU A 1 87  ? 8.255   3.580   0.331   1.000 20.691 0 86  LEU AAA CA  1 ? 
ATOM   737  C C   . LEU A 1 87  ? 9.232   3.536   1.526   1.000 18.900 0 86  LEU AAA C   1 ? 
ATOM   738  O O   . LEU A 1 87  ? 9.560   2.450   1.966   1.000 19.205 0 86  LEU AAA O   1 ? 
ATOM   739  C CB  . LEU A 1 87  ? 6.876   3.012   0.736   1.000 20.597 0 86  LEU AAA CB  1 ? 
ATOM   740  C CG  . LEU A 1 87  ? 6.113   3.785   1.808   1.000 21.751 0 86  LEU AAA CG  1 ? 
ATOM   741  C CD1 . LEU A 1 87  ? 5.860   5.230   1.407   1.000 23.065 0 86  LEU AAA CD1 1 ? 
ATOM   742  C CD2 . LEU A 1 87  ? 4.802   3.077   2.166   1.000 22.548 0 86  LEU AAA CD2 1 ? 
ATOM   743  N N   A ASP A 1 88  ? 9.636   4.725   1.989   0.500 20.617 0 87  ASP AAA N   1 ? 
ATOM   744  N N   B ASP A 1 88  ? 9.696   4.699   1.986   0.500 20.655 0 87  ASP AAA N   1 ? 
ATOM   745  C CA  A ASP A 1 88  ? 10.722  4.903   2.999   0.500 21.196 0 87  ASP AAA CA  1 ? 
ATOM   746  C CA  B ASP A 1 88  ? 10.842  4.728   2.945   0.500 21.025 0 87  ASP AAA CA  1 ? 
ATOM   747  C C   A ASP A 1 88  ? 10.507  4.030   4.245   0.500 19.570 0 87  ASP AAA C   1 ? 
ATOM   748  C C   B ASP A 1 88  ? 10.525  3.989   4.258   0.500 19.336 0 87  ASP AAA C   1 ? 
ATOM   749  O O   A ASP A 1 88  ? 11.407  3.305   4.659   0.500 20.162 0 87  ASP AAA O   1 ? 
ATOM   750  O O   B ASP A 1 88  ? 11.396  3.289   4.739   0.500 20.080 0 87  ASP AAA O   1 ? 
ATOM   751  C CB  A ASP A 1 88  ? 10.859  6.365   3.417   0.500 23.973 0 87  ASP AAA CB  1 ? 
ATOM   752  C CB  B ASP A 1 88  ? 11.326  6.143   3.251   0.500 21.415 0 87  ASP AAA CB  1 ? 
ATOM   753  C CG  A ASP A 1 88  ? 9.567   7.097   3.782   0.500 25.426 0 87  ASP AAA CG  1 ? 
ATOM   754  C CG  B ASP A 1 88  ? 12.186  6.787   2.176   0.500 25.458 0 87  ASP AAA CG  1 ? 
ATOM   755  O OD1 A ASP A 1 88  ? 8.412   6.489   3.871   0.500 26.032 0 87  ASP AAA OD1 1 ? 
ATOM   756  O OD1 B ASP A 1 88  ? 12.672  6.062   1.286   0.500 28.975 0 87  ASP AAA OD1 1 ? 
ATOM   757  O OD2 A ASP A 1 88  ? 9.697   8.329   4.002   0.500 35.550 0 87  ASP AAA OD2 1 ? 
ATOM   758  O OD2 B ASP A 1 88  ? 12.371  7.992   2.262   0.500 31.777 0 87  ASP AAA OD2 1 ? 
ATOM   759  N N   . ILE A 1 89  ? 9.300   4.037   4.770   1.000 18.714 0 88  ILE AAA N   1 ? 
ATOM   760  C CA  . ILE A 1 89  ? 8.999   3.325   6.038   1.000 17.480 0 88  ILE AAA CA  1 ? 
ATOM   761  C C   . ILE A 1 89  ? 9.038   1.820   5.819   1.000 19.161 0 88  ILE AAA C   1 ? 
ATOM   762  O O   . ILE A 1 89  ? 9.136   1.120   6.834   1.000 19.064 0 88  ILE AAA O   1 ? 
ATOM   763  C CB  . ILE A 1 89  ? 7.677   3.776   6.661   1.000 18.819 0 88  ILE AAA CB  1 ? 
ATOM   764  C CG1 . ILE A 1 89  ? 6.475   3.506   5.742   1.000 19.091 0 88  ILE AAA CG1 1 ? 
ATOM   765  C CG2 . ILE A 1 89  ? 7.746   5.203   7.146   1.000 21.169 0 88  ILE AAA CG2 1 ? 
ATOM   766  C CD1 . ILE A 1 89  ? 5.162   3.497   6.463   1.000 22.663 0 88  ILE AAA CD1 1 ? 
ATOM   767  N N   . LEU A 1 90  ? 9.009   1.282   4.588   1.000 17.305 0 89  LEU AAA N   1 ? 
ATOM   768  C CA  . LEU A 1 90  ? 9.150   -0.174  4.366   1.000 17.491 0 89  LEU AAA CA  1 ? 
ATOM   769  C C   . LEU A 1 90  ? 10.595  -0.612  4.191   1.000 19.170 0 89  LEU AAA C   1 ? 
ATOM   770  O O   . LEU A 1 90  ? 10.835  -1.779  4.039   1.000 20.934 0 89  LEU AAA O   1 ? 
ATOM   771  C CB  . LEU A 1 90  ? 8.329   -0.589  3.137   1.000 19.233 0 89  LEU AAA CB  1 ? 
ATOM   772  C CG  . LEU A 1 90  ? 6.829   -0.375  3.272   1.000 20.960 0 89  LEU AAA CG  1 ? 
ATOM   773  C CD1 . LEU A 1 90  ? 6.089   -0.766  1.979   1.000 22.569 0 89  LEU AAA CD1 1 ? 
ATOM   774  C CD2 . LEU A 1 90  ? 6.293   -1.116  4.497   1.000 23.415 0 89  LEU AAA CD2 1 ? 
ATOM   775  N N   . ARG A 1 91  ? 11.473  0.379   4.286   1.000 23.261 0 90  ARG AAA N   1 ? 
ATOM   776  C CA  . ARG A 1 91  ? 12.929  0.128   4.116   1.000 26.567 0 90  ARG AAA CA  1 ? 
ATOM   777  C C   . ARG A 1 91  ? 13.611  0.850   5.287   1.000 27.317 0 90  ARG AAA C   1 ? 
ATOM   778  O O   . ARG A 1 91  ? 13.357  0.550   6.498   1.000 31.187 0 90  ARG AAA O   1 ? 
ATOM   779  C CB  . ARG A 1 91  ? 13.333  0.603   2.718   1.000 29.508 0 90  ARG AAA CB  1 ? 
ATOM   780  N N   . SER A 1 92  ? 14.207  1.974   4.975   1.000 26.568 0 91  SER AAA N   1 ? 
ATOM   781  C CA  . SER A 1 92  ? 15.194  2.583   5.891   1.000 26.574 0 91  SER AAA CA  1 ? 
ATOM   782  C C   . SER A 1 92  ? 14.538  3.308   7.065   1.000 26.037 0 91  SER AAA C   1 ? 
ATOM   783  O O   . SER A 1 92  ? 15.230  3.530   8.053   1.000 28.797 0 91  SER AAA O   1 ? 
ATOM   784  C CB  . SER A 1 92  ? 16.104  3.519   5.129   1.000 31.186 0 91  SER AAA CB  1 ? 
ATOM   785  O OG  . SER A 1 92  ? 15.362  4.636   4.677   1.000 34.145 0 91  SER AAA OG  1 ? 
ATOM   786  N N   A GLN A 1 93  ? 13.265  3.702   6.974   0.500 22.528 0 92  GLN AAA N   1 ? 
ATOM   787  N N   B GLN A 1 93  ? 13.266  3.709   6.970   0.500 21.829 0 92  GLN AAA N   1 ? 
ATOM   788  C CA  A GLN A 1 93  ? 12.598  4.555   7.990   0.500 21.865 0 92  GLN AAA CA  1 ? 
ATOM   789  C CA  B GLN A 1 93  ? 12.587  4.560   7.983   0.500 20.674 0 92  GLN AAA CA  1 ? 
ATOM   790  C C   A GLN A 1 93  ? 11.545  3.755   8.777   0.500 18.862 0 92  GLN AAA C   1 ? 
ATOM   791  C C   B GLN A 1 93  ? 11.542  3.755   8.774   0.500 18.388 0 92  GLN AAA C   1 ? 
ATOM   792  O O   A GLN A 1 93  ? 10.688  4.364   9.434   0.500 20.300 0 92  GLN AAA O   1 ? 
ATOM   793  O O   B GLN A 1 93  ? 10.684  4.362   9.432   0.500 20.082 0 92  GLN AAA O   1 ? 
ATOM   794  C CB  A GLN A 1 93  ? 11.993  5.799   7.347   0.500 24.218 0 92  GLN AAA CB  1 ? 
ATOM   795  C CB  B GLN A 1 93  ? 11.968  5.801   7.342   0.500 21.810 0 92  GLN AAA CB  1 ? 
ATOM   796  C CG  A GLN A 1 93  ? 13.040  6.733   6.745   0.500 27.612 0 92  GLN AAA CG  1 ? 
ATOM   797  C CG  B GLN A 1 93  ? 13.020  6.799   6.868   0.500 23.399 0 92  GLN AAA CG  1 ? 
ATOM   798  C CD  A GLN A 1 93  ? 14.234  6.930   7.648   0.500 31.005 0 92  GLN AAA CD  1 ? 
ATOM   799  C CD  B GLN A 1 93  ? 12.471  8.089   6.306   0.500 24.030 0 92  GLN AAA CD  1 ? 
ATOM   800  O OE1 A GLN A 1 93  ? 14.097  7.309   8.802   0.500 35.702 0 92  GLN AAA OE1 1 ? 
ATOM   801  O OE1 B GLN A 1 93  ? 11.327  8.498   6.555   0.500 26.054 0 92  GLN AAA OE1 1 ? 
ATOM   802  N NE2 A GLN A 1 93  ? 15.416  6.666   7.117   0.500 31.980 0 92  GLN AAA NE2 1 ? 
ATOM   803  N NE2 B GLN A 1 93  ? 13.287  8.742   5.498   0.500 28.673 0 92  GLN AAA NE2 1 ? 
ATOM   804  N N   . TRP A 1 94  ? 11.650  2.442   8.821   1.000 18.447 0 93  TRP AAA N   1 ? 
ATOM   805  C CA  . TRP A 1 94  ? 10.753  1.625   9.676   1.000 18.634 0 93  TRP AAA CA  1 ? 
ATOM   806  C C   . TRP A 1 94  ? 10.986  2.006   11.145  1.000 18.462 0 93  TRP AAA C   1 ? 
ATOM   807  O O   . TRP A 1 94  ? 12.112  2.308   11.562  1.000 21.662 0 93  TRP AAA O   1 ? 
ATOM   808  C CB  . TRP A 1 94  ? 10.911  0.123   9.451   1.000 17.881 0 93  TRP AAA CB  1 ? 
ATOM   809  C CG  . TRP A 1 94  ? 10.033  -0.666  10.351  1.000 18.356 0 93  TRP AAA CG  1 ? 
ATOM   810  C CD1 . TRP A 1 94  ? 10.441  -1.307  11.505  1.000 18.282 0 93  TRP AAA CD1 1 ? 
ATOM   811  C CD2 . TRP A 1 94  ? 8.611   -0.783  10.306  1.000 17.342 0 93  TRP AAA CD2 1 ? 
ATOM   812  N NE1 . TRP A 1 94  ? 9.365   -1.819  12.147  1.000 18.622 0 93  TRP AAA NE1 1 ? 
ATOM   813  C CE2 . TRP A 1 94  ? 8.239   -1.562  11.423  1.000 18.112 0 93  TRP AAA CE2 1 ? 
ATOM   814  C CE3 . TRP A 1 94  ? 7.618   -0.371  9.409   1.000 16.255 0 93  TRP AAA CE3 1 ? 
ATOM   815  C CZ2 . TRP A 1 94  ? 6.934   -1.856  11.690  1.000 17.176 0 93  TRP AAA CZ2 1 ? 
ATOM   816  C CZ3 . TRP A 1 94  ? 6.301   -0.711  9.661   1.000 17.588 0 93  TRP AAA CZ3 1 ? 
ATOM   817  C CH2 . TRP A 1 94  ? 5.973   -1.428  10.823  1.000 17.955 0 93  TRP AAA CH2 1 ? 
ATOM   818  N N   . SER A 1 95  ? 9.946   1.997   11.933  1.000 17.788 0 94  SER AAA N   1 ? 
ATOM   819  C CA  . SER A 1 95  ? 10.031  2.084   13.426  1.000 17.718 0 94  SER AAA CA  1 ? 
ATOM   820  C C   . SER A 1 95  ? 9.024   1.142   14.022  1.000 19.041 0 94  SER AAA C   1 ? 
ATOM   821  O O   . SER A 1 95  ? 7.955   0.983   13.452  1.000 17.445 0 94  SER AAA O   1 ? 
ATOM   822  C CB  . SER A 1 95  ? 9.741   3.483   13.861  1.000 18.401 0 94  SER AAA CB  1 ? 
ATOM   823  O OG  . SER A 1 95  ? 9.492   3.519   15.287  1.000 18.815 0 94  SER AAA OG  1 ? 
ATOM   824  N N   . PRO A 1 96  ? 9.303   0.516   15.187  1.000 18.410 0 95  PRO AAA N   1 ? 
ATOM   825  C CA  . PRO A 1 96  ? 8.298   -0.305  15.841  1.000 17.098 0 95  PRO AAA CA  1 ? 
ATOM   826  C C   . PRO A 1 96  ? 7.070   0.460   16.334  1.000 15.618 0 95  PRO AAA C   1 ? 
ATOM   827  O O   . PRO A 1 96  ? 6.130   -0.139  16.746  1.000 18.427 0 95  PRO AAA O   1 ? 
ATOM   828  C CB  . PRO A 1 96  ? 9.071   -0.929  17.029  1.000 18.588 0 95  PRO AAA CB  1 ? 
ATOM   829  C CG  . PRO A 1 96  ? 10.165  0.076   17.299  1.000 20.952 0 95  PRO AAA CG  1 ? 
ATOM   830  C CD  . PRO A 1 96  ? 10.583  0.599   15.943  1.000 20.485 0 95  PRO AAA CD  1 ? 
ATOM   831  N N   . ALA A 1 97  ? 7.084   1.799   16.232  1.000 17.404 0 96  ALA AAA N   1 ? 
ATOM   832  C CA  . ALA A 1 97  ? 5.880   2.593   16.545  1.000 17.628 0 96  ALA AAA CA  1 ? 
ATOM   833  C C   . ALA A 1 97  ? 4.932   2.591   15.349  1.000 17.751 0 96  ALA AAA C   1 ? 
ATOM   834  O O   . ALA A 1 97  ? 3.759   2.981   15.528  1.000 20.989 0 96  ALA AAA O   1 ? 
ATOM   835  C CB  . ALA A 1 97  ? 6.252   4.005   16.896  1.000 18.871 0 96  ALA AAA CB  1 ? 
ATOM   836  N N   . LEU A 1 98  ? 5.394   2.124   14.184  1.000 16.665 0 97  LEU AAA N   1 ? 
ATOM   837  C CA  . LEU A 1 98  ? 4.485   1.982   13.028  1.000 17.115 0 97  LEU AAA CA  1 ? 
ATOM   838  C C   . LEU A 1 98  ? 3.720   0.682   13.162  1.000 17.959 0 97  LEU AAA C   1 ? 
ATOM   839  O O   . LEU A 1 98  ? 4.109   -0.280  13.890  1.000 19.499 0 97  LEU AAA O   1 ? 
ATOM   840  C CB  . LEU A 1 98  ? 5.263   2.072   11.717  1.000 17.287 0 97  LEU AAA CB  1 ? 
ATOM   841  C CG  . LEU A 1 98  ? 6.054   3.372   11.560  1.000 17.835 0 97  LEU AAA CG  1 ? 
ATOM   842  C CD1 . LEU A 1 98  ? 6.838   3.364   10.252  1.000 19.761 0 97  LEU AAA CD1 1 ? 
ATOM   843  C CD2 . LEU A 1 98  ? 5.156   4.599   11.610  1.000 20.060 0 97  LEU AAA CD2 1 ? 
ATOM   844  N N   . THR A 1 99  ? 2.548   0.657   12.578  1.000 17.723 0 98  THR AAA N   1 ? 
ATOM   845  C CA  . THR A 1 99  ? 1.611   -0.462  12.634  1.000 16.290 0 98  THR AAA CA  1 ? 
ATOM   846  C C   . THR A 1 99  ? 1.095   -0.688  11.215  1.000 16.808 0 98  THR AAA C   1 ? 
ATOM   847  O O   . THR A 1 99  ? 1.295   0.146   10.315  1.000 16.588 0 98  THR AAA O   1 ? 
ATOM   848  C CB  . THR A 1 99  ? 0.403   -0.136  13.493  1.000 16.993 0 98  THR AAA CB  1 ? 
ATOM   849  O OG1 . THR A 1 99  ? -0.257  0.965   12.826  1.000 18.705 0 98  THR AAA OG1 1 ? 
ATOM   850  C CG2 . THR A 1 99  ? 0.773   0.227   14.909  1.000 18.540 0 98  THR AAA CG2 1 ? 
ATOM   851  N N   . ILE A 1 100 ? 0.398   -1.791  11.021  1.000 16.960 0 99  ILE AAA N   1 ? 
ATOM   852  C CA  . ILE A 1 100 ? -0.131  -2.033  9.667   1.000 17.252 0 99  ILE AAA CA  1 ? 
ATOM   853  C C   . ILE A 1 100 ? -1.156  -0.956  9.287   1.000 17.482 0 99  ILE AAA C   1 ? 
ATOM   854  O O   . ILE A 1 100 ? -1.209  -0.566  8.106   1.000 16.087 0 99  ILE AAA O   1 ? 
ATOM   855  C CB  . ILE A 1 100 ? -0.600  -3.483  9.508   1.000 20.093 0 99  ILE AAA CB  1 ? 
ATOM   856  C CG1 . ILE A 1 100 ? -0.770  -3.814  8.026   1.000 21.970 0 99  ILE AAA CG1 1 ? 
ATOM   857  C CG2 . ILE A 1 100 ? -1.760  -3.754  10.380  1.000 20.434 0 99  ILE AAA CG2 1 ? 
ATOM   858  C CD1 . ILE A 1 100 ? 0.564   -3.937  7.304   1.000 23.516 0 99  ILE AAA CD1 1 ? 
ATOM   859  N N   . SER A 1 101 ? -1.921  -0.435  10.229  1.000 17.431 0 100 SER AAA N   1 ? 
ATOM   860  C CA  A SER A 1 101 ? -2.830  0.695   9.926   0.500 16.746 0 100 SER AAA CA  1 ? 
ATOM   861  C CA  B SER A 1 101 ? -2.836  0.694   9.931   0.500 18.092 0 100 SER AAA CA  1 ? 
ATOM   862  C C   . SER A 1 101 ? -2.021  1.880   9.403   1.000 17.645 0 100 SER AAA C   1 ? 
ATOM   863  O O   . SER A 1 101 ? -2.448  2.503   8.410   1.000 16.712 0 100 SER AAA O   1 ? 
ATOM   864  C CB  A SER A 1 101 ? -3.600  1.100   11.122  0.500 18.187 0 100 SER AAA CB  1 ? 
ATOM   865  C CB  B SER A 1 101 ? -3.622  1.102   11.133  0.500 21.232 0 100 SER AAA CB  1 ? 
ATOM   866  O OG  A SER A 1 101 ? -4.585  0.129   11.388  0.500 17.935 0 100 SER AAA OG  1 ? 
ATOM   867  O OG  B SER A 1 101 ? -4.462  2.205   10.816  0.500 26.814 0 100 SER AAA OG  1 ? 
ATOM   868  N N   . LYS A 1 102 ? -0.930  2.228   10.036  1.000 16.033 0 101 LYS AAA N   1 ? 
ATOM   869  C CA  . LYS A 1 102 ? -0.111  3.359   9.568   1.000 16.264 0 101 LYS AAA CA  1 ? 
ATOM   870  C C   . LYS A 1 102 ? 0.549   3.059   8.235   1.000 15.755 0 101 LYS AAA C   1 ? 
ATOM   871  O O   . LYS A 1 102 ? 0.681   3.959   7.416   1.000 17.049 0 101 LYS AAA O   1 ? 
ATOM   872  C CB  . LYS A 1 102 ? 0.924   3.738   10.623  1.000 17.761 0 101 LYS AAA CB  1 ? 
ATOM   873  C CG  . LYS A 1 102 ? 0.302   4.300   11.909  1.000 21.188 0 101 LYS AAA CG  1 ? 
ATOM   874  C CD  . LYS A 1 102 ? 1.300   4.576   12.979  1.000 25.681 0 101 LYS AAA CD  1 ? 
ATOM   875  C CE  . LYS A 1 102 ? 0.735   5.124   14.270  1.000 32.967 0 101 LYS AAA CE  1 ? 
ATOM   876  N NZ  . LYS A 1 102 ? 1.864   5.335   15.211  1.000 42.843 0 101 LYS AAA NZ  1 ? 
ATOM   877  N N   . VAL A 1 103 ? 0.892   1.793   8.007   1.000 15.671 0 102 VAL AAA N   1 ? 
ATOM   878  C CA  . VAL A 1 103 ? 1.451   1.464   6.676   1.000 16.444 0 102 VAL AAA CA  1 ? 
ATOM   879  C C   . VAL A 1 103 ? 0.395   1.686   5.576   1.000 15.735 0 102 VAL AAA C   1 ? 
ATOM   880  O O   . VAL A 1 103 ? 0.706   2.235   4.527   1.000 15.443 0 102 VAL AAA O   1 ? 
ATOM   881  C CB  . VAL A 1 103 ? 2.012   0.038   6.663   1.000 17.071 0 102 VAL AAA CB  1 ? 
ATOM   882  C CG1 . VAL A 1 103 ? 2.316   -0.429  5.259   1.000 17.742 0 102 VAL AAA CG1 1 ? 
ATOM   883  C CG2 . VAL A 1 103 ? 3.210   -0.037  7.584   1.000 18.453 0 102 VAL AAA CG2 1 ? 
ATOM   884  N N   . LEU A 1 104 ? -0.828  1.224   5.822   1.000 15.480 0 103 LEU AAA N   1 ? 
ATOM   885  C CA  . LEU A 1 104 ? -1.886  1.399   4.827   1.000 16.063 0 103 LEU AAA CA  1 ? 
ATOM   886  C C   . LEU A 1 104 ? -2.140  2.873   4.595   1.000 15.251 0 103 LEU AAA C   1 ? 
ATOM   887  O O   . LEU A 1 104 ? -2.348  3.291   3.429   1.000 15.848 0 103 LEU AAA O   1 ? 
ATOM   888  C CB  . LEU A 1 104 ? -3.132  0.663   5.314   1.000 18.126 0 103 LEU AAA CB  1 ? 
ATOM   889  C CG  . LEU A 1 104 ? -3.028  -0.857  5.286   1.000 21.696 0 103 LEU AAA CG  1 ? 
ATOM   890  C CD1 . LEU A 1 104 ? -4.212  -1.487  5.982   1.000 25.582 0 103 LEU AAA CD1 1 ? 
ATOM   891  C CD2 . LEU A 1 104 ? -2.915  -1.360  3.851   1.000 23.752 0 103 LEU AAA CD2 1 ? 
ATOM   892  N N   . LEU A 1 105 ? -2.167  3.682   5.633   1.000 15.333 0 104 LEU AAA N   1 ? 
ATOM   893  C CA  . LEU A 1 105 ? -2.332  5.174   5.457   1.000 16.003 0 104 LEU AAA CA  1 ? 
ATOM   894  C C   . LEU A 1 105 ? -1.193  5.709   4.630   1.000 15.978 0 104 LEU AAA C   1 ? 
ATOM   895  O O   . LEU A 1 105 ? -1.464  6.559   3.768   1.000 15.561 0 104 LEU AAA O   1 ? 
ATOM   896  C CB  . LEU A 1 105 ? -2.326  5.872   6.822   1.000 18.257 0 104 LEU AAA CB  1 ? 
ATOM   897  C CG  . LEU A 1 105 ? -3.558  5.700   7.683   1.000 20.391 0 104 LEU AAA CG  1 ? 
ATOM   898  C CD1 . LEU A 1 105 ? -3.327  6.103   9.143   1.000 24.786 0 104 LEU AAA CD1 1 ? 
ATOM   899  C CD2 . LEU A 1 105 ? -4.731  6.490   7.113   1.000 23.852 0 104 LEU AAA CD2 1 ? 
ATOM   900  N N   . SER A 1 106 ? -0.005  5.290   4.874   1.000 14.865 0 105 SER AAA N   1 ? 
ATOM   901  C CA  A SER A 1 106 ? 1.179   5.789   4.134   0.500 15.355 0 105 SER AAA CA  1 ? 
ATOM   902  C CA  B SER A 1 106 ? 1.171   5.802   4.129   0.500 15.136 0 105 SER AAA CA  1 ? 
ATOM   903  C C   . SER A 1 106 ? 1.060   5.389   2.660   1.000 15.448 0 105 SER AAA C   1 ? 
ATOM   904  O O   . SER A 1 106 ? 1.388   6.208   1.800   1.000 15.710 0 105 SER AAA O   1 ? 
ATOM   905  C CB  A SER A 1 106 ? 2.455   5.251   4.732   0.500 18.115 0 105 SER AAA CB  1 ? 
ATOM   906  C CB  B SER A 1 106 ? 2.457   5.309   4.725   0.500 17.606 0 105 SER AAA CB  1 ? 
ATOM   907  O OG  A SER A 1 106 ? 3.584   5.828   4.104   0.500 21.493 0 105 SER AAA OG  1 ? 
ATOM   908  O OG  B SER A 1 106 ? 2.650   5.902   5.994   0.500 19.899 0 105 SER AAA OG  1 ? 
ATOM   909  N N   . ILE A 1 107 ? 0.634   4.154   2.400   1.000 14.575 0 106 ILE AAA N   1 ? 
ATOM   910  C CA  . ILE A 1 107 ? 0.446   3.738   0.980   1.000 15.126 0 106 ILE AAA CA  1 ? 
ATOM   911  C C   . ILE A 1 107 ? -0.662  4.554   0.340   1.000 14.655 0 106 ILE AAA C   1 ? 
ATOM   912  O O   . ILE A 1 107 ? -0.508  5.026   -0.797  1.000 15.087 0 106 ILE AAA O   1 ? 
ATOM   913  C CB  . ILE A 1 107 ? 0.216   2.239   0.915   1.000 14.735 0 106 ILE AAA CB  1 ? 
ATOM   914  C CG1 . ILE A 1 107 ? 1.436   1.447   1.360   1.000 16.000 0 106 ILE AAA CG1 1 ? 
ATOM   915  C CG2 . ILE A 1 107 ? -0.224  1.826   -0.478  1.000 16.360 0 106 ILE AAA CG2 1 ? 
ATOM   916  C CD1 . ILE A 1 107 ? 1.239   -0.031  1.572   1.000 17.225 0 106 ILE AAA CD1 1 ? 
ATOM   917  N N   . CYS A 1 108 ? -1.770  4.755   1.040   1.000 15.069 0 107 CYS AAA N   1 ? 
ATOM   918  C CA  A CYS A 1 108 ? -2.821  5.644   0.493   0.500 16.104 0 107 CYS AAA CA  1 ? 
ATOM   919  C CA  B CYS A 1 108 ? -2.832  5.644   0.522   0.500 16.082 0 107 CYS AAA CA  1 ? 
ATOM   920  C C   . CYS A 1 108 ? -2.256  7.026   0.172   1.000 16.765 0 107 CYS AAA C   1 ? 
ATOM   921  O O   . CYS A 1 108 ? -2.520  7.556   -0.923  1.000 16.907 0 107 CYS AAA O   1 ? 
ATOM   922  C CB  A CYS A 1 108 ? -3.983  5.761   1.449   0.500 16.102 0 107 CYS AAA CB  1 ? 
ATOM   923  C CB  B CYS A 1 108 ? -3.950  5.729   1.543   0.500 16.100 0 107 CYS AAA CB  1 ? 
ATOM   924  S SG  A CYS A 1 108 ? -4.967  4.248   1.462   0.500 20.693 0 107 CYS AAA SG  1 ? 
ATOM   925  S SG  B CYS A 1 108 ? -5.196  6.963   1.122   0.500 20.229 0 107 CYS AAA SG  1 ? 
ATOM   926  N N   . SER A 1 109 ? -1.528  7.638   1.061   1.000 16.300 0 108 SER AAA N   1 ? 
ATOM   927  C CA  . SER A 1 109 ? -0.957  8.959   0.750   1.000 16.868 0 108 SER AAA CA  1 ? 
ATOM   928  C C   . SER A 1 109 ? 0.000   8.860   -0.425  1.000 17.875 0 108 SER AAA C   1 ? 
ATOM   929  O O   . SER A 1 109 ? 0.060   9.842   -1.256  1.000 18.270 0 108 SER AAA O   1 ? 
ATOM   930  C CB  . SER A 1 109 ? -0.268  9.454   1.970   1.000 18.875 0 108 SER AAA CB  1 ? 
ATOM   931  O OG  . SER A 1 109 ? 0.193   10.802  1.739   1.000 18.801 0 108 SER AAA OG  1 ? 
ATOM   932  N N   . LEU A 1 110 ? 0.778   7.832   -0.533  1.000 16.452 0 109 LEU AAA N   1 ? 
ATOM   933  C CA  . LEU A 1 110 ? 1.712   7.695   -1.676  1.000 16.692 0 109 LEU AAA CA  1 ? 
ATOM   934  C C   . LEU A 1 110 ? 0.906   7.603   -2.965  1.000 17.165 0 109 LEU AAA C   1 ? 
ATOM   935  O O   . LEU A 1 110 ? 1.361   8.233   -3.971  1.000 17.220 0 109 LEU AAA O   1 ? 
ATOM   936  C CB  . LEU A 1 110 ? 2.497   6.425   -1.475  1.000 18.018 0 109 LEU AAA CB  1 ? 
ATOM   937  C CG  . LEU A 1 110 ? 3.527   6.069   -2.558  1.000 20.162 0 109 LEU AAA CG  1 ? 
ATOM   938  C CD1 . LEU A 1 110 ? 4.665   7.037   -2.607  1.000 24.562 0 109 LEU AAA CD1 1 ? 
ATOM   939  C CD2 . LEU A 1 110 ? 4.015   4.646   -2.382  1.000 21.849 0 109 LEU AAA CD2 1 ? 
ATOM   940  N N   . LEU A 1 111 ? -0.214  6.894   -2.975  1.000 15.293 0 110 LEU AAA N   1 ? 
ATOM   941  C CA  . LEU A 1 111 ? -1.017  6.878   -4.220  1.000 16.438 0 110 LEU AAA CA  1 ? 
ATOM   942  C C   . LEU A 1 111 ? -1.502  8.280   -4.539  1.000 17.561 0 110 LEU AAA C   1 ? 
ATOM   943  O O   . LEU A 1 111 ? -1.521  8.682   -5.721  1.000 19.153 0 110 LEU AAA O   1 ? 
ATOM   944  C CB  . LEU A 1 111 ? -2.237  5.994   -4.015  1.000 16.099 0 110 LEU AAA CB  1 ? 
ATOM   945  C CG  . LEU A 1 111 ? -1.974  4.527   -3.756  1.000 17.953 0 110 LEU AAA CG  1 ? 
ATOM   946  C CD1 . LEU A 1 111 ? -3.291  3.742   -3.751  1.000 20.113 0 110 LEU AAA CD1 1 ? 
ATOM   947  C CD2 . LEU A 1 111 ? -1.033  3.961   -4.764  1.000 20.247 0 110 LEU AAA CD2 1 ? 
ATOM   948  N N   . CYS A 1 112 ? -1.856  9.054   -3.513  1.000 17.866 0 111 CYS AAA N   1 ? 
ATOM   949  C CA  . CYS A 1 112 ? -2.393  10.433  -3.690  1.000 19.384 0 111 CYS AAA CA  1 ? 
ATOM   950  C C   . CYS A 1 112 ? -1.274  11.355  -4.135  1.000 20.373 0 111 CYS AAA C   1 ? 
ATOM   951  O O   . CYS A 1 112 ? -1.619  12.321  -4.838  1.000 24.688 0 111 CYS AAA O   1 ? 
ATOM   952  C CB  . CYS A 1 112 ? -2.871  10.966  -2.344  1.000 20.596 0 111 CYS AAA CB  1 ? 
ATOM   953  S SG  . CYS A 1 112 ? -4.358  10.140  -1.762  1.000 22.337 0 111 CYS AAA SG  1 ? 
ATOM   954  N N   . ASP A 1 113 ? -0.040  11.181  -3.737  1.000 19.868 0 112 ASP AAA N   1 ? 
ATOM   955  C CA  . ASP A 1 113 ? 1.026   12.178  -3.963  1.000 20.022 0 112 ASP AAA CA  1 ? 
ATOM   956  C C   . ASP A 1 113 ? 2.348   11.444  -4.066  1.000 19.230 0 112 ASP AAA C   1 ? 
ATOM   957  O O   . ASP A 1 113 ? 2.994   11.164  -3.073  1.000 21.214 0 112 ASP AAA O   1 ? 
ATOM   958  C CB  . ASP A 1 113 ? 0.980   13.230  -2.844  1.000 22.091 0 112 ASP AAA CB  1 ? 
ATOM   959  C CG  . ASP A 1 113 ? 1.668   14.534  -3.201  1.000 30.730 0 112 ASP AAA CG  1 ? 
ATOM   960  O OD1 . ASP A 1 113 ? 2.352   14.588  -4.258  1.000 33.804 0 112 ASP AAA OD1 1 ? 
ATOM   961  O OD2 . ASP A 1 113 ? 1.502   15.490  -2.454  1.000 30.291 0 112 ASP AAA OD2 1 ? 
ATOM   962  N N   . PRO A 1 114 ? 2.731   10.985  -5.297  1.000 20.139 0 113 PRO AAA N   1 ? 
ATOM   963  C CA  . PRO A 1 114 ? 3.938   10.187  -5.493  1.000 22.135 0 113 PRO AAA CA  1 ? 
ATOM   964  C C   . PRO A 1 114 ? 5.278   10.839  -5.135  1.000 19.872 0 113 PRO AAA C   1 ? 
ATOM   965  O O   . PRO A 1 114 ? 5.300   12.061  -4.937  1.000 26.104 0 113 PRO AAA O   1 ? 
ATOM   966  C CB  . PRO A 1 114 ? 3.956   9.940   -7.017  1.000 22.840 0 113 PRO AAA CB  1 ? 
ATOM   967  C CG  . PRO A 1 114 ? 2.524   10.035  -7.408  1.000 24.091 0 113 PRO AAA CG  1 ? 
ATOM   968  C CD  . PRO A 1 114 ? 1.932   11.108  -6.510  1.000 24.048 0 113 PRO AAA CD  1 ? 
ATOM   969  N N   . ASN A 1 115 ? 6.340   10.032  -5.048  1.000 20.921 0 114 ASN AAA N   1 ? 
ATOM   970  C CA  . ASN A 1 115 ? 7.747   10.497  -4.856  1.000 22.903 0 114 ASN AAA CA  1 ? 
ATOM   971  C C   . ASN A 1 115 ? 8.493   10.233  -6.158  1.000 20.202 0 114 ASN AAA C   1 ? 
ATOM   972  O O   . ASN A 1 115 ? 9.223   9.229   -6.249  1.000 22.800 0 114 ASN AAA O   1 ? 
ATOM   973  C CB  . ASN A 1 115 ? 8.402   9.792   -3.676  1.000 24.339 0 114 ASN AAA CB  1 ? 
ATOM   974  C CG  . ASN A 1 115 ? 7.701   10.015  -2.357  1.000 27.442 0 114 ASN AAA CG  1 ? 
ATOM   975  O OD1 . ASN A 1 115 ? 7.367   9.069   -1.638  1.000 31.160 0 114 ASN AAA OD1 1 ? 
ATOM   976  N ND2 . ASN A 1 115 ? 7.507   11.272  -2.037  1.000 29.391 0 114 ASN AAA ND2 1 ? 
ATOM   977  N N   . PRO A 1 116 ? 8.328   11.079  -7.187  1.000 23.491 0 115 PRO AAA N   1 ? 
ATOM   978  C CA  . PRO A 1 116 ? 8.964   10.781  -8.478  1.000 23.551 0 115 PRO AAA CA  1 ? 
ATOM   979  C C   . PRO A 1 116 ? 10.494  10.888  -8.502  1.000 28.227 0 115 PRO AAA C   1 ? 
ATOM   980  O O   . PRO A 1 116 ? 11.050  10.389  -9.482  1.000 26.968 0 115 PRO AAA O   1 ? 
ATOM   981  C CB  . PRO A 1 116 ? 8.321   11.813  -9.396  1.000 25.783 0 115 PRO AAA CB  1 ? 
ATOM   982  C CG  . PRO A 1 116 ? 8.103   12.994  -8.523  1.000 24.465 0 115 PRO AAA CG  1 ? 
ATOM   983  C CD  . PRO A 1 116 ? 7.658   12.387  -7.196  1.000 22.714 0 115 PRO AAA CD  1 ? 
ATOM   984  N N   . ASP A 1 117 ? 11.133  11.444  -7.461  1.000 27.838 0 116 ASP AAA N   1 ? 
ATOM   985  C CA  . ASP A 1 117 ? 12.620  11.513  -7.409  1.000 31.572 0 116 ASP AAA CA  1 ? 
ATOM   986  C C   . ASP A 1 117 ? 13.165  10.216  -6.799  1.000 33.442 0 116 ASP AAA C   1 ? 
ATOM   987  O O   . ASP A 1 117 ? 14.404  10.001  -6.848  1.000 36.841 0 116 ASP AAA O   1 ? 
ATOM   988  C CB  . ASP A 1 117 ? 13.054  12.828  -6.761  1.000 35.209 0 116 ASP AAA CB  1 ? 
ATOM   989  C CG  . ASP A 1 117 ? 12.594  14.025  -7.577  1.000 40.133 0 116 ASP AAA CG  1 ? 
ATOM   990  O OD1 . ASP A 1 117 ? 12.350  15.077  -6.977  1.000 48.586 0 116 ASP AAA OD1 1 ? 
ATOM   991  O OD2 . ASP A 1 117 ? 12.468  13.886  -8.825  1.000 40.834 0 116 ASP AAA OD2 1 ? 
ATOM   992  N N   . ASP A 1 118 ? 12.296  9.303   -6.343  1.000 31.560 0 117 ASP AAA N   1 ? 
ATOM   993  C CA  . ASP A 1 118 ? 12.709  7.955   -5.898  1.000 33.457 0 117 ASP AAA CA  1 ? 
ATOM   994  C C   . ASP A 1 118 ? 11.839  6.941   -6.621  1.000 30.144 0 117 ASP AAA C   1 ? 
ATOM   995  O O   . ASP A 1 118 ? 11.082  6.208   -5.994  1.000 33.214 0 117 ASP AAA O   1 ? 
ATOM   996  C CB  . ASP A 1 118 ? 12.626  7.830   -4.371  1.000 35.301 0 117 ASP AAA CB  1 ? 
ATOM   997  C CG  . ASP A 1 118 ? 13.253  6.560   -3.818  1.000 33.808 0 117 ASP AAA CG  1 ? 
ATOM   998  O OD1 . ASP A 1 118 ? 13.981  5.895   -4.573  1.000 42.732 0 117 ASP AAA OD1 1 ? 
ATOM   999  O OD2 . ASP A 1 118 ? 13.041  6.264   -2.614  1.000 42.884 0 117 ASP AAA OD2 1 ? 
ATOM   1000 N N   . PRO A 1 119 ? 11.958  6.832   -7.956  1.000 27.236 0 118 PRO AAA N   1 ? 
ATOM   1001 C CA  . PRO A 1 119 ? 11.057  5.977   -8.694  1.000 26.098 0 118 PRO AAA CA  1 ? 
ATOM   1002 C C   . PRO A 1 119 ? 11.475  4.520   -8.785  1.000 27.165 0 118 PRO AAA C   1 ? 
ATOM   1003 O O   . PRO A 1 119 ? 12.674  4.170   -8.667  1.000 27.138 0 118 PRO AAA O   1 ? 
ATOM   1004 C CB  . PRO A 1 119 ? 11.059  6.649   -10.071 1.000 28.623 0 118 PRO AAA CB  1 ? 
ATOM   1005 C CG  . PRO A 1 119 ? 12.466  7.127   -10.234 1.000 29.782 0 118 PRO AAA CG  1 ? 
ATOM   1006 C CD  . PRO A 1 119 ? 12.921  7.507   -8.836  1.000 29.852 0 118 PRO AAA CD  1 ? 
ATOM   1007 N N   . LEU A 1 120 ? 10.500  3.674   -9.051  1.000 21.231 0 119 LEU AAA N   1 ? 
ATOM   1008 C CA  . LEU A 1 120 ? 10.709  2.322   -9.540  1.000 22.342 0 119 LEU AAA CA  1 ? 
ATOM   1009 C C   . LEU A 1 120 ? 10.434  2.317   -11.043 1.000 22.192 0 119 LEU AAA C   1 ? 
ATOM   1010 O O   . LEU A 1 120 ? 10.844  1.350   -11.694 1.000 24.743 0 119 LEU AAA O   1 ? 
ATOM   1011 C CB  . LEU A 1 120 ? 9.807   1.314   -8.817  1.000 23.601 0 119 LEU AAA CB  1 ? 
ATOM   1012 C CG  . LEU A 1 120 ? 10.168  1.018   -7.374  1.000 24.335 0 119 LEU AAA CG  1 ? 
ATOM   1013 C CD1 . LEU A 1 120 ? 9.339   -0.144  -6.873  1.000 22.668 0 119 LEU AAA CD1 1 ? 
ATOM   1014 C CD2 . LEU A 1 120 ? 11.661  0.717   -7.197  1.000 23.679 0 119 LEU AAA CD2 1 ? 
ATOM   1015 N N   . VAL A 1 121 ? 9.635   3.259   -11.545 1.000 20.120 0 120 VAL AAA N   1 ? 
ATOM   1016 C CA  . VAL A 1 121 ? 9.310   3.202   -12.997 1.000 20.392 0 120 VAL AAA CA  1 ? 
ATOM   1017 C C   . VAL A 1 121 ? 9.688   4.560   -13.543 1.000 19.250 0 120 VAL AAA C   1 ? 
ATOM   1018 O O   . VAL A 1 121 ? 8.950   5.520   -13.476 1.000 18.788 0 120 VAL AAA O   1 ? 
ATOM   1019 C CB  . VAL A 1 121 ? 7.846   2.876   -13.304 1.000 20.275 0 120 VAL AAA CB  1 ? 
ATOM   1020 C CG1 . VAL A 1 121 ? 7.697   2.615   -14.790 1.000 20.865 0 120 VAL AAA CG1 1 ? 
ATOM   1021 C CG2 . VAL A 1 121 ? 7.331   1.698   -12.480 1.000 23.419 0 120 VAL AAA CG2 1 ? 
ATOM   1022 N N   . PRO A 1 122 ? 10.927  4.684   -14.108 1.000 20.999 0 121 PRO AAA N   1 ? 
ATOM   1023 C CA  . PRO A 1 122 ? 11.383  5.996   -14.561 1.000 20.292 0 121 PRO AAA CA  1 ? 
ATOM   1024 C C   . PRO A 1 122 ? 10.441  6.754   -15.514 1.000 18.283 0 121 PRO AAA C   1 ? 
ATOM   1025 O O   . PRO A 1 122 ? 10.346  7.933   -15.375 1.000 18.046 0 121 PRO AAA O   1 ? 
ATOM   1026 C CB  . PRO A 1 122 ? 12.770  5.653   -15.162 1.000 22.141 0 121 PRO AAA CB  1 ? 
ATOM   1027 C CG  . PRO A 1 122 ? 13.237  4.427   -14.411 1.000 23.607 0 121 PRO AAA CG  1 ? 
ATOM   1028 C CD  . PRO A 1 122 ? 11.959  3.639   -14.179 1.000 22.249 0 121 PRO AAA CD  1 ? 
ATOM   1029 N N   . GLU A 1 123 ? 9.834   6.090   -16.485 1.000 18.314 0 122 GLU AAA N   1 ? 
ATOM   1030 C CA  . GLU A 1 123 ? 9.016   6.858   -17.447 1.000 18.043 0 122 GLU AAA CA  1 ? 
ATOM   1031 C C   . GLU A 1 123 ? 7.780   7.447   -16.764 1.000 18.274 0 122 GLU AAA C   1 ? 
ATOM   1032 O O   . GLU A 1 123 ? 7.351   8.560   -17.101 1.000 18.194 0 122 GLU AAA O   1 ? 
ATOM   1033 C CB  . GLU A 1 123 ? 8.622   6.012   -18.620 1.000 18.238 0 122 GLU AAA CB  1 ? 
ATOM   1034 C CG  . GLU A 1 123 ? 7.658   6.690   -19.550 1.000 19.167 0 122 GLU AAA CG  1 ? 
ATOM   1035 C CD  . GLU A 1 123 ? 8.094   7.997   -20.135 1.000 22.424 0 122 GLU AAA CD  1 ? 
ATOM   1036 O OE1 . GLU A 1 123 ? 9.318   8.256   -20.201 1.000 21.197 0 122 GLU AAA OE1 1 ? 
ATOM   1037 O OE2 . GLU A 1 123 ? 7.228   8.803   -20.570 1.000 22.291 0 122 GLU AAA OE2 1 ? 
ATOM   1038 N N   . ILE A 1 124 ? 7.183   6.688   -15.822 1.000 19.106 0 123 ILE AAA N   1 ? 
ATOM   1039 C CA  . ILE A 1 124 ? 5.968   7.214   -15.118 1.000 18.358 0 123 ILE AAA CA  1 ? 
ATOM   1040 C C   . ILE A 1 124 ? 6.350   8.429   -14.254 1.000 17.732 0 123 ILE AAA C   1 ? 
ATOM   1041 O O   . ILE A 1 124 ? 5.634   9.414   -14.263 1.000 19.522 0 123 ILE AAA O   1 ? 
ATOM   1042 C CB  . ILE A 1 124 ? 5.311   6.071   -14.319 1.000 18.842 0 123 ILE AAA CB  1 ? 
ATOM   1043 C CG1 . ILE A 1 124 ? 4.931   4.909   -15.223 1.000 18.255 0 123 ILE AAA CG1 1 ? 
ATOM   1044 C CG2 . ILE A 1 124 ? 4.108   6.638   -13.599 1.000 18.550 0 123 ILE AAA CG2 1 ? 
ATOM   1045 C CD1 . ILE A 1 124 ? 4.255   3.739   -14.510 1.000 18.369 0 123 ILE AAA CD1 1 ? 
ATOM   1046 N N   . ALA A 1 125 ? 7.513   8.329   -13.597 1.000 20.571 0 124 ALA AAA N   1 ? 
ATOM   1047 C CA  . ALA A 1 125 ? 8.045   9.496   -12.864 1.000 20.991 0 124 ALA AAA CA  1 ? 
ATOM   1048 C C   . ALA A 1 125 ? 8.216   10.696  -13.821 1.000 21.438 0 124 ALA AAA C   1 ? 
ATOM   1049 O O   . ALA A 1 125 ? 7.879   11.836  -13.511 1.000 21.828 0 124 ALA AAA O   1 ? 
ATOM   1050 C CB  . ALA A 1 125 ? 9.322   9.122   -12.187 1.000 22.266 0 124 ALA AAA CB  1 ? 
ATOM   1051 N N   . ARG A 1 126 ? 8.775   10.441  -15.013 1.000 21.374 0 125 ARG AAA N   1 ? 
ATOM   1052 C CA  . ARG A 1 126 ? 9.055   11.572  -15.937 1.000 22.689 0 125 ARG AAA CA  1 ? 
ATOM   1053 C C   . ARG A 1 126 ? 7.724   12.182  -16.357 1.000 22.366 0 125 ARG AAA C   1 ? 
ATOM   1054 O O   . ARG A 1 126 ? 7.597   13.407  -16.368 1.000 23.309 0 125 ARG AAA O   1 ? 
ATOM   1055 C CB  . ARG A 1 126 ? 9.856   11.056  -17.135 1.000 23.531 0 125 ARG AAA CB  1 ? 
ATOM   1056 C CG  . ARG A 1 126 ? 9.985   12.105  -18.235 1.000 23.112 0 125 ARG AAA CG  1 ? 
ATOM   1057 C CD  . ARG A 1 126 ? 10.831  11.612  -19.410 1.000 23.467 0 125 ARG AAA CD  1 ? 
ATOM   1058 N NE  . ARG A 1 126 ? 12.235  11.446  -19.114 1.000 24.460 0 125 ARG AAA NE  1 ? 
ATOM   1059 C CZ  . ARG A 1 126 ? 13.136  12.436  -19.103 1.000 24.945 0 125 ARG AAA CZ  1 ? 
ATOM   1060 N NH1 . ARG A 1 126 ? 12.781  13.682  -19.435 1.000 24.110 0 125 ARG AAA NH1 1 ? 
ATOM   1061 N NH2 . ARG A 1 126 ? 14.384  12.128  -18.780 1.000 30.004 0 125 ARG AAA NH2 1 ? 
ATOM   1062 N N   . ILE A 1 127 ? 6.731   11.381  -16.713 1.000 20.444 0 126 ILE AAA N   1 ? 
ATOM   1063 C CA  . ILE A 1 127 ? 5.459   11.964  -17.175 1.000 20.967 0 126 ILE AAA CA  1 ? 
ATOM   1064 C C   . ILE A 1 127 ? 4.752   12.663  -16.003 1.000 21.139 0 126 ILE AAA C   1 ? 
ATOM   1065 O O   . ILE A 1 127 ? 4.168   13.736  -16.177 1.000 21.344 0 126 ILE AAA O   1 ? 
ATOM   1066 C CB  . ILE A 1 127 ? 4.628   10.904  -17.916 1.000 25.234 0 126 ILE AAA CB  1 ? 
ATOM   1067 C CG1 . ILE A 1 127 ? 3.783   11.527  -19.022 1.000 32.489 0 126 ILE AAA CG1 1 ? 
ATOM   1068 C CG2 . ILE A 1 127 ? 3.853   10.007  -17.002 1.000 30.618 0 126 ILE AAA CG2 1 ? 
ATOM   1069 C CD1 . ILE A 1 127 ? 4.637   11.801  -20.247 1.000 29.730 0 126 ILE AAA CD1 1 ? 
ATOM   1070 N N   . TYR A 1 128 ? 4.851   12.095  -14.785 1.000 21.139 0 127 TYR AAA N   1 ? 
ATOM   1071 C CA  . TYR A 1 128 ? 4.290   12.788  -13.599 1.000 21.585 0 127 TYR AAA CA  1 ? 
ATOM   1072 C C   . TYR A 1 128 ? 4.861   14.207  -13.472 1.000 22.344 0 127 TYR AAA C   1 ? 
ATOM   1073 O O   . TYR A 1 128 ? 4.172   15.126  -13.240 1.000 22.760 0 127 TYR AAA O   1 ? 
ATOM   1074 C CB  . TYR A 1 128 ? 4.541   11.938  -12.359 1.000 21.550 0 127 TYR AAA CB  1 ? 
ATOM   1075 C CG  . TYR A 1 128 ? 3.980   12.601  -11.129 1.000 20.698 0 127 TYR AAA CG  1 ? 
ATOM   1076 C CD1 . TYR A 1 128 ? 2.670   12.392  -10.771 1.000 22.444 0 127 TYR AAA CD1 1 ? 
ATOM   1077 C CD2 . TYR A 1 128 ? 4.771   13.373  -10.299 1.000 22.511 0 127 TYR AAA CD2 1 ? 
ATOM   1078 C CE1 . TYR A 1 128 ? 2.126   13.001  -9.658  1.000 23.507 0 127 TYR AAA CE1 1 ? 
ATOM   1079 C CE2 . TYR A 1 128 ? 4.257   13.956  -9.151  1.000 26.333 0 127 TYR AAA CE2 1 ? 
ATOM   1080 C CZ  . TYR A 1 128 ? 2.926   13.772  -8.844  1.000 22.999 0 127 TYR AAA CZ  1 ? 
ATOM   1081 O OH  . TYR A 1 128 ? 2.420   14.352  -7.711  1.000 27.454 0 127 TYR AAA OH  1 ? 
ATOM   1082 N N   . LYS A 1 129 ? 6.163   14.337  -13.648 1.000 23.275 0 128 LYS AAA N   1 ? 
ATOM   1083 C CA  . LYS A 1 129 ? 6.876   15.622  -13.430 1.000 24.974 0 128 LYS AAA CA  1 ? 
ATOM   1084 C C   . LYS A 1 129 ? 6.673   16.585  -14.599 1.000 29.277 0 128 LYS AAA C   1 ? 
ATOM   1085 O O   . LYS A 1 129 ? 6.619   17.784  -14.351 1.000 31.842 0 128 LYS AAA O   1 ? 
ATOM   1086 C CB  . LYS A 1 129 ? 8.371   15.352  -13.234 1.000 26.969 0 128 LYS AAA CB  1 ? 
ATOM   1087 C CG  . LYS A 1 129 ? 8.745   14.659  -11.945 1.000 27.513 0 128 LYS AAA CG  1 ? 
ATOM   1088 C CD  . LYS A 1 129 ? 10.221  14.329  -11.844 1.000 32.761 0 128 LYS AAA CD  1 ? 
ATOM   1089 C CE  . LYS A 1 129 ? 10.970  15.398  -11.083 1.000 40.656 0 128 LYS AAA CE  1 ? 
ATOM   1090 N NZ  . LYS A 1 129 ? 12.416  15.081  -10.993 1.000 42.378 0 128 LYS AAA NZ  1 ? 
ATOM   1091 N N   . THR A 1 130 ? 6.515   16.108  -15.834 1.000 24.297 0 129 THR AAA N   1 ? 
ATOM   1092 C CA  . THR A 1 130 ? 6.533   16.977  -17.042 1.000 26.375 0 129 THR AAA CA  1 ? 
ATOM   1093 C C   . THR A 1 130 ? 5.123   17.232  -17.567 1.000 27.979 0 129 THR AAA C   1 ? 
ATOM   1094 O O   . THR A 1 130 ? 4.909   18.236  -18.216 1.000 27.940 0 129 THR AAA O   1 ? 
ATOM   1095 C CB  . THR A 1 130 ? 7.494   16.372  -18.069 1.000 27.911 0 129 THR AAA CB  1 ? 
ATOM   1096 O OG1 . THR A 1 130 ? 6.980   15.075  -18.410 1.000 28.111 0 129 THR AAA OG1 1 ? 
ATOM   1097 C CG2 . THR A 1 130 ? 8.916   16.296  -17.564 1.000 26.701 0 129 THR AAA CG2 1 ? 
ATOM   1098 N N   . ASP A 1 131 ? 4.139   16.341  -17.344 1.000 27.047 0 130 ASP AAA N   1 ? 
ATOM   1099 C CA  . ASP A 1 131 ? 2.777   16.493  -17.922 1.000 25.900 0 130 ASP AAA CA  1 ? 
ATOM   1100 C C   . ASP A 1 131 ? 1.730   15.805  -17.028 1.000 26.235 0 130 ASP AAA C   1 ? 
ATOM   1101 O O   . ASP A 1 131 ? 1.287   14.680  -17.322 1.000 24.374 0 130 ASP AAA O   1 ? 
ATOM   1102 C CB  . ASP A 1 131 ? 2.721   15.976  -19.364 1.000 29.020 0 130 ASP AAA CB  1 ? 
ATOM   1103 C CG  . ASP A 1 131 ? 1.440   16.327  -20.101 1.000 29.093 0 130 ASP AAA CG  1 ? 
ATOM   1104 O OD1 . ASP A 1 131 ? 1.435   16.197  -21.350 1.000 33.965 0 130 ASP AAA OD1 1 ? 
ATOM   1105 O OD2 . ASP A 1 131 ? 0.479   16.750  -19.461 1.000 30.074 0 130 ASP AAA OD2 1 ? 
ATOM   1106 N N   . ARG A 1 132 ? 1.281   16.527  -16.016 1.000 26.653 0 131 ARG AAA N   1 ? 
ATOM   1107 C CA  . ARG A 1 132 ? 0.413   15.938  -14.970 1.000 25.143 0 131 ARG AAA CA  1 ? 
ATOM   1108 C C   . ARG A 1 132 ? -0.952  15.564  -15.542 1.000 26.365 0 131 ARG AAA C   1 ? 
ATOM   1109 O O   . ARG A 1 132 ? -1.459  14.512  -15.141 1.000 26.516 0 131 ARG AAA O   1 ? 
ATOM   1110 C CB  . ARG A 1 132 ? 0.292   16.928  -13.816 1.000 25.300 0 131 ARG AAA CB  1 ? 
ATOM   1111 C CG  . ARG A 1 132 ? -0.419  16.332  -12.610 1.000 26.545 0 131 ARG AAA CG  1 ? 
ATOM   1112 C CD  . ARG A 1 132 ? 0.429   15.224  -12.032 1.000 24.260 0 131 ARG AAA CD  1 ? 
ATOM   1113 N NE  . ARG A 1 132 ? 1.760   15.668  -11.673 1.000 27.637 0 131 ARG AAA NE  1 ? 
ATOM   1114 C CZ  . ARG A 1 132 ? 2.079   16.521  -10.715 1.000 32.826 0 131 ARG AAA CZ  1 ? 
ATOM   1115 N NH1 . ARG A 1 132 ? 3.342   16.864  -10.537 1.000 37.885 0 131 ARG AAA NH1 1 ? 
ATOM   1116 N NH2 . ARG A 1 132 ? 1.152   17.025  -9.917  1.000 35.431 0 131 ARG AAA NH2 1 ? 
ATOM   1117 N N   . GLU A 1 133 ? -1.545  16.309  -16.473 1.000 27.134 0 132 GLU AAA N   1 ? 
ATOM   1118 C CA  . GLU A 1 133 ? -2.871  15.951  -17.036 1.000 28.806 0 132 GLU AAA CA  1 ? 
ATOM   1119 C C   . GLU A 1 133 ? -2.727  14.612  -17.797 1.000 26.793 0 132 GLU AAA C   1 ? 
ATOM   1120 O O   . GLU A 1 133 ? -3.666  13.763  -17.734 1.000 27.394 0 132 GLU AAA O   1 ? 
ATOM   1121 C CB  . GLU A 1 133 ? -3.448  17.087  -17.901 1.000 35.598 0 132 GLU AAA CB  1 ? 
ATOM   1122 C CG  . GLU A 1 133 ? -3.853  18.327  -17.101 1.000 40.715 0 132 GLU AAA CG  1 ? 
ATOM   1123 C CD  . GLU A 1 133 ? -5.233  18.305  -16.447 1.000 50.566 0 132 GLU AAA CD  1 ? 
ATOM   1124 O OE1 . GLU A 1 133 ? -6.246  18.190  -17.193 1.000 55.764 0 132 GLU AAA OE1 1 ? 
ATOM   1125 O OE2 . GLU A 1 133 ? -5.306  18.438  -15.190 1.000 56.180 0 132 GLU AAA OE2 1 ? 
ATOM   1126 N N   . LYS A 1 134 ? -1.601  14.406  -18.490 1.000 24.170 0 133 LYS AAA N   1 ? 
ATOM   1127 C CA  . LYS A 1 134 ? -1.343  13.145  -19.214 1.000 24.862 0 133 LYS AAA CA  1 ? 
ATOM   1128 C C   . LYS A 1 134 ? -1.155  12.000  -18.196 1.000 22.310 0 133 LYS AAA C   1 ? 
ATOM   1129 O O   . LYS A 1 134 ? -1.719  10.937  -18.394 1.000 20.818 0 133 LYS AAA O   1 ? 
ATOM   1130 C CB  . LYS A 1 134 ? -0.149  13.260  -20.164 1.000 26.089 0 133 LYS AAA CB  1 ? 
ATOM   1131 C CG  . LYS A 1 134 ? -0.075  12.094  -21.136 1.000 27.621 0 133 LYS AAA CG  1 ? 
ATOM   1132 C CD  . LYS A 1 134 ? 1.191   12.050  -21.999 1.000 33.567 0 133 LYS AAA CD  1 ? 
ATOM   1133 C CE  . LYS A 1 134 ? 1.430   13.291  -22.825 1.000 38.579 0 133 LYS AAA CE  1 ? 
ATOM   1134 N NZ  . LYS A 1 134 ? 0.486   13.381  -23.953 1.000 43.324 0 133 LYS AAA NZ  1 ? 
ATOM   1135 N N   . TYR A 1 135 ? -0.335  12.211  -17.169 1.000 21.368 0 134 TYR AAA N   1 ? 
ATOM   1136 C CA  . TYR A 1 135 ? -0.180  11.230  -16.061 1.000 20.576 0 134 TYR AAA CA  1 ? 
ATOM   1137 C C   . TYR A 1 135 ? -1.586  10.836  -15.579 1.000 20.775 0 134 TYR AAA C   1 ? 
ATOM   1138 O O   . TYR A 1 135 ? -1.870  9.641   -15.424 1.000 19.400 0 134 TYR AAA O   1 ? 
ATOM   1139 C CB  . TYR A 1 135 ? 0.672   11.808  -14.949 1.000 22.231 0 134 TYR AAA CB  1 ? 
ATOM   1140 C CG  . TYR A 1 135 ? 0.705   10.931  -13.731 1.000 19.875 0 134 TYR AAA CG  1 ? 
ATOM   1141 C CD1 . TYR A 1 135 ? -0.202  11.106  -12.701 1.000 21.330 0 134 TYR AAA CD1 1 ? 
ATOM   1142 C CD2 . TYR A 1 135 ? 1.601   9.896   -13.642 1.000 21.367 0 134 TYR AAA CD2 1 ? 
ATOM   1143 C CE1 . TYR A 1 135 ? -0.217  10.220  -11.614 1.000 20.887 0 134 TYR AAA CE1 1 ? 
ATOM   1144 C CE2 . TYR A 1 135 ? 1.627   9.040   -12.577 1.000 20.303 0 134 TYR AAA CE2 1 ? 
ATOM   1145 C CZ  . TYR A 1 135 ? 0.694   9.199   -11.572 1.000 19.673 0 134 TYR AAA CZ  1 ? 
ATOM   1146 O OH  . TYR A 1 135 ? 0.764   8.370   -10.491 1.000 21.595 0 134 TYR AAA OH  1 ? 
ATOM   1147 N N   . ASN A 1 136 ? -2.409  11.812  -15.221 1.000 19.999 0 135 ASN AAA N   1 ? 
ATOM   1148 C CA  . ASN A 1 136 ? -3.725  11.501  -14.630 1.000 21.054 0 135 ASN AAA CA  1 ? 
ATOM   1149 C C   . ASN A 1 136 ? -4.568  10.738  -15.630 1.000 21.710 0 135 ASN AAA C   1 ? 
ATOM   1150 O O   . ASN A 1 136 ? -5.284  9.776   -15.237 1.000 21.378 0 135 ASN AAA O   1 ? 
ATOM   1151 C CB  . ASN A 1 136 ? -4.505  12.733  -14.241 1.000 22.279 0 135 ASN AAA CB  1 ? 
ATOM   1152 C CG  . ASN A 1 136 ? -3.915  13.453  -13.054 1.000 27.941 0 135 ASN AAA CG  1 ? 
ATOM   1153 O OD1 . ASN A 1 136 ? -3.137  12.913  -12.295 1.000 25.666 0 135 ASN AAA OD1 1 ? 
ATOM   1154 N ND2 . ASN A 1 136 ? -4.281  14.711  -12.897 1.000 26.842 0 135 ASN AAA ND2 1 ? 
ATOM   1155 N N   . ARG A 1 137 ? -4.531  11.116  -16.901 1.000 21.521 0 136 ARG AAA N   1 ? 
ATOM   1156 C CA  . ARG A 1 137 ? -5.313  10.408  -17.928 1.000 21.899 0 136 ARG AAA CA  1 ? 
ATOM   1157 C C   . ARG A 1 137 ? -4.901  8.945   -18.001 1.000 19.447 0 136 ARG AAA C   1 ? 
ATOM   1158 O O   . ARG A 1 137 ? -5.747  8.093   -17.981 1.000 20.085 0 136 ARG AAA O   1 ? 
ATOM   1159 C CB  . ARG A 1 137 ? -5.153  11.116  -19.284 1.000 25.072 0 136 ARG AAA CB  1 ? 
ATOM   1160 C CG  . ARG A 1 137 ? -6.329  12.006  -19.660 1.000 34.973 0 136 ARG AAA CG  1 ? 
ATOM   1161 N N   . ILE A 1 138 ? -3.613  8.712   -18.017 1.000 19.039 0 137 ILE AAA N   1 ? 
ATOM   1162 C CA  . ILE A 1 138 ? -3.116  7.317   -18.172 1.000 19.333 0 137 ILE AAA CA  1 ? 
ATOM   1163 C C   . ILE A 1 138 ? -3.433  6.522   -16.902 1.000 17.669 0 137 ILE AAA C   1 ? 
ATOM   1164 O O   . ILE A 1 138 ? -3.861  5.388   -16.980 1.000 18.104 0 137 ILE AAA O   1 ? 
ATOM   1165 C CB  . ILE A 1 138 ? -1.631  7.306   -18.603 1.000 19.707 0 137 ILE AAA CB  1 ? 
ATOM   1166 C CG1 . ILE A 1 138 ? -1.432  8.034   -19.967 1.000 20.955 0 137 ILE AAA CG1 1 ? 
ATOM   1167 C CG2 . ILE A 1 138 ? -1.077  5.872   -18.615 1.000 21.403 0 137 ILE AAA CG2 1 ? 
ATOM   1168 C CD1 . ILE A 1 138 ? -0.004  8.455   -20.269 1.000 23.426 0 137 ILE AAA CD1 1 ? 
ATOM   1169 N N   . ALA A 1 139 ? -3.202  7.129   -15.746 1.000 17.269 0 138 ALA AAA N   1 ? 
ATOM   1170 C CA  . ALA A 1 139 ? -3.498  6.420   -14.473 1.000 17.651 0 138 ALA AAA CA  1 ? 
ATOM   1171 C C   . ALA A 1 139 ? -5.000  6.075   -14.380 1.000 16.949 0 138 ALA AAA C   1 ? 
ATOM   1172 O O   . ALA A 1 139 ? -5.352  5.001   -13.894 1.000 17.646 0 138 ALA AAA O   1 ? 
ATOM   1173 C CB  . ALA A 1 139 ? -3.046  7.274   -13.308 1.000 17.521 0 138 ALA AAA CB  1 ? 
ATOM   1174 N N   . ARG A 1 140 ? -5.894  6.937   -14.845 1.000 18.010 0 139 ARG AAA N   1 ? 
ATOM   1175 C CA  . ARG A 1 140 ? -7.347  6.621   -14.916 1.000 18.930 0 139 ARG AAA CA  1 ? 
ATOM   1176 C C   . ARG A 1 140 ? -7.611  5.468   -15.911 1.000 18.808 0 139 ARG AAA C   1 ? 
ATOM   1177 O O   . ARG A 1 140 ? -8.375  4.587   -15.586 1.000 18.879 0 139 ARG AAA O   1 ? 
ATOM   1178 C CB  . ARG A 1 140 ? -8.198  7.827   -15.357 1.000 21.323 0 139 ARG AAA CB  1 ? 
ATOM   1179 C CG  . ARG A 1 140 ? -8.332  8.982   -14.370 1.000 26.215 0 139 ARG AAA CG  1 ? 
ATOM   1180 C CD  . ARG A 1 140 ? -9.391  10.027  -14.727 1.000 28.934 0 139 ARG AAA CD  1 ? 
ATOM   1181 N NE  . ARG A 1 140 ? -9.139  10.758  -15.955 1.000 31.916 0 139 ARG AAA NE  1 ? 
ATOM   1182 C CZ  . ARG A 1 140 ? -8.456  11.893  -16.053 1.000 32.842 0 139 ARG AAA CZ  1 ? 
ATOM   1183 N NH1 . ARG A 1 140 ? -7.923  12.467  -14.988 1.000 35.245 0 139 ARG AAA NH1 1 ? 
ATOM   1184 N NH2 . ARG A 1 140 ? -8.337  12.462  -17.235 1.000 33.834 0 139 ARG AAA NH2 1 ? 
ATOM   1185 N N   . GLU A 1 141 ? -6.908  5.488   -17.032 1.000 18.454 0 140 GLU AAA N   1 ? 
ATOM   1186 C CA  . GLU A 1 141 ? -7.076  4.404   -18.045 1.000 20.126 0 140 GLU AAA CA  1 ? 
ATOM   1187 C C   . GLU A 1 141 ? -6.632  3.071   -17.474 1.000 18.803 0 140 GLU AAA C   1 ? 
ATOM   1188 O O   . GLU A 1 141 ? -7.299  2.112   -17.585 1.000 19.114 0 140 GLU AAA O   1 ? 
ATOM   1189 C CB  . GLU A 1 141 ? -6.226  4.696   -19.278 1.000 23.461 0 140 GLU AAA CB  1 ? 
ATOM   1190 C CG  . GLU A 1 141 ? -6.800  5.792   -20.173 1.000 29.737 0 140 GLU AAA CG  1 ? 
ATOM   1191 C CD  . GLU A 1 141 ? -5.894  6.381   -21.255 1.000 33.933 0 140 GLU AAA CD  1 ? 
ATOM   1192 O OE1 . GLU A 1 141 ? -4.728  5.947   -21.439 1.000 37.299 0 140 GLU AAA OE1 1 ? 
ATOM   1193 O OE2 . GLU A 1 141 ? -6.386  7.283   -21.955 1.000 47.472 0 140 GLU AAA OE2 1 ? 
ATOM   1194 N N   . TRP A 1 142 ? -5.525  3.073   -16.724 1.000 17.535 0 141 TRP AAA N   1 ? 
ATOM   1195 C CA  . TRP A 1 142 ? -5.027  1.818   -16.148 1.000 17.419 0 141 TRP AAA CA  1 ? 
ATOM   1196 C C   . TRP A 1 142 ? -5.935  1.387   -15.004 1.000 15.557 0 141 TRP AAA C   1 ? 
ATOM   1197 O O   . TRP A 1 142 ? -6.067  0.191   -14.790 1.000 17.331 0 141 TRP AAA O   1 ? 
ATOM   1198 C CB  . TRP A 1 142 ? -3.596  1.950   -15.633 1.000 17.564 0 141 TRP AAA CB  1 ? 
ATOM   1199 C CG  . TRP A 1 142 ? -2.528  1.868   -16.687 1.000 19.427 0 141 TRP AAA CG  1 ? 
ATOM   1200 C CD1 . TRP A 1 142 ? -2.472  2.456   -17.914 1.000 23.552 0 141 TRP AAA CD1 1 ? 
ATOM   1201 C CD2 . TRP A 1 142 ? -1.343  1.118   -16.541 1.000 19.074 0 141 TRP AAA CD2 1 ? 
ATOM   1202 N NE1 . TRP A 1 142 ? -1.279  2.107   -18.530 1.000 22.973 0 141 TRP AAA NE1 1 ? 
ATOM   1203 C CE2 . TRP A 1 142 ? -0.559  1.313   -17.706 1.000 20.515 0 141 TRP AAA CE2 1 ? 
ATOM   1204 C CE3 . TRP A 1 142 ? -0.842  0.343   -15.512 1.000 22.938 0 141 TRP AAA CE3 1 ? 
ATOM   1205 C CZ2 . TRP A 1 142 ? 0.705   0.744   -17.860 1.000 22.521 0 141 TRP AAA CZ2 1 ? 
ATOM   1206 C CZ3 . TRP A 1 142 ? 0.417   -0.198  -15.655 1.000 27.472 0 141 TRP AAA CZ3 1 ? 
ATOM   1207 C CH2 . TRP A 1 142 ? 1.152   -0.043  -16.828 1.000 26.432 0 141 TRP AAA CH2 1 ? 
ATOM   1208 N N   . THR A 1 143 ? -6.542  2.348   -14.291 1.000 16.085 0 142 THR AAA N   1 ? 
ATOM   1209 C CA  . THR A 1 143 ? -7.498  1.995   -13.245 1.000 15.661 0 142 THR AAA CA  1 ? 
ATOM   1210 C C   . THR A 1 143 ? -8.687  1.257   -13.888 1.000 17.810 0 142 THR AAA C   1 ? 
ATOM   1211 O O   . THR A 1 143 ? -9.142  0.238   -13.397 1.000 17.224 0 142 THR AAA O   1 ? 
ATOM   1212 C CB  . THR A 1 143 ? -7.982  3.215   -12.480 1.000 16.693 0 142 THR AAA CB  1 ? 
ATOM   1213 O OG1 . THR A 1 143 ? -6.857  3.769   -11.812 1.000 16.577 0 142 THR AAA OG1 1 ? 
ATOM   1214 C CG2 . THR A 1 143 ? -8.987  2.872   -11.414 1.000 17.454 0 142 THR AAA CG2 1 ? 
ATOM   1215 N N   A GLN A 1 144 ? -9.218  1.822   -14.975 0.500 17.420 0 143 GLN AAA N   1 ? 
ATOM   1216 N N   B GLN A 1 144 ? -9.217  1.823   -14.976 0.500 17.283 0 143 GLN AAA N   1 ? 
ATOM   1217 C CA  A GLN A 1 144 ? -10.347 1.153   -15.701 0.500 19.311 0 143 GLN AAA CA  1 ? 
ATOM   1218 C CA  B GLN A 1 144 ? -10.354 1.161   -15.701 0.500 19.031 0 143 GLN AAA CA  1 ? 
ATOM   1219 C C   A GLN A 1 144 ? -9.932  -0.228  -16.221 0.500 19.027 0 143 GLN AAA C   1 ? 
ATOM   1220 C C   B GLN A 1 144 ? -9.936  -0.218  -16.231 0.500 18.868 0 143 GLN AAA C   1 ? 
ATOM   1221 O O   A GLN A 1 144 ? -10.749 -1.182  -16.134 0.500 20.320 0 143 GLN AAA O   1 ? 
ATOM   1222 O O   B GLN A 1 144 ? -10.753 -1.172  -16.144 0.500 20.239 0 143 GLN AAA O   1 ? 
ATOM   1223 C CB  A GLN A 1 144 ? -10.780 2.022   -16.870 0.500 22.245 0 143 GLN AAA CB  1 ? 
ATOM   1224 C CB  B GLN A 1 144 ? -10.826 2.063   -16.835 0.500 21.613 0 143 GLN AAA CB  1 ? 
ATOM   1225 C CG  A GLN A 1 144 ? -11.250 3.394   -16.463 0.500 26.128 0 143 GLN AAA CG  1 ? 
ATOM   1226 C CG  B GLN A 1 144 ? -11.487 3.343   -16.373 0.500 25.310 0 143 GLN AAA CG  1 ? 
ATOM   1227 C CD  A GLN A 1 144 ? -11.436 4.270   -17.674 0.500 28.548 0 143 GLN AAA CD  1 ? 
ATOM   1228 C CD  B GLN A 1 144 ? -12.896 3.172   -15.856 0.500 27.651 0 143 GLN AAA CD  1 ? 
ATOM   1229 O OE1 A GLN A 1 144 ? -11.026 5.430   -17.693 0.500 37.083 0 143 GLN AAA OE1 1 ? 
ATOM   1230 O OE1 B GLN A 1 144 ? -13.380 3.980   -15.075 0.500 36.237 0 143 GLN AAA OE1 1 ? 
ATOM   1231 N NE2 A GLN A 1 144 ? -12.075 3.712   -18.689 0.500 34.471 0 143 GLN AAA NE2 1 ? 
ATOM   1232 N NE2 B GLN A 1 144 ? -13.587 2.150   -16.330 0.500 29.283 0 143 GLN AAA NE2 1 ? 
ATOM   1233 N N   . LYS A 1 145 ? -8.706  -0.340  -16.731 1.000 18.050 0 144 LYS AAA N   1 ? 
ATOM   1234 C CA  . LYS A 1 145 ? -8.222  -1.570  -17.385 1.000 19.255 0 144 LYS AAA CA  1 ? 
ATOM   1235 C C   . LYS A 1 145 ? -8.031  -2.674  -16.359 1.000 19.763 0 144 LYS AAA C   1 ? 
ATOM   1236 O O   . LYS A 1 145 ? -8.310  -3.860  -16.673 1.000 21.496 0 144 LYS AAA O   1 ? 
ATOM   1237 C CB  . LYS A 1 145 ? -6.956  -1.268  -18.163 1.000 22.597 0 144 LYS AAA CB  1 ? 
ATOM   1238 C CG  . LYS A 1 145 ? -6.317  -2.395  -18.948 1.000 25.383 0 144 LYS AAA CG  1 ? 
ATOM   1239 C CD  . LYS A 1 145 ? -5.371  -1.916  -20.023 1.000 27.983 0 144 LYS AAA CD  1 ? 
ATOM   1240 C CE  . LYS A 1 145 ? -4.796  -3.087  -20.783 1.000 31.283 0 144 LYS AAA CE  1 ? 
ATOM   1241 N NZ  . LYS A 1 145 ? -3.838  -2.644  -21.830 1.000 33.235 0 144 LYS AAA NZ  1 ? 
ATOM   1242 N N   . TYR A 1 146 ? -7.486  -2.376  -15.151 1.000 18.869 0 145 TYR AAA N   1 ? 
ATOM   1243 C CA  . TYR A 1 146 ? -7.007  -3.428  -14.235 1.000 19.415 0 145 TYR AAA CA  1 ? 
ATOM   1244 C C   . TYR A 1 146 ? -7.726  -3.464  -12.892 1.000 18.986 0 145 TYR AAA C   1 ? 
ATOM   1245 O O   . TYR A 1 146 ? -7.649  -4.507  -12.239 1.000 22.819 0 145 TYR AAA O   1 ? 
ATOM   1246 C CB  . TYR A 1 146 ? -5.504  -3.299  -13.995 1.000 19.058 0 145 TYR AAA CB  1 ? 
ATOM   1247 C CG  . TYR A 1 146 ? -4.692  -3.388  -15.250 1.000 20.039 0 145 TYR AAA CG  1 ? 
ATOM   1248 C CD1 . TYR A 1 146 ? -3.972  -2.326  -15.789 1.000 19.590 0 145 TYR AAA CD1 1 ? 
ATOM   1249 C CD2 . TYR A 1 146 ? -4.658  -4.598  -15.935 1.000 22.234 0 145 TYR AAA CD2 1 ? 
ATOM   1250 C CE1 . TYR A 1 146 ? -3.219  -2.442  -16.937 1.000 23.883 0 145 TYR AAA CE1 1 ? 
ATOM   1251 C CE2 . TYR A 1 146 ? -3.898  -4.740  -17.077 1.000 24.643 0 145 TYR AAA CE2 1 ? 
ATOM   1252 C CZ  . TYR A 1 146 ? -3.197  -3.666  -17.588 1.000 25.452 0 145 TYR AAA CZ  1 ? 
ATOM   1253 O OH  . TYR A 1 146 ? -2.483  -3.773  -18.737 1.000 30.913 0 145 TYR AAA OH  1 ? 
ATOM   1254 N N   . ALA A 1 147 ? -8.315  -2.382  -12.409 1.000 17.478 0 146 ALA AAA N   1 ? 
ATOM   1255 C CA  . ALA A 1 147 ? -8.722  -2.302  -10.990 1.000 18.127 0 146 ALA AAA CA  1 ? 
ATOM   1256 C C   . ALA A 1 147 ? -10.220 -2.188  -10.777 1.000 19.551 0 146 ALA AAA C   1 ? 
ATOM   1257 O O   . ALA A 1 147 ? -10.714 -1.856  -9.709  1.000 20.162 0 146 ALA AAA O   1 ? 
ATOM   1258 C CB  . ALA A 1 147 ? -7.938  -1.139  -10.358 1.000 18.607 0 146 ALA AAA CB  1 ? 
ATOM   1259 N N   . MET A 1 148 ? -10.979 -2.450  -11.857 1.000 21.141 0 147 MET AAA N   1 ? 
ATOM   1260 C CA  . MET A 1 148 ? -12.447 -2.307  -11.795 1.000 25.719 0 147 MET AAA CA  1 ? 
ATOM   1261 C C   . MET A 1 148 ? -13.085 -3.648  -12.184 1.000 32.866 0 147 MET AAA C   1 ? 
ATOM   1262 O O   . MET A 1 148 ? -12.519 -4.740  -11.879 1.000 32.926 0 147 MET AAA O   1 ? 
ATOM   1263 C CB  . MET A 1 148 ? -12.874 -1.092  -12.643 1.000 26.785 0 147 MET AAA CB  1 ? 
ATOM   1264 C CG  . MET A 1 148 ? -12.612 0.326   -11.941 1.000 24.055 0 147 MET AAA CG  1 ? 
ATOM   1265 S SD  . MET A 1 148 ? -13.108 1.526   -13.140 1.000 35.478 0 147 MET AAA SD  1 ? 
ATOM   1266 C CE  . MET A 1 148 ? -12.512 3.014   -12.342 1.000 32.597 0 147 MET AAA CE  1 ? 
ATOM   1267 O OXT . MET A 1 148 ? -14.178 -3.710  -12.737 1.000 40.880 0 147 MET AAA OXT 1 ? 
HETATM 1268 O O   . HOH B 2 .   ? -9.223  -14.995 5.731   1.000 42.592 0 201 HOH AAA O   1 ? 
HETATM 1269 O O   . HOH B 2 .   ? 14.331  4.534   -6.529  1.000 46.248 0 202 HOH AAA O   1 ? 
HETATM 1270 O O   . HOH B 2 .   ? -9.843  -19.211 9.263   1.000 44.337 0 203 HOH AAA O   1 ? 
HETATM 1271 O O   . HOH B 2 .   ? -13.859 15.419  -2.685  1.000 28.571 0 204 HOH AAA O   1 ? 
HETATM 1272 O O   . HOH B 2 .   ? -10.107 4.037   -20.277 1.000 40.190 0 205 HOH AAA O   1 ? 
HETATM 1273 O O   . HOH B 2 .   ? 6.599   -7.770  -14.219 1.000 41.553 0 206 HOH AAA O   1 ? 
HETATM 1274 O O   . HOH B 2 .   ? 14.376  4.144   2.369   1.000 41.546 0 207 HOH AAA O   1 ? 
HETATM 1275 O O   . HOH B 2 .   ? 15.947  10.592  -8.810  1.000 46.083 0 208 HOH AAA O   1 ? 
HETATM 1276 O O   . HOH B 2 .   ? -16.384 3.794   4.212   1.000 34.280 0 209 HOH AAA O   1 ? 
HETATM 1277 O O   . HOH B 2 .   ? 8.061   11.137  -21.249 1.000 24.136 0 210 HOH AAA O   1 ? 
HETATM 1278 O O   . HOH B 2 .   ? 2.730   10.665  1.333   1.000 36.249 0 211 HOH AAA O   1 ? 
HETATM 1279 O O   . HOH B 2 .   ? -9.120  -14.661 3.041   1.000 38.726 0 212 HOH AAA O   1 ? 
HETATM 1280 O O   . HOH B 2 .   ? -12.571 0.064   5.451   1.000 22.151 0 213 HOH AAA O   1 ? 
HETATM 1281 O O   . HOH B 2 .   ? 3.075   6.052   8.541   1.000 40.909 0 214 HOH AAA O   1 ? 
HETATM 1282 O O   . HOH B 2 .   ? 4.637   14.447  -5.741  1.000 37.482 0 215 HOH AAA O   1 ? 
HETATM 1283 O O   . HOH B 2 .   ? 8.629   6.603   -2.225  1.000 32.173 0 216 HOH AAA O   1 ? 
HETATM 1284 O O   . HOH B 2 .   ? -13.320 -1.199  -16.636 1.000 29.627 0 217 HOH AAA O   1 ? 
HETATM 1285 O O   . HOH B 2 .   ? -9.372  4.297   4.248   1.000 29.423 0 218 HOH AAA O   1 ? 
HETATM 1286 O O   . HOH B 2 .   ? -2.625  13.749  -9.846  1.000 35.637 0 219 HOH AAA O   1 ? 
HETATM 1287 O O   . HOH B 2 .   ? -6.141  14.594  -17.232 1.000 30.875 0 220 HOH AAA O   1 ? 
HETATM 1288 O O   . HOH B 2 .   ? -13.798 -1.225  -8.616  1.000 33.886 0 221 HOH AAA O   1 ? 
HETATM 1289 O O   . HOH B 2 .   ? -12.611 4.747   -5.050  1.000 24.013 0 222 HOH AAA O   1 ? 
HETATM 1290 O O   . HOH B 2 .   ? -6.645  -10.427 16.704  1.000 43.200 0 223 HOH AAA O   1 ? 
HETATM 1291 O O   . HOH B 2 .   ? 2.794   -8.828  -6.281  1.000 33.271 0 224 HOH AAA O   1 ? 
HETATM 1292 O O   . HOH B 2 .   ? -5.358  -24.065 9.600   1.000 42.580 0 225 HOH AAA O   1 ? 
HETATM 1293 O O   . HOH B 2 .   ? 8.878   -2.464  -0.389  1.000 33.341 0 226 HOH AAA O   1 ? 
HETATM 1294 O O   . HOH B 2 .   ? -8.415  5.051   -0.140  1.000 31.543 0 227 HOH AAA O   1 ? 
HETATM 1295 O O   . HOH B 2 .   ? -3.278  -1.563  13.030  1.000 23.328 0 228 HOH AAA O   1 ? 
HETATM 1296 O O   . HOH B 2 .   ? -1.937  -9.466  21.419  1.000 36.975 0 229 HOH AAA O   1 ? 
HETATM 1297 O O   . HOH B 2 .   ? -6.493  -6.891  -11.693 1.000 32.364 0 230 HOH AAA O   1 ? 
HETATM 1298 O O   . HOH B 2 .   ? -14.715 6.224   -3.858  1.000 38.488 0 231 HOH AAA O   1 ? 
HETATM 1299 O O   . HOH B 2 .   ? -12.024 7.390   -16.115 1.000 45.708 0 232 HOH AAA O   1 ? 
HETATM 1300 O O   . HOH B 2 .   ? -10.373 6.637   -11.913 1.000 24.442 0 233 HOH AAA O   1 ? 
HETATM 1301 O O   . HOH B 2 .   ? 9.445   -4.077  3.665   1.000 19.336 0 234 HOH AAA O   1 ? 
HETATM 1302 O O   . HOH B 2 .   ? 2.513   17.641  -3.761  1.000 28.721 0 235 HOH AAA O   1 ? 
HETATM 1303 O O   . HOH B 2 .   ? -8.708  -15.167 8.120   1.000 30.695 0 236 HOH AAA O   1 ? 
HETATM 1304 O O   . HOH B 2 .   ? -2.752  14.764  -5.229  1.000 39.322 0 237 HOH AAA O   1 ? 
HETATM 1305 O O   . HOH B 2 .   ? -3.151  -16.789 6.654   1.000 27.338 0 238 HOH AAA O   1 ? 
HETATM 1306 O O   . HOH B 2 .   ? 11.482  -6.814  6.900   1.000 33.319 0 239 HOH AAA O   1 ? 
HETATM 1307 O O   . HOH B 2 .   ? -6.964  -6.876  -8.817  1.000 29.670 0 240 HOH AAA O   1 ? 
HETATM 1308 O O   . HOH B 2 .   ? 2.480   -15.677 0.050   1.000 52.159 0 241 HOH AAA O   1 ? 
HETATM 1309 O O   . HOH B 2 .   ? 2.695   -10.502 -3.644  1.000 36.240 0 242 HOH AAA O   1 ? 
HETATM 1310 O O   . HOH B 2 .   ? 13.308  -1.308  14.407  1.000 38.129 0 243 HOH AAA O   1 ? 
HETATM 1311 O O   . HOH B 2 .   ? -4.700  0.299   -12.222 1.000 16.107 0 244 HOH AAA O   1 ? 
HETATM 1312 O O   . HOH B 2 .   ? -10.055 -5.474  -10.923 1.000 31.264 0 245 HOH AAA O   1 ? 
HETATM 1313 O O   . HOH B 2 .   ? -3.847  -5.236  -22.730 1.000 38.076 0 246 HOH AAA O   1 ? 
HETATM 1314 O O   . HOH B 2 .   ? 6.751   -7.635  -5.790  1.000 46.749 0 247 HOH AAA O   1 ? 
HETATM 1315 O O   . HOH B 2 .   ? -6.386  -6.467  21.193  1.000 43.396 0 248 HOH AAA O   1 ? 
HETATM 1316 O O   . HOH B 2 .   ? -0.346  -2.379  -19.772 1.000 54.365 0 249 HOH AAA O   1 ? 
HETATM 1317 O O   . HOH B 2 .   ? -9.434  -5.214  -8.358  1.000 25.568 0 250 HOH AAA O   1 ? 
HETATM 1318 O O   . HOH B 2 .   ? -1.896  2.409   14.515  1.000 26.537 0 251 HOH AAA O   1 ? 
HETATM 1319 O O   . HOH B 2 .   ? 10.381  -5.883  -8.179  1.000 35.982 0 252 HOH AAA O   1 ? 
HETATM 1320 O O   . HOH B 2 .   ? -9.530  10.423  -18.716 1.000 49.171 0 253 HOH AAA O   1 ? 
HETATM 1321 O O   . HOH B 2 .   ? 8.746   -4.906  -12.026 1.000 38.791 0 254 HOH AAA O   1 ? 
HETATM 1322 O O   . HOH B 2 .   ? 7.471   -14.527 9.271   1.000 42.274 0 255 HOH AAA O   1 ? 
HETATM 1323 O O   . HOH B 2 .   ? -9.686  -6.002  -15.509 1.000 29.377 0 256 HOH AAA O   1 ? 
HETATM 1324 O O   . HOH B 2 .   ? 2.062   6.726   17.637  1.000 33.817 0 257 HOH AAA O   1 ? 
HETATM 1325 O O   . HOH B 2 .   ? 1.185   -3.873  -9.278  1.000 23.181 0 258 HOH AAA O   1 ? 
HETATM 1326 O O   . HOH B 2 .   ? 6.054   -16.342 7.847   1.000 39.446 0 259 HOH AAA O   1 ? 
HETATM 1327 O O   . HOH B 2 .   ? 8.935   7.199   0.859   1.000 32.893 0 260 HOH AAA O   1 ? 
HETATM 1328 O O   . HOH B 2 .   ? -5.799  -3.669  19.744  1.000 37.260 0 261 HOH AAA O   1 ? 
HETATM 1329 O O   . HOH B 2 .   ? 12.943  10.794  -11.531 1.000 43.896 0 262 HOH AAA O   1 ? 
HETATM 1330 O O   . HOH B 2 .   ? -10.584 -3.532  -14.584 1.000 23.970 0 263 HOH AAA O   1 ? 
HETATM 1331 O O   . HOH B 2 .   ? 11.747  -2.507  -4.318  1.000 53.135 0 264 HOH AAA O   1 ? 
HETATM 1332 O O   . HOH B 2 .   ? -0.621  9.524   -8.310  1.000 26.674 0 265 HOH AAA O   1 ? 
HETATM 1333 O O   . HOH B 2 .   ? -7.660  12.335  -12.172 1.000 43.123 0 266 HOH AAA O   1 ? 
HETATM 1334 O O   . HOH B 2 .   ? -13.080 2.083   -5.225  1.000 24.432 0 267 HOH AAA O   1 ? 
HETATM 1335 O O   . HOH B 2 .   ? -10.820 8.717   -0.543  1.000 34.936 0 268 HOH AAA O   1 ? 
HETATM 1336 O O   . HOH B 2 .   ? -4.126  -20.722 6.814   1.000 28.590 0 269 HOH AAA O   1 ? 
HETATM 1337 O O   . HOH B 2 .   ? -8.675  -11.231 6.632   1.000 24.819 0 270 HOH AAA O   1 ? 
HETATM 1338 O O   . HOH B 2 .   ? 2.339   19.166  -15.638 1.000 39.797 0 271 HOH AAA O   1 ? 
HETATM 1339 O O   . HOH B 2 .   ? 3.509   8.125   2.087   1.000 33.221 0 272 HOH AAA O   1 ? 
HETATM 1340 O O   . HOH B 2 .   ? 4.199   -9.263  0.523   1.000 24.702 0 273 HOH AAA O   1 ? 
HETATM 1341 O O   . HOH B 2 .   ? 13.039  -15.999 10.639  1.000 42.514 0 274 HOH AAA O   1 ? 
HETATM 1342 O O   . HOH B 2 .   ? -4.148  -6.220  -12.217 1.000 25.900 0 275 HOH AAA O   1 ? 
HETATM 1343 O O   . HOH B 2 .   ? 7.630   -1.799  -13.862 1.000 30.288 0 276 HOH AAA O   1 ? 
HETATM 1344 O O   . HOH B 2 .   ? 7.854   -4.191  1.356   1.000 21.082 0 277 HOH AAA O   1 ? 
HETATM 1345 O O   . HOH B 2 .   ? -3.900  12.065  -6.656  1.000 38.465 0 278 HOH AAA O   1 ? 
HETATM 1346 O O   . HOH B 2 .   ? -1.229  -17.913 4.633   1.000 35.826 0 279 HOH AAA O   1 ? 
HETATM 1347 O O   . HOH B 2 .   ? 10.136  12.630  -4.965  1.000 35.701 0 280 HOH AAA O   1 ? 
HETATM 1348 O O   . HOH B 2 .   ? 7.694   13.848  -20.983 1.000 26.191 0 281 HOH AAA O   1 ? 
HETATM 1349 O O   . HOH B 2 .   ? -1.202  -10.514 -9.638  1.000 42.336 0 282 HOH AAA O   1 ? 
HETATM 1350 O O   . HOH B 2 .   ? -6.997  1.448   12.445  1.000 38.761 0 283 HOH AAA O   1 ? 
HETATM 1351 O O   . HOH B 2 .   ? -6.554  15.794  -14.799 1.000 44.124 0 284 HOH AAA O   1 ? 
HETATM 1352 O O   . HOH B 2 .   ? 11.563  -1.369  -10.778 1.000 33.700 0 285 HOH AAA O   1 ? 
HETATM 1353 O O   . HOH B 2 .   ? 10.430  0.409   0.003   1.000 40.388 0 286 HOH AAA O   1 ? 
HETATM 1354 O O   . HOH B 2 .   ? -0.162  -17.901 12.662  1.000 39.855 0 287 HOH AAA O   1 ? 
HETATM 1355 O O   . HOH B 2 .   ? 5.613   -10.399 -11.066 1.000 50.312 0 288 HOH AAA O   1 ? 
HETATM 1356 O O   . HOH B 2 .   ? -10.912 5.414   -14.240 1.000 31.525 0 289 HOH AAA O   1 ? 
HETATM 1357 O O   . HOH B 2 .   ? 14.054  16.365  -19.639 1.000 44.583 0 290 HOH AAA O   1 ? 
HETATM 1358 O O   . HOH B 2 .   ? 11.047  -13.447 8.971   1.000 33.239 0 291 HOH AAA O   1 ? 
HETATM 1359 O O   . HOH B 2 .   ? -5.408  2.332   7.942   1.000 33.590 0 292 HOH AAA O   1 ? 
HETATM 1360 O O   . HOH B 2 .   ? -3.576  2.919   -12.349 1.000 16.734 0 293 HOH AAA O   1 ? 
HETATM 1361 O O   . HOH B 2 .   ? 0.935   -4.642  -20.496 1.000 48.278 0 294 HOH AAA O   1 ? 
HETATM 1362 O O   . HOH B 2 .   ? -0.410  18.980  -17.411 1.000 37.915 0 295 HOH AAA O   1 ? 
HETATM 1363 O O   . HOH B 2 .   ? -3.603  -9.978  -2.518  1.000 33.496 0 296 HOH AAA O   1 ? 
HETATM 1364 O O   . HOH B 2 .   ? 1.765   -2.389  -11.532 1.000 23.349 0 297 HOH AAA O   1 ? 
HETATM 1365 O O   . HOH B 2 .   ? -2.833  -0.219  15.262  1.000 29.615 0 298 HOH AAA O   1 ? 
HETATM 1366 O O   . HOH B 2 .   ? -1.932  16.312  -9.542  1.000 38.435 0 299 HOH AAA O   1 ? 
HETATM 1367 O O   . HOH B 2 .   ? -0.475  -8.064  -11.158 1.000 45.201 0 300 HOH AAA O   1 ? 
HETATM 1368 O O   . HOH B 2 .   ? -6.511  -11.277 19.540  1.000 44.633 0 301 HOH AAA O   1 ? 
HETATM 1369 O O   . HOH B 2 .   ? 6.844   8.583   1.980   1.000 53.400 0 302 HOH AAA O   1 ? 
HETATM 1370 O O   . HOH B 2 .   ? -4.296  -10.456 -9.974  1.000 45.271 0 303 HOH AAA O   1 ? 
HETATM 1371 O O   . HOH B 2 .   ? -8.581  7.768   0.311   1.000 36.983 0 304 HOH AAA O   1 ? 
HETATM 1372 O O   . HOH B 2 .   ? 3.908   19.224  -13.020 1.000 50.483 0 305 HOH AAA O   1 ? 
HETATM 1373 O O   . HOH B 2 .   ? -1.270  12.275  -8.187  1.000 37.033 0 306 HOH AAA O   1 ? 
HETATM 1374 O O   . HOH B 2 .   ? 1.717   -14.885 21.387  1.000 39.075 0 307 HOH AAA O   1 ? 
HETATM 1375 O O   . HOH B 2 .   ? 4.156   -8.636  -14.514 1.000 56.573 0 308 HOH AAA O   1 ? 
HETATM 1376 O O   . HOH B 2 .   ? -3.757  -12.679 -0.661  1.000 38.585 0 309 HOH AAA O   1 ? 
HETATM 1377 O O   . HOH B 2 .   ? 12.745  2.375   0.119   1.000 52.259 0 310 HOH AAA O   1 ? 
HETATM 1378 O O   . HOH B 2 .   ? -0.595  3.186   16.793  1.000 37.683 0 311 HOH AAA O   1 ? 
HETATM 1379 O O   . HOH B 2 .   ? -10.122 -0.425  -20.232 1.000 43.195 0 312 HOH AAA O   1 ? 
HETATM 1380 O O   . HOH B 2 .   ? -0.740  -13.763 20.585  1.000 45.795 0 313 HOH AAA O   1 ? 
HETATM 1381 O O   . HOH B 2 .   ? -11.398 9.354   -12.054 1.000 40.647 0 314 HOH AAA O   1 ? 
HETATM 1382 O O   . HOH B 2 .   ? 6.323   -9.450  -0.919  1.000 44.348 0 315 HOH AAA O   1 ? 
HETATM 1383 O O   . HOH B 2 .   ? 11.374  -6.148  4.073   1.000 38.058 0 316 HOH AAA O   1 ? 
HETATM 1384 O O   . HOH B 2 .   ? -2.007  -11.937 21.518  1.000 44.875 0 317 HOH AAA O   1 ? 
HETATM 1385 O O   . HOH B 2 .   ? -15.249 0.463   -4.923  1.000 37.261 0 318 HOH AAA O   1 ? 
HETATM 1386 O O   . HOH B 2 .   ? -11.900 -6.095  -7.420  1.000 38.302 0 319 HOH AAA O   1 ? 
HETATM 1387 O O   . HOH B 2 .   ? 15.961  -1.403  -1.548  1.000 50.481 0 320 HOH AAA O   1 ? 
# 
